data_6GX9
#
_entry.id   6GX9
#
_cell.length_a   200.335
_cell.length_b   200.335
_cell.length_c   234.807
_cell.angle_alpha   90.00
_cell.angle_beta   90.00
_cell.angle_gamma   120.00
#
_symmetry.space_group_name_H-M   'P 63 2 2'
#
loop_
_entity.id
_entity.type
_entity.pdbx_description
1 polymer Transportin-3
2 polymer 'Cleavage and polyadenylation specificity factor subunit 6'
3 non-polymer 'MAGNESIUM ION'
4 non-polymer BICINE
5 non-polymer BENZAMIDINE
6 water water
#
loop_
_entity_poly.entity_id
_entity_poly.type
_entity_poly.pdbx_seq_one_letter_code
_entity_poly.pdbx_strand_id
1 'polypeptide(L)'
;MEGAKPTLQLVYQAVQALYHDPDPSGKERASFWLGELQRSVHAWEISDQLLQIRQDVESCYFAAQTMKMKIQTSFYELPT
DSHASLRDSLLTHIQNLKDLSPVIVTQLALAIADLALQMPSWKGCVQTLVEKYSNDVTSLPFLLEILTVLPEEVHSRSLR
IGANRRTEIIEDLAFYSSTVVSLLMTCVEKAGTDEKMLMKVFRCLGSWFNLGVLDSNFMANNKLLALLFEVLQQDKTSSN
LHEAASDCVCSALYAIENVETNLPLAMQLFQGVLTLETAYHMAVAREDLDKVLNYCRIFTELCETFLEKIVCTPGQGLGD
LRTLELLLICAGHPQYEVVEISFNFWYRLGEHLYKTNDEVIHGIFKAYIQRLLHALARHCQLEPDHEGVPEETDDFGEFR
MRVSDLVKDLIFLIGSMECFAQLYSTLKEGNPPWEVTEAVLFIMAAIAKSVDPENNPTLVEVLEGVVRLPETVHTAVRYT
SIELVGEMSEVVDRNPQFLDPVLGYLMKGLCEKPLASAAAKAIHNICSVCRDHMAQHFNGLLEIARSLDSFLLSPEAAVG
LLKGTALVLARLPLDKITECLSELCSVQVMALKKLLSQEPSNGISSDPTVFLDRLAVIFRHTNPIVENGQTHPCQKVIQE
IWPVLSETLNKHRADNRIVERCCRCLRFAVRCVGKGSAALLQPLVTQMVNVYHVHQHSCFLYLGSILVDEYGMEEGCRQG
LLDMLQALCIPTFQLLEQQNGLQNHPDTVDDLFRLATRFIQRSPVTLLRSQVVIPILQWAIASTTLDHRDANCSVMRFLR
DLIHTGVANDHEEDFELRKELIGQVMNQLGQQLVSQLLHTCCFCLPPYTLPDVAEVLWEIMQVDRPTFCRWLENSLKGLP
KETTVGAVTVTHKQLTDFHKQVTSAEECKQVCWALRDFTRLFR
;
A,B
2 'polypeptide(L)' ESKSYGSGSRRERSRERDHSRSREKSRRHKSRSRDRHDDYYRER(SEP)RERERHRDRDRDRDRERDREREYRH C,D
#
# COMPACT_ATOMS: atom_id res chain seq x y z
N GLU A 2 17.02 11.69 42.57
CA GLU A 2 16.48 11.46 41.24
C GLU A 2 17.56 11.63 40.17
N GLY A 3 17.15 12.12 39.01
CA GLY A 3 18.07 12.37 37.91
C GLY A 3 17.35 12.69 36.62
N ALA A 4 18.00 13.42 35.72
CA ALA A 4 17.39 13.78 34.45
C ALA A 4 17.15 12.53 33.60
N LYS A 5 15.91 12.31 33.20
CA LYS A 5 15.53 11.17 32.37
C LYS A 5 14.55 11.61 31.31
N PRO A 6 14.61 11.02 30.13
CA PRO A 6 13.56 11.27 29.13
C PRO A 6 12.23 10.71 29.61
N THR A 7 11.16 11.34 29.18
CA THR A 7 9.83 11.02 29.66
C THR A 7 9.09 10.23 28.59
N LEU A 8 8.10 9.45 29.04
CA LEU A 8 7.35 8.62 28.10
C LEU A 8 6.67 9.46 27.03
N GLN A 9 6.14 10.62 27.41
CA GLN A 9 5.52 11.50 26.42
C GLN A 9 6.52 11.88 25.33
N LEU A 10 7.76 12.16 25.72
CA LEU A 10 8.73 12.63 24.76
C LEU A 10 9.09 11.54 23.75
N VAL A 11 9.18 10.29 24.19
CA VAL A 11 9.54 9.22 23.26
C VAL A 11 8.34 8.83 22.39
N TYR A 12 7.13 8.85 22.95
CA TYR A 12 5.96 8.59 22.11
C TYR A 12 5.83 9.66 21.02
N GLN A 13 6.09 10.92 21.35
CA GLN A 13 6.10 11.95 20.33
C GLN A 13 7.24 11.75 19.34
N ALA A 14 8.36 11.20 19.79
CA ALA A 14 9.48 10.95 18.88
C ALA A 14 9.21 9.77 17.97
N VAL A 15 8.59 8.71 18.50
CA VAL A 15 8.25 7.56 17.66
C VAL A 15 7.20 7.96 16.62
N GLN A 16 6.22 8.76 17.02
CA GLN A 16 5.24 9.25 16.06
C GLN A 16 5.90 10.09 14.98
N ALA A 17 6.83 10.97 15.37
CA ALA A 17 7.54 11.77 14.37
C ALA A 17 8.41 10.92 13.47
N LEU A 18 8.86 9.77 13.96
CA LEU A 18 9.70 8.90 13.13
C LEU A 18 8.95 8.38 11.91
N TYR A 19 7.64 8.17 12.04
CA TYR A 19 6.83 7.60 10.97
C TYR A 19 5.90 8.60 10.32
N HIS A 20 5.44 9.63 11.03
CA HIS A 20 4.34 10.46 10.57
C HIS A 20 4.66 11.95 10.64
N ASP A 21 5.94 12.32 10.51
CA ASP A 21 6.24 13.75 10.55
C ASP A 21 6.12 14.33 9.14
N PRO A 22 5.36 15.41 8.95
CA PRO A 22 5.24 15.98 7.60
C PRO A 22 6.56 16.51 7.06
N ASP A 23 7.38 17.09 7.91
CA ASP A 23 8.72 17.52 7.49
C ASP A 23 9.60 16.29 7.33
N PRO A 24 10.11 16.01 6.12
CA PRO A 24 10.98 14.83 5.95
C PRO A 24 12.26 14.90 6.77
N SER A 25 12.76 16.10 7.05
CA SER A 25 13.90 16.25 7.95
C SER A 25 13.49 16.14 9.41
N GLY A 26 12.19 16.20 9.71
CA GLY A 26 11.75 16.03 11.08
C GLY A 26 11.78 14.61 11.56
N LYS A 27 11.65 13.65 10.64
CA LYS A 27 11.71 12.25 11.03
C LYS A 27 13.14 11.71 11.06
N GLU A 28 14.04 12.28 10.27
CA GLU A 28 15.45 11.94 10.46
C GLU A 28 16.00 12.60 11.72
N ARG A 29 15.44 13.75 12.10
CA ARG A 29 15.80 14.36 13.38
C ARG A 29 15.30 13.52 14.55
N ALA A 30 14.13 12.88 14.39
CA ALA A 30 13.64 11.96 15.40
C ALA A 30 14.39 10.64 15.38
N SER A 31 14.82 10.19 14.19
CA SER A 31 15.59 8.95 14.11
C SER A 31 16.93 9.08 14.84
N PHE A 32 17.59 10.22 14.71
CA PHE A 32 18.86 10.42 15.39
C PHE A 32 18.69 10.38 16.91
N TRP A 33 17.67 11.06 17.43
CA TRP A 33 17.48 11.10 18.88
C TRP A 33 17.08 9.74 19.42
N LEU A 34 16.19 9.03 18.71
CA LEU A 34 15.82 7.68 19.13
C LEU A 34 17.03 6.75 19.11
N GLY A 35 17.93 6.93 18.17
CA GLY A 35 19.17 6.16 18.18
C GLY A 35 20.03 6.47 19.39
N GLU A 36 20.09 7.76 19.77
CA GLU A 36 20.80 8.13 20.99
C GLU A 36 20.13 7.52 22.21
N LEU A 37 18.81 7.42 22.20
CA LEU A 37 18.10 6.80 23.31
C LEU A 37 18.45 5.33 23.43
N GLN A 38 18.55 4.62 22.30
CA GLN A 38 18.83 3.19 22.32
C GLN A 38 20.20 2.90 22.89
N ARG A 39 21.16 3.80 22.72
CA ARG A 39 22.52 3.60 23.20
C ARG A 39 22.73 4.14 24.60
N SER A 40 21.66 4.53 25.30
CA SER A 40 21.74 5.10 26.63
C SER A 40 21.20 4.14 27.68
N VAL A 41 21.48 4.46 28.94
CA VAL A 41 20.99 3.67 30.05
C VAL A 41 19.48 3.82 30.22
N HIS A 42 18.90 4.88 29.64
CA HIS A 42 17.45 5.09 29.77
C HIS A 42 16.65 4.08 28.96
N ALA A 43 17.28 3.39 28.01
CA ALA A 43 16.53 2.53 27.09
C ALA A 43 15.95 1.31 27.78
N TRP A 44 16.57 0.86 28.88
CA TRP A 44 16.06 -0.32 29.58
C TRP A 44 14.64 -0.10 30.07
N GLU A 45 14.42 0.97 30.84
CA GLU A 45 13.10 1.20 31.44
C GLU A 45 12.10 1.68 30.40
N ILE A 46 12.53 2.52 29.46
CA ILE A 46 11.62 3.03 28.44
C ILE A 46 11.07 1.89 27.58
N SER A 47 11.93 0.94 27.21
CA SER A 47 11.46 -0.19 26.40
C SER A 47 10.48 -1.05 27.19
N ASP A 48 10.76 -1.31 28.45
CA ASP A 48 9.86 -2.11 29.27
C ASP A 48 8.48 -1.46 29.36
N GLN A 49 8.45 -0.15 29.60
CA GLN A 49 7.17 0.53 29.79
C GLN A 49 6.40 0.64 28.48
N LEU A 50 7.11 0.85 27.37
CA LEU A 50 6.43 0.87 26.07
C LEU A 50 5.82 -0.49 25.75
N LEU A 51 6.49 -1.57 26.14
CA LEU A 51 5.94 -2.90 25.92
C LEU A 51 4.80 -3.23 26.89
N GLN A 52 4.78 -2.60 28.07
CA GLN A 52 3.69 -2.81 29.00
C GLN A 52 2.45 -2.01 28.61
N ILE A 53 2.64 -0.81 28.04
CA ILE A 53 1.50 0.02 27.67
C ILE A 53 0.78 -0.54 26.46
N ARG A 54 1.54 -1.05 25.47
CA ARG A 54 0.98 -1.66 24.26
C ARG A 54 0.08 -0.68 23.52
N GLN A 55 0.60 0.52 23.24
CA GLN A 55 -0.23 1.55 22.64
C GLN A 55 -0.49 1.26 21.17
N ASP A 56 0.55 0.97 20.40
CA ASP A 56 0.41 0.74 18.96
C ASP A 56 1.56 -0.15 18.50
N VAL A 57 1.59 -0.40 17.19
CA VAL A 57 2.61 -1.28 16.62
C VAL A 57 3.95 -0.58 16.51
N GLU A 58 3.95 0.71 16.20
CA GLU A 58 5.21 1.43 16.03
C GLU A 58 5.98 1.53 17.34
N SER A 59 5.31 1.91 18.42
CA SER A 59 6.00 2.04 19.70
C SER A 59 6.45 0.67 20.22
N CYS A 60 5.63 -0.36 20.02
CA CYS A 60 5.99 -1.68 20.51
C CYS A 60 7.14 -2.27 19.72
N TYR A 61 7.20 -1.99 18.40
CA TYR A 61 8.32 -2.48 17.61
C TYR A 61 9.61 -1.79 17.99
N PHE A 62 9.55 -0.47 18.19
CA PHE A 62 10.74 0.26 18.62
C PHE A 62 11.24 -0.24 19.97
N ALA A 63 10.32 -0.51 20.90
CA ALA A 63 10.73 -1.00 22.21
C ALA A 63 11.31 -2.40 22.12
N ALA A 64 10.69 -3.27 21.31
CA ALA A 64 11.19 -4.64 21.18
C ALA A 64 12.56 -4.66 20.54
N GLN A 65 12.76 -3.87 19.47
CA GLN A 65 14.08 -3.78 18.85
C GLN A 65 15.11 -3.20 19.82
N THR A 66 14.72 -2.18 20.58
CA THR A 66 15.64 -1.56 21.54
C THR A 66 16.03 -2.55 22.63
N MET A 67 15.07 -3.31 23.15
CA MET A 67 15.39 -4.36 24.12
C MET A 67 16.38 -5.36 23.54
N LYS A 68 16.17 -5.78 22.30
CA LYS A 68 17.09 -6.72 21.66
C LYS A 68 18.49 -6.14 21.57
N MET A 69 18.61 -4.90 21.09
CA MET A 69 19.92 -4.28 20.92
C MET A 69 20.64 -4.11 22.25
N LYS A 70 19.91 -3.73 23.30
CA LYS A 70 20.57 -3.53 24.58
C LYS A 70 21.04 -4.85 25.17
N ILE A 71 20.30 -5.94 24.95
CA ILE A 71 20.70 -7.22 25.49
C ILE A 71 21.92 -7.76 24.77
N GLN A 72 22.05 -7.49 23.47
CA GLN A 72 23.17 -8.04 22.72
C GLN A 72 24.40 -7.15 22.71
N THR A 73 24.25 -5.84 22.95
CA THR A 73 25.41 -4.95 22.95
C THR A 73 25.77 -4.41 24.33
N SER A 74 24.82 -4.35 25.26
CA SER A 74 25.04 -3.67 26.54
C SER A 74 24.54 -4.50 27.71
N PHE A 75 24.74 -5.82 27.64
CA PHE A 75 24.25 -6.69 28.70
C PHE A 75 25.00 -6.48 30.01
N TYR A 76 26.22 -5.96 29.98
CA TYR A 76 26.98 -5.68 31.20
C TYR A 76 26.33 -4.60 32.05
N GLU A 77 25.50 -3.73 31.45
CA GLU A 77 24.85 -2.67 32.21
C GLU A 77 23.85 -3.21 33.22
N LEU A 78 23.34 -4.41 33.01
CA LEU A 78 22.38 -5.01 33.93
C LEU A 78 23.10 -5.60 35.13
N PRO A 79 22.66 -5.29 36.35
CA PRO A 79 23.14 -6.05 37.50
C PRO A 79 22.62 -7.48 37.45
N THR A 80 23.47 -8.43 37.83
CA THR A 80 23.10 -9.84 37.76
C THR A 80 21.87 -10.14 38.61
N ASP A 81 21.62 -9.32 39.64
CA ASP A 81 20.43 -9.52 40.47
C ASP A 81 19.14 -9.36 39.67
N SER A 82 19.18 -8.59 38.58
CA SER A 82 17.98 -8.27 37.81
C SER A 82 17.84 -9.11 36.55
N HIS A 83 18.67 -10.15 36.37
CA HIS A 83 18.57 -10.97 35.16
C HIS A 83 17.25 -11.72 35.11
N ALA A 84 16.84 -12.34 36.22
CA ALA A 84 15.60 -13.11 36.23
C ALA A 84 14.38 -12.22 36.03
N SER A 85 14.42 -10.98 36.53
CA SER A 85 13.28 -10.09 36.33
C SER A 85 13.13 -9.72 34.86
N LEU A 86 14.24 -9.53 34.16
CA LEU A 86 14.17 -9.19 32.74
C LEU A 86 13.63 -10.35 31.91
N ARG A 87 14.04 -11.57 32.26
CA ARG A 87 13.54 -12.74 31.54
C ARG A 87 12.03 -12.87 31.69
N ASP A 88 11.53 -12.74 32.92
CA ASP A 88 10.09 -12.85 33.15
C ASP A 88 9.33 -11.73 32.44
N SER A 89 9.91 -10.53 32.41
CA SER A 89 9.29 -9.42 31.68
C SER A 89 9.20 -9.73 30.19
N LEU A 90 10.30 -10.22 29.61
CA LEU A 90 10.30 -10.52 28.18
C LEU A 90 9.31 -11.64 27.86
N LEU A 91 9.29 -12.68 28.68
CA LEU A 91 8.32 -13.75 28.47
C LEU A 91 6.89 -13.24 28.60
N THR A 92 6.66 -12.31 29.53
CA THR A 92 5.34 -11.69 29.66
C THR A 92 5.02 -10.85 28.43
N HIS A 93 6.00 -10.10 27.92
CA HIS A 93 5.75 -9.22 26.79
C HIS A 93 5.40 -9.99 25.53
N ILE A 94 6.08 -11.12 25.28
CA ILE A 94 5.82 -11.86 24.06
C ILE A 94 4.48 -12.58 24.14
N GLN A 95 4.04 -12.91 25.35
CA GLN A 95 2.70 -13.48 25.51
C GLN A 95 1.62 -12.45 25.16
N ASN A 96 1.76 -11.23 25.67
CA ASN A 96 0.75 -10.21 25.45
C ASN A 96 0.75 -9.71 24.00
N LEU A 97 1.90 -9.71 23.34
CA LEU A 97 2.02 -9.14 22.00
C LEU A 97 2.13 -10.20 20.92
N LYS A 98 1.76 -11.45 21.22
CA LYS A 98 1.93 -12.54 20.26
C LYS A 98 1.06 -12.37 19.03
N ASP A 99 -0.05 -11.64 19.15
CA ASP A 99 -0.96 -11.44 18.03
C ASP A 99 -0.94 -10.02 17.49
N LEU A 100 -0.12 -9.13 18.06
CA LEU A 100 -0.09 -7.75 17.60
C LEU A 100 0.59 -7.65 16.24
N SER A 101 1.78 -8.23 16.10
CA SER A 101 2.50 -8.20 14.83
C SER A 101 3.59 -9.26 14.86
N PRO A 102 3.77 -10.02 13.78
CA PRO A 102 4.86 -11.02 13.77
C PRO A 102 6.23 -10.39 13.81
N VAL A 103 6.41 -9.20 13.23
CA VAL A 103 7.74 -8.57 13.24
C VAL A 103 8.12 -8.16 14.66
N ILE A 104 7.14 -7.87 15.51
CA ILE A 104 7.44 -7.57 16.91
C ILE A 104 7.81 -8.85 17.66
N VAL A 105 7.16 -9.96 17.30
CA VAL A 105 7.42 -11.22 18.01
C VAL A 105 8.84 -11.68 17.78
N THR A 106 9.37 -11.52 16.56
CA THR A 106 10.73 -11.95 16.27
C THR A 106 11.73 -11.14 17.09
N GLN A 107 11.53 -9.82 17.20
CA GLN A 107 12.43 -9.01 18.01
C GLN A 107 12.42 -9.47 19.46
N LEU A 108 11.23 -9.73 20.02
CA LEU A 108 11.15 -10.23 21.39
C LEU A 108 11.76 -11.62 21.50
N ALA A 109 11.54 -12.47 20.48
CA ALA A 109 12.17 -13.78 20.47
C ALA A 109 13.69 -13.66 20.40
N LEU A 110 14.19 -12.76 19.56
CA LEU A 110 15.63 -12.54 19.50
C LEU A 110 16.16 -12.02 20.83
N ALA A 111 15.39 -11.18 21.52
CA ALA A 111 15.81 -10.71 22.83
C ALA A 111 15.86 -11.85 23.84
N ILE A 112 14.84 -12.71 23.84
CA ILE A 112 14.82 -13.85 24.76
C ILE A 112 15.97 -14.80 24.45
N ALA A 113 16.25 -15.02 23.16
CA ALA A 113 17.34 -15.91 22.79
C ALA A 113 18.68 -15.33 23.23
N ASP A 114 18.94 -14.06 22.90
CA ASP A 114 20.19 -13.43 23.29
C ASP A 114 20.34 -13.36 24.82
N LEU A 115 19.23 -13.20 25.54
CA LEU A 115 19.30 -13.18 26.99
C LEU A 115 19.71 -14.55 27.53
N ALA A 116 19.11 -15.62 27.00
CA ALA A 116 19.44 -16.96 27.47
C ALA A 116 20.92 -17.28 27.22
N LEU A 117 21.44 -16.91 26.04
CA LEU A 117 22.82 -17.21 25.71
C LEU A 117 23.81 -16.52 26.63
N GLN A 118 23.43 -15.42 27.25
CA GLN A 118 24.30 -14.68 28.15
C GLN A 118 23.94 -14.89 29.61
N MET A 119 22.99 -15.77 29.92
CA MET A 119 22.53 -16.02 31.28
C MET A 119 22.71 -17.51 31.58
N PRO A 120 23.90 -17.92 32.05
CA PRO A 120 24.10 -19.34 32.37
C PRO A 120 23.23 -19.84 33.52
N SER A 121 22.74 -18.95 34.38
CA SER A 121 21.87 -19.36 35.47
C SER A 121 20.52 -19.90 34.96
N TRP A 122 20.14 -19.55 33.73
CA TRP A 122 18.93 -20.10 33.12
C TRP A 122 19.27 -21.46 32.51
N LYS A 123 19.45 -22.45 33.39
CA LYS A 123 19.84 -23.78 32.97
C LYS A 123 18.66 -24.51 32.34
N GLY A 124 18.92 -25.17 31.21
CA GLY A 124 17.88 -25.90 30.50
C GLY A 124 16.75 -25.00 30.05
N CYS A 125 17.08 -23.87 29.42
CA CYS A 125 16.06 -22.90 29.04
C CYS A 125 15.09 -23.50 28.02
N VAL A 126 15.59 -24.33 27.11
CA VAL A 126 14.71 -24.95 26.11
C VAL A 126 13.67 -25.82 26.81
N GLN A 127 14.08 -26.56 27.83
CA GLN A 127 13.15 -27.42 28.56
C GLN A 127 12.09 -26.60 29.27
N THR A 128 12.51 -25.55 29.99
CA THR A 128 11.56 -24.71 30.72
C THR A 128 10.58 -24.03 29.76
N LEU A 129 11.06 -23.63 28.58
CA LEU A 129 10.19 -22.93 27.64
C LEU A 129 9.14 -23.86 27.04
N VAL A 130 9.53 -25.09 26.69
CA VAL A 130 8.59 -25.96 26.00
C VAL A 130 7.53 -26.49 26.97
N GLU A 131 7.94 -26.90 28.17
CA GLU A 131 6.97 -27.41 29.13
C GLU A 131 6.21 -26.31 29.85
N LYS A 132 6.30 -25.07 29.34
CA LYS A 132 5.49 -23.96 29.82
C LYS A 132 4.52 -23.45 28.76
N TYR A 133 4.81 -23.64 27.47
CA TYR A 133 3.98 -23.11 26.42
C TYR A 133 3.50 -24.14 25.40
N SER A 134 3.94 -25.40 25.49
CA SER A 134 3.56 -26.38 24.47
C SER A 134 2.09 -26.78 24.55
N ASN A 135 1.46 -26.65 25.72
CA ASN A 135 0.08 -27.06 25.88
C ASN A 135 -0.91 -26.01 25.40
N ASP A 136 -0.47 -24.78 25.18
CA ASP A 136 -1.33 -23.71 24.67
C ASP A 136 -1.09 -23.58 23.17
N VAL A 137 -2.13 -23.88 22.37
CA VAL A 137 -1.99 -23.86 20.92
C VAL A 137 -1.74 -22.43 20.43
N THR A 138 -2.19 -21.42 21.17
CA THR A 138 -1.95 -20.04 20.78
C THR A 138 -0.54 -19.57 21.13
N SER A 139 0.17 -20.30 21.98
CA SER A 139 1.55 -19.97 22.34
C SER A 139 2.57 -20.69 21.49
N LEU A 140 2.15 -21.66 20.68
CA LEU A 140 3.09 -22.41 19.85
C LEU A 140 3.78 -21.56 18.80
N PRO A 141 3.10 -20.65 18.09
CA PRO A 141 3.83 -19.83 17.08
C PRO A 141 5.04 -19.09 17.64
N PHE A 142 4.92 -18.42 18.79
CA PHE A 142 6.08 -17.71 19.30
C PHE A 142 7.05 -18.63 20.02
N LEU A 143 6.59 -19.78 20.50
CA LEU A 143 7.51 -20.76 21.06
C LEU A 143 8.44 -21.30 19.99
N LEU A 144 7.91 -21.56 18.79
CA LEU A 144 8.76 -22.02 17.69
C LEU A 144 9.71 -20.93 17.24
N GLU A 145 9.25 -19.67 17.24
CA GLU A 145 10.13 -18.56 16.87
C GLU A 145 11.33 -18.48 17.79
N ILE A 146 11.11 -18.62 19.10
CA ILE A 146 12.23 -18.60 20.05
C ILE A 146 13.16 -19.76 19.78
N LEU A 147 12.60 -20.95 19.57
CA LEU A 147 13.41 -22.14 19.32
C LEU A 147 14.04 -22.12 17.93
N THR A 148 13.55 -21.26 17.03
CA THR A 148 14.17 -21.14 15.71
C THR A 148 15.36 -20.19 15.75
N VAL A 149 15.20 -19.01 16.36
CA VAL A 149 16.27 -18.02 16.35
C VAL A 149 17.34 -18.31 17.40
N LEU A 150 17.04 -19.12 18.41
CA LEU A 150 18.05 -19.44 19.42
C LEU A 150 19.26 -20.14 18.81
N PRO A 151 19.12 -21.19 17.99
CA PRO A 151 20.33 -21.75 17.36
C PRO A 151 21.00 -20.80 16.40
N GLU A 152 20.22 -19.93 15.74
CA GLU A 152 20.83 -18.94 14.84
C GLU A 152 21.73 -17.98 15.61
N GLU A 153 21.32 -17.59 16.82
CA GLU A 153 22.08 -16.62 17.60
C GLU A 153 23.27 -17.23 18.32
N VAL A 154 23.42 -18.55 18.30
CA VAL A 154 24.59 -19.18 18.92
C VAL A 154 25.86 -18.74 18.21
N HIS A 155 25.79 -18.55 16.89
CA HIS A 155 26.93 -18.14 16.10
C HIS A 155 26.81 -16.69 15.62
N SER A 156 25.98 -15.89 16.29
CA SER A 156 25.81 -14.49 15.91
C SER A 156 27.10 -13.72 16.16
N ARG A 157 27.62 -13.06 15.11
CA ARG A 157 28.82 -12.26 15.27
C ARG A 157 28.59 -11.06 16.17
N SER A 158 27.34 -10.59 16.26
CA SER A 158 26.98 -9.43 17.06
C SER A 158 26.79 -9.75 18.54
N LEU A 159 27.26 -10.90 19.01
CA LEU A 159 27.08 -11.30 20.40
C LEU A 159 28.39 -11.48 21.15
N ARG A 160 29.42 -12.03 20.49
CA ARG A 160 30.76 -12.13 21.05
C ARG A 160 30.79 -12.95 22.36
N ILE A 161 30.12 -14.09 22.33
CA ILE A 161 30.26 -15.06 23.42
C ILE A 161 31.53 -15.86 23.18
N GLY A 162 32.13 -16.35 24.26
CA GLY A 162 33.37 -17.09 24.13
C GLY A 162 33.19 -18.41 23.40
N ALA A 163 34.31 -18.93 22.89
CA ALA A 163 34.28 -20.24 22.25
C ALA A 163 34.01 -21.35 23.26
N ASN A 164 34.48 -21.19 24.50
CA ASN A 164 34.18 -22.19 25.53
C ASN A 164 32.71 -22.15 25.93
N ARG A 165 32.16 -20.94 26.10
CA ARG A 165 30.74 -20.81 26.39
C ARG A 165 29.90 -21.35 25.24
N ARG A 166 30.30 -21.04 24.01
CA ARG A 166 29.54 -21.52 22.86
C ARG A 166 29.54 -23.03 22.77
N THR A 167 30.61 -23.68 23.21
CA THR A 167 30.63 -25.14 23.26
C THR A 167 29.69 -25.66 24.34
N GLU A 168 29.64 -24.99 25.49
CA GLU A 168 28.67 -25.35 26.51
C GLU A 168 27.25 -25.22 25.98
N ILE A 169 26.96 -24.12 25.29
CA ILE A 169 25.61 -23.91 24.75
C ILE A 169 25.24 -25.02 23.78
N ILE A 170 26.15 -25.33 22.85
CA ILE A 170 25.82 -26.27 21.78
C ILE A 170 25.58 -27.67 22.33
N GLU A 171 26.41 -28.10 23.29
CA GLU A 171 26.20 -29.42 23.87
C GLU A 171 25.02 -29.43 24.84
N ASP A 172 24.60 -28.27 25.33
CA ASP A 172 23.38 -28.22 26.15
C ASP A 172 22.14 -28.22 25.27
N LEU A 173 22.20 -27.54 24.12
CA LEU A 173 21.09 -27.58 23.18
C LEU A 173 20.94 -28.96 22.56
N ALA A 174 22.05 -29.65 22.32
CA ALA A 174 21.99 -31.01 21.79
C ALA A 174 21.35 -31.96 22.80
N PHE A 175 21.57 -31.73 24.09
CA PHE A 175 20.99 -32.58 25.12
C PHE A 175 19.47 -32.50 25.11
N TYR A 176 18.90 -31.36 24.72
CA TYR A 176 17.46 -31.17 24.67
C TYR A 176 16.90 -31.24 23.25
N SER A 177 17.70 -31.70 22.29
CA SER A 177 17.20 -31.78 20.92
C SER A 177 16.06 -32.76 20.78
N SER A 178 16.00 -33.78 21.64
CA SER A 178 14.90 -34.75 21.59
C SER A 178 13.58 -34.07 21.90
N THR A 179 13.56 -33.14 22.85
CA THR A 179 12.31 -32.52 23.25
C THR A 179 11.81 -31.51 22.21
N VAL A 180 12.73 -30.83 21.51
CA VAL A 180 12.29 -29.89 20.49
C VAL A 180 11.78 -30.64 19.26
N VAL A 181 12.40 -31.78 18.94
CA VAL A 181 11.89 -32.62 17.86
C VAL A 181 10.52 -33.19 18.23
N SER A 182 10.36 -33.60 19.50
CA SER A 182 9.06 -34.08 19.95
C SER A 182 8.02 -32.98 19.94
N LEU A 183 8.42 -31.73 20.22
CA LEU A 183 7.51 -30.60 20.12
C LEU A 183 7.07 -30.37 18.68
N LEU A 184 8.01 -30.51 17.73
CA LEU A 184 7.67 -30.30 16.32
C LEU A 184 6.66 -31.32 15.84
N MET A 185 6.78 -32.57 16.33
CA MET A 185 5.80 -33.59 15.95
C MET A 185 4.43 -33.28 16.52
N THR A 186 4.38 -32.75 17.73
CA THR A 186 3.09 -32.29 18.28
C THR A 186 2.56 -31.10 17.49
N CYS A 187 3.45 -30.22 17.02
CA CYS A 187 3.00 -29.05 16.27
C CYS A 187 2.43 -29.41 14.90
N VAL A 188 2.69 -30.61 14.40
CA VAL A 188 2.08 -31.05 13.14
C VAL A 188 0.88 -31.97 13.38
N GLU A 189 0.75 -32.55 14.57
CA GLU A 189 -0.48 -33.25 14.93
C GLU A 189 -1.58 -32.24 15.24
N LYS A 190 -1.27 -31.25 16.08
CA LYS A 190 -2.17 -30.13 16.28
C LYS A 190 -1.99 -29.12 15.15
N ALA A 191 -3.09 -28.76 14.50
CA ALA A 191 -3.09 -27.73 13.44
C ALA A 191 -2.06 -28.04 12.35
N GLY A 192 -1.97 -29.32 11.97
CA GLY A 192 -1.05 -29.70 10.91
C GLY A 192 -1.52 -29.33 9.51
N THR A 193 -2.77 -28.90 9.37
CA THR A 193 -3.26 -28.40 8.10
C THR A 193 -3.00 -26.93 7.91
N ASP A 194 -2.71 -26.20 8.99
CA ASP A 194 -2.36 -24.80 8.89
C ASP A 194 -1.03 -24.66 8.16
N GLU A 195 -1.06 -24.04 6.98
CA GLU A 195 0.17 -23.88 6.21
C GLU A 195 1.18 -23.03 6.97
N LYS A 196 0.71 -22.01 7.69
CA LYS A 196 1.63 -21.17 8.46
C LYS A 196 2.26 -21.94 9.61
N MET A 197 1.57 -22.96 10.13
CA MET A 197 2.14 -23.75 11.22
C MET A 197 3.24 -24.67 10.71
N LEU A 198 3.03 -25.30 9.55
CA LEU A 198 4.06 -26.17 8.99
C LEU A 198 5.32 -25.38 8.63
N MET A 199 5.15 -24.16 8.15
CA MET A 199 6.31 -23.31 7.83
C MET A 199 7.16 -23.08 9.08
N LYS A 200 6.50 -22.81 10.21
CA LYS A 200 7.24 -22.61 11.45
C LYS A 200 7.92 -23.89 11.92
N VAL A 201 7.26 -25.04 11.71
CA VAL A 201 7.87 -26.31 12.06
C VAL A 201 9.10 -26.57 11.19
N PHE A 202 9.00 -26.26 9.89
CA PHE A 202 10.10 -26.51 8.97
C PHE A 202 11.27 -25.58 9.25
N ARG A 203 10.99 -24.29 9.46
CA ARG A 203 12.08 -23.35 9.75
C ARG A 203 12.80 -23.70 11.04
N CYS A 204 12.05 -24.20 12.04
CA CYS A 204 12.68 -24.59 13.29
C CYS A 204 13.50 -25.86 13.13
N LEU A 205 12.99 -26.82 12.34
CA LEU A 205 13.74 -28.03 12.09
C LEU A 205 15.04 -27.74 11.36
N GLY A 206 14.97 -26.95 10.28
CA GLY A 206 16.18 -26.60 9.55
C GLY A 206 17.17 -25.82 10.39
N SER A 207 16.69 -24.97 11.29
CA SER A 207 17.59 -24.22 12.16
C SER A 207 18.35 -25.15 13.09
N TRP A 208 17.67 -26.18 13.61
CA TRP A 208 18.35 -27.13 14.47
C TRP A 208 19.24 -28.08 13.68
N PHE A 209 18.92 -28.30 12.40
CA PHE A 209 19.85 -29.03 11.53
C PHE A 209 21.13 -28.23 11.30
N ASN A 210 21.00 -26.92 11.04
CA ASN A 210 22.16 -26.09 10.77
C ASN A 210 23.11 -26.05 11.97
N LEU A 211 22.56 -26.03 13.18
CA LEU A 211 23.40 -26.04 14.38
C LEU A 211 24.17 -27.34 14.53
N GLY A 212 23.74 -28.40 13.84
CA GLY A 212 24.46 -29.67 13.88
C GLY A 212 24.26 -30.46 15.15
N VAL A 213 23.10 -30.35 15.78
CA VAL A 213 22.85 -31.01 17.07
C VAL A 213 21.78 -32.08 16.99
N LEU A 214 21.12 -32.25 15.85
CA LEU A 214 20.08 -33.26 15.73
C LEU A 214 20.68 -34.65 15.57
N ASP A 215 19.99 -35.64 16.16
CA ASP A 215 20.40 -37.04 16.04
C ASP A 215 20.18 -37.51 14.61
N SER A 216 21.25 -38.01 13.98
CA SER A 216 21.15 -38.41 12.58
C SER A 216 20.25 -39.64 12.42
N ASN A 217 20.53 -40.69 13.20
CA ASN A 217 19.75 -41.93 13.08
C ASN A 217 18.31 -41.76 13.54
N PHE A 218 18.07 -40.88 14.51
CA PHE A 218 16.70 -40.65 14.97
C PHE A 218 15.89 -39.87 13.94
N MET A 219 16.52 -38.90 13.27
CA MET A 219 15.82 -38.16 12.24
C MET A 219 15.62 -38.97 10.97
N ALA A 220 16.45 -39.99 10.75
CA ALA A 220 16.31 -40.83 9.57
C ALA A 220 14.97 -41.54 9.56
N ASN A 221 14.55 -42.10 10.69
CA ASN A 221 13.27 -42.77 10.81
C ASN A 221 12.28 -41.88 11.58
N ASN A 222 12.01 -40.71 11.01
CA ASN A 222 11.15 -39.72 11.66
C ASN A 222 10.15 -39.17 10.65
N LYS A 223 8.90 -39.04 11.08
CA LYS A 223 7.82 -38.62 10.19
C LYS A 223 7.95 -37.17 9.73
N LEU A 224 8.70 -36.34 10.45
CA LEU A 224 8.93 -34.97 10.00
C LEU A 224 9.62 -34.96 8.65
N LEU A 225 10.58 -35.87 8.44
CA LEU A 225 11.28 -35.95 7.16
C LEU A 225 10.36 -36.47 6.07
N ALA A 226 9.48 -37.42 6.40
CA ALA A 226 8.51 -37.91 5.43
C ALA A 226 7.52 -36.82 5.04
N LEU A 227 7.00 -36.08 6.03
CA LEU A 227 6.11 -34.96 5.73
C LEU A 227 6.83 -33.90 4.91
N LEU A 228 8.14 -33.73 5.12
CA LEU A 228 8.91 -32.76 4.37
C LEU A 228 8.87 -33.07 2.87
N PHE A 229 9.14 -34.33 2.50
CA PHE A 229 9.07 -34.72 1.10
C PHE A 229 7.64 -34.89 0.62
N GLU A 230 6.68 -35.10 1.53
CA GLU A 230 5.29 -35.22 1.11
C GLU A 230 4.77 -33.90 0.56
N VAL A 231 5.08 -32.78 1.22
CA VAL A 231 4.58 -31.49 0.75
C VAL A 231 5.34 -31.04 -0.50
N LEU A 232 6.60 -31.47 -0.66
CA LEU A 232 7.35 -31.14 -1.85
C LEU A 232 6.91 -31.94 -3.06
N GLN A 233 6.04 -32.94 -2.88
CA GLN A 233 5.46 -33.68 -3.99
C GLN A 233 4.14 -33.11 -4.47
N GLN A 234 3.37 -32.52 -3.55
CA GLN A 234 2.01 -32.07 -3.86
C GLN A 234 2.03 -30.76 -4.66
N ASP A 235 1.17 -30.70 -5.67
CA ASP A 235 1.07 -29.51 -6.51
C ASP A 235 0.39 -28.36 -5.79
N LYS A 236 -0.50 -28.66 -4.84
CA LYS A 236 -1.31 -27.63 -4.20
C LYS A 236 -0.53 -26.77 -3.22
N THR A 237 0.70 -27.15 -2.86
CA THR A 237 1.45 -26.39 -1.86
C THR A 237 1.85 -25.03 -2.41
N SER A 238 1.72 -24.00 -1.57
CA SER A 238 1.97 -22.63 -1.97
C SER A 238 3.47 -22.35 -2.05
N SER A 239 3.80 -21.16 -2.58
CA SER A 239 5.20 -20.78 -2.72
C SER A 239 5.87 -20.61 -1.37
N ASN A 240 5.14 -20.15 -0.35
CA ASN A 240 5.74 -19.95 0.96
C ASN A 240 6.09 -21.27 1.62
N LEU A 241 5.14 -22.20 1.67
CA LEU A 241 5.42 -23.51 2.25
C LEU A 241 6.47 -24.28 1.45
N HIS A 242 6.47 -24.09 0.13
CA HIS A 242 7.47 -24.75 -0.71
C HIS A 242 8.87 -24.30 -0.34
N GLU A 243 9.06 -22.99 -0.19
CA GLU A 243 10.38 -22.47 0.17
C GLU A 243 10.80 -22.93 1.56
N ALA A 244 9.85 -23.02 2.48
CA ALA A 244 10.17 -23.47 3.83
C ALA A 244 10.61 -24.93 3.84
N ALA A 245 9.94 -25.77 3.04
CA ALA A 245 10.32 -27.18 2.98
C ALA A 245 11.62 -27.36 2.21
N SER A 246 11.81 -26.58 1.14
CA SER A 246 13.05 -26.68 0.37
C SER A 246 14.26 -26.31 1.22
N ASP A 247 14.16 -25.24 2.00
CA ASP A 247 15.27 -24.83 2.85
C ASP A 247 15.59 -25.89 3.88
N CYS A 248 14.56 -26.56 4.42
CA CYS A 248 14.79 -27.55 5.46
C CYS A 248 15.47 -28.80 4.91
N VAL A 249 15.09 -29.23 3.70
CA VAL A 249 15.76 -30.37 3.07
C VAL A 249 17.22 -30.02 2.79
N CYS A 250 17.47 -28.82 2.27
CA CYS A 250 18.85 -28.40 2.05
C CYS A 250 19.61 -28.31 3.36
N SER A 251 18.95 -27.91 4.45
CA SER A 251 19.60 -27.89 5.75
C SER A 251 19.95 -29.29 6.22
N ALA A 252 19.04 -30.26 6.01
CA ALA A 252 19.32 -31.64 6.39
C ALA A 252 20.45 -32.22 5.57
N LEU A 253 20.47 -31.94 4.27
CA LEU A 253 21.56 -32.44 3.42
C LEU A 253 22.88 -31.80 3.81
N TYR A 254 22.89 -30.48 4.01
CA TYR A 254 24.13 -29.79 4.38
C TYR A 254 24.62 -30.21 5.75
N ALA A 255 23.72 -30.66 6.63
CA ALA A 255 24.11 -31.10 7.96
C ALA A 255 24.88 -32.42 7.93
N ILE A 256 24.91 -33.12 6.80
CA ILE A 256 25.66 -34.37 6.67
C ILE A 256 27.04 -33.97 6.15
N GLU A 257 27.98 -33.78 7.06
CA GLU A 257 29.36 -33.46 6.68
C GLU A 257 30.17 -34.70 6.33
N ASN A 258 29.77 -35.86 6.85
CA ASN A 258 30.43 -37.14 6.56
C ASN A 258 29.34 -38.16 6.27
N VAL A 259 29.40 -38.77 5.07
CA VAL A 259 28.28 -39.60 4.62
C VAL A 259 28.26 -40.94 5.34
N GLU A 260 29.42 -41.45 5.77
CA GLU A 260 29.45 -42.75 6.44
C GLU A 260 28.99 -42.66 7.89
N THR A 261 29.27 -41.56 8.57
CA THR A 261 28.78 -41.40 9.94
C THR A 261 27.26 -41.24 9.97
N ASN A 262 26.70 -40.61 8.95
CA ASN A 262 25.25 -40.39 8.88
C ASN A 262 24.65 -41.17 7.73
N LEU A 263 24.95 -42.47 7.67
CA LEU A 263 24.51 -43.28 6.53
C LEU A 263 23.02 -43.52 6.51
N PRO A 264 22.35 -43.89 7.62
CA PRO A 264 20.89 -44.06 7.56
C PRO A 264 20.16 -42.79 7.13
N LEU A 265 20.58 -41.63 7.65
CA LEU A 265 19.94 -40.38 7.26
C LEU A 265 20.22 -40.06 5.80
N ALA A 266 21.44 -40.32 5.33
CA ALA A 266 21.78 -40.03 3.94
C ALA A 266 20.90 -40.81 2.97
N MET A 267 20.62 -42.08 3.30
CA MET A 267 19.79 -42.90 2.40
C MET A 267 18.36 -42.41 2.39
N GLN A 268 17.85 -41.93 3.53
CA GLN A 268 16.48 -41.42 3.57
C GLN A 268 16.35 -40.14 2.74
N LEU A 269 17.30 -39.22 2.89
CA LEU A 269 17.27 -38.00 2.10
C LEU A 269 17.47 -38.31 0.62
N PHE A 270 18.44 -39.15 0.30
CA PHE A 270 18.70 -39.52 -1.09
C PHE A 270 17.44 -40.05 -1.77
N GLN A 271 16.72 -40.94 -1.10
CA GLN A 271 15.48 -41.46 -1.66
C GLN A 271 14.40 -40.38 -1.75
N GLY A 272 14.43 -39.41 -0.84
CA GLY A 272 13.37 -38.41 -0.82
C GLY A 272 13.40 -37.47 -2.00
N VAL A 273 14.57 -36.92 -2.31
CA VAL A 273 14.64 -35.93 -3.39
C VAL A 273 14.41 -36.60 -4.75
N LEU A 274 14.77 -37.87 -4.90
CA LEU A 274 14.54 -38.56 -6.17
C LEU A 274 13.06 -38.66 -6.49
N THR A 275 12.20 -38.72 -5.48
CA THR A 275 10.76 -38.76 -5.71
C THR A 275 10.18 -37.41 -6.13
N LEU A 276 10.99 -36.35 -6.13
CA LEU A 276 10.51 -35.01 -6.45
C LEU A 276 10.61 -34.70 -7.94
N GLU A 277 11.08 -35.64 -8.76
CA GLU A 277 11.21 -35.36 -10.19
C GLU A 277 9.84 -35.14 -10.83
N THR A 278 8.84 -35.93 -10.44
CA THR A 278 7.49 -35.74 -10.96
C THR A 278 6.96 -34.37 -10.59
N ALA A 279 7.16 -33.96 -9.34
CA ALA A 279 6.73 -32.62 -8.92
C ALA A 279 7.51 -31.53 -9.63
N TYR A 280 8.76 -31.80 -10.00
CA TYR A 280 9.53 -30.80 -10.74
C TYR A 280 8.91 -30.53 -12.10
N HIS A 281 8.65 -31.59 -12.87
CA HIS A 281 8.03 -31.40 -14.19
C HIS A 281 6.67 -30.73 -14.05
N MET A 282 5.93 -31.06 -12.99
CA MET A 282 4.65 -30.40 -12.74
C MET A 282 4.85 -28.91 -12.53
N ALA A 283 5.91 -28.52 -11.82
CA ALA A 283 6.18 -27.11 -11.59
C ALA A 283 6.64 -26.41 -12.87
N VAL A 284 7.33 -27.12 -13.77
CA VAL A 284 7.74 -26.52 -15.03
C VAL A 284 6.53 -26.32 -15.94
N ALA A 285 5.60 -27.29 -15.93
CA ALA A 285 4.41 -27.17 -16.77
C ALA A 285 3.57 -25.97 -16.35
N ARG A 286 3.42 -25.75 -15.05
CA ARG A 286 2.66 -24.61 -14.55
C ARG A 286 3.45 -23.31 -14.54
N GLU A 287 4.69 -23.34 -15.04
CA GLU A 287 5.56 -22.16 -15.12
C GLU A 287 5.75 -21.50 -13.76
N ASP A 288 5.81 -22.32 -12.71
CA ASP A 288 6.01 -21.83 -11.34
C ASP A 288 7.51 -21.76 -11.10
N LEU A 289 8.12 -20.63 -11.46
CA LEU A 289 9.56 -20.47 -11.32
C LEU A 289 10.02 -20.50 -9.88
N ASP A 290 9.14 -20.23 -8.92
CA ASP A 290 9.51 -20.33 -7.51
C ASP A 290 9.90 -21.76 -7.16
N LYS A 291 9.04 -22.73 -7.51
CA LYS A 291 9.32 -24.12 -7.17
C LYS A 291 10.48 -24.67 -7.99
N VAL A 292 10.57 -24.28 -9.26
CA VAL A 292 11.65 -24.77 -10.12
C VAL A 292 13.01 -24.43 -9.53
N LEU A 293 13.19 -23.19 -9.10
CA LEU A 293 14.43 -22.80 -8.45
C LEU A 293 14.62 -23.54 -7.13
N ASN A 294 13.53 -23.79 -6.41
CA ASN A 294 13.63 -24.54 -5.16
C ASN A 294 14.11 -25.96 -5.41
N TYR A 295 13.56 -26.63 -6.41
CA TYR A 295 13.97 -28.00 -6.71
C TYR A 295 15.42 -28.05 -7.16
N CYS A 296 15.86 -27.07 -7.94
CA CYS A 296 17.25 -27.05 -8.37
C CYS A 296 18.20 -26.84 -7.20
N ARG A 297 17.77 -26.12 -6.15
CA ARG A 297 18.60 -25.99 -4.96
C ARG A 297 18.70 -27.32 -4.23
N ILE A 298 17.59 -28.05 -4.13
CA ILE A 298 17.61 -29.37 -3.50
C ILE A 298 18.50 -30.31 -4.32
N PHE A 299 18.34 -30.30 -5.64
CA PHE A 299 19.14 -31.16 -6.50
C PHE A 299 20.61 -30.81 -6.40
N THR A 300 20.93 -29.52 -6.46
CA THR A 300 22.32 -29.08 -6.36
C THR A 300 22.92 -29.48 -5.02
N GLU A 301 22.18 -29.29 -3.92
CA GLU A 301 22.71 -29.64 -2.61
C GLU A 301 22.87 -31.14 -2.45
N LEU A 302 21.97 -31.93 -3.04
CA LEU A 302 22.11 -33.39 -2.99
C LEU A 302 23.43 -33.82 -3.62
N CYS A 303 23.75 -33.28 -4.80
CA CYS A 303 25.02 -33.61 -5.44
C CYS A 303 26.20 -33.04 -4.67
N GLU A 304 26.02 -31.91 -3.99
CA GLU A 304 27.08 -31.38 -3.15
C GLU A 304 27.33 -32.27 -1.94
N THR A 305 26.27 -32.78 -1.32
CA THR A 305 26.41 -33.64 -0.15
C THR A 305 27.08 -34.96 -0.51
N PHE A 306 26.72 -35.53 -1.66
CA PHE A 306 27.25 -36.83 -2.09
C PHE A 306 28.31 -36.70 -3.17
N LEU A 307 28.96 -35.53 -3.26
CA LEU A 307 30.03 -35.35 -4.25
C LEU A 307 31.17 -36.34 -4.02
N GLU A 308 31.45 -36.69 -2.76
CA GLU A 308 32.51 -37.66 -2.48
C GLU A 308 32.16 -39.03 -3.03
N LYS A 309 30.90 -39.46 -2.86
CA LYS A 309 30.49 -40.78 -3.36
C LYS A 309 30.33 -40.78 -4.88
N ILE A 310 29.92 -39.65 -5.47
CA ILE A 310 29.78 -39.59 -6.92
C ILE A 310 31.13 -39.82 -7.60
N VAL A 311 32.21 -39.31 -7.00
CA VAL A 311 33.54 -39.47 -7.57
C VAL A 311 34.18 -40.80 -7.18
N CYS A 312 33.92 -41.27 -5.96
CA CYS A 312 34.60 -42.47 -5.46
C CYS A 312 33.96 -43.75 -6.00
N THR A 313 32.63 -43.86 -5.96
CA THR A 313 31.92 -45.03 -6.47
C THR A 313 30.82 -44.58 -7.42
N PRO A 314 31.18 -44.08 -8.60
CA PRO A 314 30.17 -43.56 -9.53
C PRO A 314 29.26 -44.67 -10.06
N GLY A 315 27.96 -44.38 -10.06
CA GLY A 315 26.98 -45.31 -10.59
C GLY A 315 26.56 -46.42 -9.65
N GLN A 316 26.96 -46.36 -8.40
CA GLN A 316 26.65 -47.41 -7.43
C GLN A 316 26.28 -46.79 -6.10
N GLY A 317 25.15 -47.21 -5.54
CA GLY A 317 24.75 -46.75 -4.22
C GLY A 317 24.53 -45.26 -4.18
N LEU A 318 25.09 -44.60 -3.16
CA LEU A 318 24.97 -43.15 -3.04
C LEU A 318 25.77 -42.41 -4.10
N GLY A 319 26.58 -43.10 -4.89
CA GLY A 319 27.23 -42.53 -6.04
C GLY A 319 26.46 -42.69 -7.33
N ASP A 320 25.18 -43.08 -7.25
CA ASP A 320 24.35 -43.26 -8.43
C ASP A 320 24.29 -41.97 -9.25
N LEU A 321 24.65 -42.08 -10.52
CA LEU A 321 24.70 -40.92 -11.40
C LEU A 321 23.34 -40.36 -11.76
N ARG A 322 22.25 -40.96 -11.26
CA ARG A 322 20.93 -40.37 -11.42
C ARG A 322 20.85 -38.98 -10.80
N THR A 323 21.71 -38.69 -9.82
CA THR A 323 21.78 -37.34 -9.25
C THR A 323 22.20 -36.33 -10.31
N LEU A 324 23.25 -36.65 -11.08
CA LEU A 324 23.67 -35.75 -12.15
C LEU A 324 22.60 -35.60 -13.22
N GLU A 325 21.80 -36.66 -13.44
CA GLU A 325 20.73 -36.57 -14.41
C GLU A 325 19.70 -35.52 -14.01
N LEU A 326 19.48 -35.36 -12.70
CA LEU A 326 18.54 -34.33 -12.23
C LEU A 326 19.07 -32.94 -12.52
N LEU A 327 20.39 -32.73 -12.36
CA LEU A 327 20.97 -31.44 -12.70
C LEU A 327 20.93 -31.16 -14.19
N LEU A 328 21.09 -32.20 -15.02
CA LEU A 328 21.00 -32.02 -16.46
C LEU A 328 19.58 -31.68 -16.90
N ILE A 329 18.57 -32.20 -16.18
CA ILE A 329 17.19 -31.80 -16.45
C ILE A 329 17.02 -30.31 -16.16
N CYS A 330 17.55 -29.84 -15.03
CA CYS A 330 17.47 -28.42 -14.71
C CYS A 330 18.22 -27.57 -15.73
N ALA A 331 19.32 -28.09 -16.26
CA ALA A 331 20.05 -27.37 -17.30
C ALA A 331 19.24 -27.22 -18.58
N GLY A 332 18.23 -28.06 -18.78
CA GLY A 332 17.35 -27.95 -19.93
C GLY A 332 16.23 -26.94 -19.80
N HIS A 333 16.04 -26.37 -18.62
CA HIS A 333 15.03 -25.34 -18.44
C HIS A 333 15.43 -24.08 -19.20
N PRO A 334 14.49 -23.43 -19.89
CA PRO A 334 14.87 -22.29 -20.74
C PRO A 334 15.43 -21.10 -19.96
N GLN A 335 15.03 -20.91 -18.71
CA GLN A 335 15.53 -19.79 -17.91
C GLN A 335 16.92 -20.11 -17.40
N TYR A 336 17.89 -19.24 -17.71
CA TYR A 336 19.27 -19.50 -17.31
C TYR A 336 19.50 -19.30 -15.81
N GLU A 337 18.56 -18.66 -15.10
CA GLU A 337 18.70 -18.54 -13.65
C GLU A 337 18.60 -19.89 -12.95
N VAL A 338 18.07 -20.91 -13.63
CA VAL A 338 17.96 -22.23 -13.02
C VAL A 338 19.29 -22.96 -13.07
N VAL A 339 19.92 -23.00 -14.25
CA VAL A 339 21.13 -23.80 -14.42
C VAL A 339 22.30 -23.21 -13.63
N GLU A 340 22.32 -21.89 -13.45
CA GLU A 340 23.45 -21.27 -12.77
C GLU A 340 23.44 -21.53 -11.27
N ILE A 341 22.35 -22.08 -10.73
CA ILE A 341 22.34 -22.47 -9.31
C ILE A 341 23.34 -23.59 -9.07
N SER A 342 23.49 -24.49 -10.04
CA SER A 342 24.35 -25.66 -9.91
C SER A 342 25.79 -25.41 -10.35
N PHE A 343 26.13 -24.17 -10.70
CA PHE A 343 27.47 -23.90 -11.21
C PHE A 343 28.55 -24.16 -10.17
N ASN A 344 28.25 -23.93 -8.89
CA ASN A 344 29.24 -24.17 -7.86
C ASN A 344 29.56 -25.65 -7.73
N PHE A 345 28.55 -26.52 -7.85
CA PHE A 345 28.80 -27.95 -7.79
C PHE A 345 29.69 -28.41 -8.93
N TRP A 346 29.41 -27.95 -10.15
CA TRP A 346 30.22 -28.36 -11.29
C TRP A 346 31.68 -27.94 -11.13
N TYR A 347 31.93 -26.82 -10.45
CA TYR A 347 33.32 -26.46 -10.12
C TYR A 347 33.94 -27.50 -9.20
N ARG A 348 33.23 -27.87 -8.12
CA ARG A 348 33.78 -28.84 -7.17
C ARG A 348 33.96 -30.20 -7.83
N LEU A 349 33.00 -30.61 -8.66
CA LEU A 349 33.13 -31.89 -9.35
C LEU A 349 34.38 -31.90 -10.23
N GLY A 350 34.57 -30.83 -11.01
CA GLY A 350 35.76 -30.75 -11.84
C GLY A 350 37.04 -30.71 -11.02
N GLU A 351 37.00 -30.03 -9.87
CA GLU A 351 38.17 -29.94 -9.02
C GLU A 351 38.53 -31.30 -8.43
N HIS A 352 37.53 -32.05 -7.98
CA HIS A 352 37.78 -33.37 -7.42
C HIS A 352 38.19 -34.36 -8.50
N LEU A 353 37.55 -34.29 -9.66
CA LEU A 353 37.94 -35.16 -10.77
C LEU A 353 39.35 -34.85 -11.26
N TYR A 354 39.78 -33.59 -11.14
CA TYR A 354 41.14 -33.24 -11.52
C TYR A 354 42.16 -33.82 -10.54
N LYS A 355 41.80 -33.85 -9.25
CA LYS A 355 42.70 -34.42 -8.24
C LYS A 355 42.98 -35.90 -8.52
N THR A 356 41.92 -36.67 -8.77
CA THR A 356 42.08 -38.08 -9.10
C THR A 356 42.64 -38.23 -10.50
N ASN A 357 43.96 -38.19 -10.63
CA ASN A 357 44.61 -38.21 -11.94
C ASN A 357 44.37 -39.54 -12.64
N ASP A 358 43.11 -39.84 -12.97
CA ASP A 358 42.71 -41.11 -13.54
C ASP A 358 41.81 -40.84 -14.74
N GLU A 359 42.31 -41.10 -15.95
CA GLU A 359 41.52 -40.85 -17.14
C GLU A 359 40.34 -41.82 -17.26
N VAL A 360 40.41 -42.98 -16.60
CA VAL A 360 39.26 -43.89 -16.59
C VAL A 360 38.10 -43.27 -15.83
N ILE A 361 38.39 -42.63 -14.69
CA ILE A 361 37.33 -41.94 -13.95
C ILE A 361 36.83 -40.74 -14.75
N HIS A 362 37.75 -40.03 -15.42
CA HIS A 362 37.35 -38.92 -16.28
C HIS A 362 36.37 -39.39 -17.35
N GLY A 363 36.63 -40.54 -17.97
CA GLY A 363 35.76 -41.05 -19.02
C GLY A 363 34.36 -41.37 -18.56
N ILE A 364 34.17 -41.65 -17.27
CA ILE A 364 32.84 -41.91 -16.75
C ILE A 364 31.97 -40.67 -16.87
N PHE A 365 32.55 -39.50 -16.59
CA PHE A 365 31.82 -38.24 -16.54
C PHE A 365 31.91 -37.44 -17.84
N LYS A 366 32.68 -37.93 -18.82
CA LYS A 366 32.87 -37.19 -20.07
C LYS A 366 31.54 -36.88 -20.74
N ALA A 367 30.64 -37.87 -20.81
CA ALA A 367 29.37 -37.65 -21.49
C ALA A 367 28.52 -36.64 -20.75
N TYR A 368 28.55 -36.66 -19.41
CA TYR A 368 27.74 -35.72 -18.63
C TYR A 368 28.22 -34.28 -18.81
N ILE A 369 29.52 -34.08 -19.05
CA ILE A 369 30.02 -32.72 -19.20
C ILE A 369 29.67 -32.15 -20.57
N GLN A 370 29.83 -32.95 -21.63
CA GLN A 370 29.43 -32.47 -22.95
C GLN A 370 27.92 -32.27 -23.02
N ARG A 371 27.15 -33.12 -22.34
CA ARG A 371 25.70 -32.91 -22.30
C ARG A 371 25.36 -31.62 -21.57
N LEU A 372 26.11 -31.30 -20.51
CA LEU A 372 25.95 -30.01 -19.85
C LEU A 372 26.43 -28.87 -20.74
N LEU A 373 27.60 -29.04 -21.36
CA LEU A 373 28.13 -28.01 -22.25
C LEU A 373 27.20 -27.75 -23.41
N HIS A 374 26.51 -28.78 -23.90
CA HIS A 374 25.52 -28.58 -24.96
C HIS A 374 24.38 -27.69 -24.49
N ALA A 375 23.99 -27.83 -23.21
CA ALA A 375 22.92 -27.00 -22.68
C ALA A 375 23.40 -25.57 -22.42
N LEU A 376 24.64 -25.42 -21.95
CA LEU A 376 25.18 -24.10 -21.68
C LEU A 376 25.37 -23.29 -22.96
N ALA A 377 25.69 -23.95 -24.07
CA ALA A 377 25.81 -23.24 -25.34
C ALA A 377 24.47 -22.69 -25.78
N ARG A 378 23.39 -23.44 -25.54
CA ARG A 378 22.06 -22.95 -25.91
C ARG A 378 21.65 -21.76 -25.03
N HIS A 379 22.04 -21.76 -23.76
CA HIS A 379 21.70 -20.65 -22.89
C HIS A 379 22.44 -19.37 -23.27
N CYS A 380 23.66 -19.49 -23.78
CA CYS A 380 24.43 -18.32 -24.20
C CYS A 380 23.92 -17.69 -25.48
N GLN A 381 22.91 -18.27 -26.12
CA GLN A 381 22.38 -17.72 -27.36
C GLN A 381 21.65 -16.41 -27.11
N LEU A 382 22.06 -15.36 -27.82
CA LEU A 382 21.34 -14.10 -27.78
C LEU A 382 19.98 -14.23 -28.47
N GLU A 383 19.11 -13.26 -28.22
CA GLU A 383 17.82 -13.25 -28.87
C GLU A 383 18.00 -13.00 -30.37
N PRO A 384 17.17 -13.60 -31.23
CA PRO A 384 17.37 -13.45 -32.68
C PRO A 384 17.24 -12.02 -33.17
N ASP A 385 16.56 -11.14 -32.44
CA ASP A 385 16.41 -9.74 -32.80
C ASP A 385 17.37 -8.83 -32.03
N HIS A 386 18.49 -9.36 -31.58
CA HIS A 386 19.45 -8.55 -30.84
C HIS A 386 20.12 -7.56 -31.79
N GLU A 387 20.38 -6.35 -31.29
CA GLU A 387 20.91 -5.28 -32.13
C GLU A 387 22.40 -5.45 -32.41
N GLY A 388 23.24 -5.05 -31.46
CA GLY A 388 24.67 -5.04 -31.70
C GLY A 388 25.47 -6.09 -30.95
N VAL A 389 26.61 -5.69 -30.40
CA VAL A 389 27.51 -6.60 -29.70
C VAL A 389 26.85 -7.13 -28.43
N PRO A 390 27.27 -8.30 -27.94
CA PRO A 390 26.67 -8.82 -26.70
C PRO A 390 27.03 -7.96 -25.51
N GLU A 391 26.05 -7.77 -24.63
CA GLU A 391 26.29 -7.05 -23.38
C GLU A 391 27.15 -7.89 -22.45
N GLU A 392 28.01 -7.23 -21.69
CA GLU A 392 28.89 -7.89 -20.74
C GLU A 392 28.78 -7.29 -19.34
N THR A 393 27.69 -6.55 -19.08
CA THR A 393 27.52 -5.86 -17.81
C THR A 393 26.13 -6.05 -17.19
N ASP A 394 25.17 -6.62 -17.90
CA ASP A 394 23.86 -6.88 -17.34
C ASP A 394 23.82 -8.29 -16.76
N ASP A 395 22.62 -8.78 -16.44
CA ASP A 395 22.51 -10.11 -15.86
C ASP A 395 22.93 -11.19 -16.86
N PHE A 396 22.46 -11.09 -18.10
CA PHE A 396 22.80 -12.09 -19.10
C PHE A 396 24.27 -12.00 -19.53
N GLY A 397 24.90 -10.85 -19.37
CA GLY A 397 26.30 -10.72 -19.73
C GLY A 397 27.23 -11.35 -18.70
N GLU A 398 26.90 -11.19 -17.41
CA GLU A 398 27.69 -11.82 -16.37
C GLU A 398 27.49 -13.33 -16.35
N PHE A 399 26.31 -13.79 -16.74
CA PHE A 399 26.09 -15.23 -16.86
C PHE A 399 26.96 -15.84 -17.94
N ARG A 400 27.06 -15.17 -19.09
CA ARG A 400 27.91 -15.66 -20.17
C ARG A 400 29.37 -15.72 -19.73
N MET A 401 29.83 -14.71 -18.99
CA MET A 401 31.19 -14.74 -18.47
C MET A 401 31.36 -15.82 -17.41
N ARG A 402 30.31 -16.10 -16.65
CA ARG A 402 30.37 -17.18 -15.67
C ARG A 402 30.44 -18.54 -16.37
N VAL A 403 29.73 -18.69 -17.49
CA VAL A 403 29.82 -19.92 -18.26
C VAL A 403 31.19 -20.06 -18.91
N SER A 404 31.77 -18.95 -19.35
CA SER A 404 33.09 -19.00 -19.97
C SER A 404 34.14 -19.56 -19.01
N ASP A 405 34.09 -19.13 -17.74
CA ASP A 405 35.04 -19.64 -16.76
C ASP A 405 34.76 -21.09 -16.42
N LEU A 406 33.49 -21.48 -16.35
CA LEU A 406 33.15 -22.86 -16.00
C LEU A 406 33.58 -23.83 -17.09
N VAL A 407 33.41 -23.46 -18.36
CA VAL A 407 33.81 -24.33 -19.45
C VAL A 407 35.33 -24.49 -19.47
N LYS A 408 36.06 -23.43 -19.15
CA LYS A 408 37.53 -23.53 -19.10
C LYS A 408 37.98 -24.54 -18.05
N ASP A 409 37.22 -24.69 -16.96
CA ASP A 409 37.60 -25.58 -15.88
C ASP A 409 37.11 -27.01 -16.07
N LEU A 410 36.12 -27.23 -16.94
CA LEU A 410 35.57 -28.56 -17.17
C LEU A 410 36.00 -29.15 -18.52
N ILE A 411 36.72 -28.39 -19.34
CA ILE A 411 37.02 -28.85 -20.70
C ILE A 411 37.99 -30.02 -20.69
N PHE A 412 38.78 -30.20 -19.63
CA PHE A 412 39.72 -31.32 -19.59
C PHE A 412 39.02 -32.66 -19.53
N LEU A 413 37.77 -32.71 -19.05
CA LEU A 413 37.02 -33.96 -19.00
C LEU A 413 36.53 -34.41 -20.37
N ILE A 414 36.50 -33.51 -21.35
CA ILE A 414 36.12 -33.85 -22.71
C ILE A 414 37.33 -33.95 -23.63
N GLY A 415 38.31 -33.09 -23.41
CA GLY A 415 39.41 -32.93 -24.35
C GLY A 415 39.20 -31.68 -25.19
N SER A 416 40.11 -30.72 -25.06
CA SER A 416 39.94 -29.44 -25.73
C SER A 416 39.93 -29.60 -27.25
N MET A 417 40.85 -30.42 -27.78
CA MET A 417 40.91 -30.63 -29.22
C MET A 417 39.63 -31.28 -29.74
N GLU A 418 39.16 -32.31 -29.05
CA GLU A 418 37.95 -33.01 -29.49
C GLU A 418 36.73 -32.10 -29.43
N CYS A 419 36.59 -31.31 -28.37
CA CYS A 419 35.43 -30.44 -28.24
C CYS A 419 35.49 -29.27 -29.21
N PHE A 420 36.69 -28.78 -29.51
CA PHE A 420 36.82 -27.64 -30.41
C PHE A 420 36.36 -27.99 -31.82
N ALA A 421 36.83 -29.14 -32.35
CA ALA A 421 36.40 -29.58 -33.67
C ALA A 421 34.93 -29.95 -33.68
N GLN A 422 34.38 -30.39 -32.55
CA GLN A 422 32.96 -30.72 -32.47
C GLN A 422 32.10 -29.48 -32.66
N LEU A 423 32.44 -28.38 -31.98
CA LEU A 423 31.69 -27.15 -32.14
C LEU A 423 31.84 -26.58 -33.55
N TYR A 424 33.03 -26.70 -34.13
CA TYR A 424 33.28 -26.15 -35.46
C TYR A 424 32.57 -26.94 -36.54
N SER A 425 32.37 -28.24 -36.34
CA SER A 425 31.69 -29.06 -37.34
C SER A 425 30.20 -28.73 -37.41
N THR A 426 29.58 -28.40 -36.28
CA THR A 426 28.17 -28.03 -36.25
C THR A 426 27.91 -26.67 -36.88
N LEU A 427 28.94 -25.94 -37.27
CA LEU A 427 28.78 -24.64 -37.90
C LEU A 427 28.70 -24.72 -39.42
N LYS A 428 29.34 -25.72 -40.02
CA LYS A 428 29.27 -25.88 -41.48
C LYS A 428 27.91 -26.38 -41.93
N GLU A 429 27.34 -27.36 -41.21
CA GLU A 429 26.10 -28.00 -41.60
C GLU A 429 24.91 -27.31 -40.96
N GLY A 430 23.82 -27.22 -41.73
CA GLY A 430 22.53 -26.78 -41.22
C GLY A 430 22.18 -25.33 -41.48
N ASN A 431 23.13 -24.52 -41.95
CA ASN A 431 22.94 -23.08 -42.12
C ASN A 431 22.39 -22.48 -40.83
N PRO A 432 23.20 -22.41 -39.76
CA PRO A 432 22.66 -22.01 -38.47
C PRO A 432 22.31 -20.54 -38.46
N PRO A 433 21.34 -20.13 -37.64
CA PRO A 433 21.07 -18.69 -37.47
C PRO A 433 22.27 -17.98 -36.85
N TRP A 434 22.20 -16.65 -36.88
CA TRP A 434 23.34 -15.86 -36.41
C TRP A 434 23.55 -16.02 -34.90
N GLU A 435 22.46 -16.10 -34.13
CA GLU A 435 22.59 -16.20 -32.68
C GLU A 435 23.14 -17.56 -32.26
N VAL A 436 22.86 -18.60 -33.05
CA VAL A 436 23.45 -19.91 -32.77
C VAL A 436 24.94 -19.90 -33.10
N THR A 437 25.30 -19.37 -34.26
CA THR A 437 26.71 -19.25 -34.63
C THR A 437 27.47 -18.37 -33.63
N GLU A 438 26.81 -17.38 -33.06
CA GLU A 438 27.48 -16.52 -32.08
C GLU A 438 27.78 -17.29 -30.81
N ALA A 439 26.80 -18.02 -30.28
CA ALA A 439 27.00 -18.75 -29.03
C ALA A 439 28.03 -19.85 -29.19
N VAL A 440 28.03 -20.55 -30.33
CA VAL A 440 29.02 -21.59 -30.57
C VAL A 440 30.41 -20.97 -30.68
N LEU A 441 30.52 -19.80 -31.29
CA LEU A 441 31.80 -19.10 -31.33
C LEU A 441 32.22 -18.62 -29.95
N PHE A 442 31.26 -18.34 -29.06
CA PHE A 442 31.60 -17.90 -27.72
C PHE A 442 32.20 -19.03 -26.91
N ILE A 443 31.64 -20.24 -27.01
CA ILE A 443 32.20 -21.38 -26.32
C ILE A 443 33.57 -21.73 -26.89
N MET A 444 33.72 -21.63 -28.21
CA MET A 444 35.00 -21.91 -28.85
C MET A 444 36.08 -20.96 -28.36
N ALA A 445 35.72 -19.70 -28.09
CA ALA A 445 36.70 -18.75 -27.57
C ALA A 445 37.13 -19.09 -26.16
N ALA A 446 36.26 -19.75 -25.39
CA ALA A 446 36.61 -20.10 -24.02
C ALA A 446 37.66 -21.21 -23.97
N ILE A 447 37.61 -22.15 -24.90
CA ILE A 447 38.51 -23.29 -24.90
C ILE A 447 39.65 -23.15 -25.89
N ALA A 448 39.73 -22.04 -26.61
CA ALA A 448 40.73 -21.90 -27.67
C ALA A 448 42.14 -21.84 -27.09
N LYS A 449 42.31 -21.22 -25.92
CA LYS A 449 43.64 -21.09 -25.35
C LYS A 449 44.19 -22.43 -24.85
N SER A 450 43.32 -23.39 -24.56
CA SER A 450 43.73 -24.64 -23.94
C SER A 450 43.86 -25.79 -24.92
N VAL A 451 43.70 -25.55 -26.21
CA VAL A 451 43.81 -26.60 -27.22
C VAL A 451 45.26 -26.67 -27.67
N ASP A 452 45.75 -27.88 -27.88
CA ASP A 452 47.16 -28.07 -28.23
C ASP A 452 47.43 -27.50 -29.61
N PRO A 453 48.34 -26.53 -29.75
CA PRO A 453 48.60 -25.94 -31.06
C PRO A 453 49.58 -26.74 -31.90
N GLU A 454 49.68 -28.05 -31.64
CA GLU A 454 50.46 -28.93 -32.49
C GLU A 454 49.59 -29.55 -33.59
N ASN A 455 48.37 -29.95 -33.25
CA ASN A 455 47.40 -30.41 -34.24
C ASN A 455 46.89 -29.21 -35.03
N ASN A 456 47.72 -28.70 -35.92
CA ASN A 456 47.43 -27.49 -36.70
C ASN A 456 46.27 -27.63 -37.68
N PRO A 457 46.13 -28.76 -38.44
CA PRO A 457 45.11 -28.83 -39.50
C PRO A 457 43.73 -28.35 -39.07
N THR A 458 43.13 -29.01 -38.07
CA THR A 458 41.79 -28.61 -37.63
C THR A 458 41.78 -27.26 -36.94
N LEU A 459 42.93 -26.82 -36.39
CA LEU A 459 43.00 -25.52 -35.73
C LEU A 459 43.24 -24.40 -36.73
N VAL A 460 44.21 -24.59 -37.64
CA VAL A 460 44.61 -23.52 -38.54
C VAL A 460 43.54 -23.22 -39.59
N GLU A 461 42.63 -24.16 -39.84
CA GLU A 461 41.55 -23.92 -40.80
C GLU A 461 40.36 -23.23 -40.19
N VAL A 462 40.19 -23.30 -38.86
CA VAL A 462 39.19 -22.48 -38.19
C VAL A 462 39.63 -21.02 -38.21
N LEU A 463 40.89 -20.76 -37.87
CA LEU A 463 41.44 -19.42 -37.95
C LEU A 463 41.35 -18.87 -39.37
N GLU A 464 41.60 -19.72 -40.37
CA GLU A 464 41.51 -19.28 -41.76
C GLU A 464 40.10 -18.86 -42.12
N GLY A 465 39.10 -19.58 -41.64
CA GLY A 465 37.72 -19.26 -41.95
C GLY A 465 37.20 -18.00 -41.28
N VAL A 466 37.84 -17.58 -40.19
CA VAL A 466 37.35 -16.42 -39.45
C VAL A 466 37.74 -15.12 -40.14
N VAL A 467 38.96 -15.05 -40.68
CA VAL A 467 39.39 -13.82 -41.35
C VAL A 467 38.64 -13.60 -42.65
N ARG A 468 38.07 -14.65 -43.24
CA ARG A 468 37.31 -14.55 -44.48
C ARG A 468 35.87 -14.12 -44.25
N LEU A 469 35.50 -13.76 -43.02
CA LEU A 469 34.14 -13.34 -42.73
C LEU A 469 33.88 -11.96 -43.32
N PRO A 470 32.81 -11.78 -44.09
CA PRO A 470 32.50 -10.46 -44.64
C PRO A 470 31.91 -9.55 -43.55
N GLU A 471 31.84 -8.26 -43.89
CA GLU A 471 31.22 -7.29 -42.99
C GLU A 471 29.70 -7.40 -42.98
N THR A 472 29.12 -8.22 -43.86
CA THR A 472 27.67 -8.40 -43.89
C THR A 472 27.17 -9.26 -42.74
N VAL A 473 28.05 -9.98 -42.04
CA VAL A 473 27.61 -10.82 -40.94
C VAL A 473 27.19 -9.95 -39.75
N HIS A 474 26.33 -10.51 -38.91
CA HIS A 474 25.82 -9.81 -37.74
C HIS A 474 26.96 -9.27 -36.90
N THR A 475 26.71 -8.13 -36.24
CA THR A 475 27.74 -7.46 -35.46
C THR A 475 28.22 -8.36 -34.32
N ALA A 476 27.30 -9.04 -33.63
CA ALA A 476 27.68 -9.90 -32.52
C ALA A 476 28.57 -11.05 -32.99
N VAL A 477 28.29 -11.60 -34.19
CA VAL A 477 29.11 -12.68 -34.72
C VAL A 477 30.51 -12.17 -35.01
N ARG A 478 30.63 -10.95 -35.55
CA ARG A 478 31.95 -10.37 -35.78
C ARG A 478 32.65 -10.06 -34.46
N TYR A 479 31.89 -9.60 -33.47
CA TYR A 479 32.47 -9.29 -32.16
C TYR A 479 33.07 -10.53 -31.52
N THR A 480 32.29 -11.61 -31.44
CA THR A 480 32.76 -12.83 -30.80
C THR A 480 33.92 -13.45 -31.59
N SER A 481 33.87 -13.36 -32.92
CA SER A 481 34.94 -13.91 -33.74
C SER A 481 36.26 -13.20 -33.49
N ILE A 482 36.22 -11.89 -33.21
CA ILE A 482 37.45 -11.16 -32.91
C ILE A 482 38.09 -11.67 -31.63
N GLU A 483 37.27 -11.87 -30.58
CA GLU A 483 37.81 -12.39 -29.34
C GLU A 483 38.34 -13.82 -29.51
N LEU A 484 37.72 -14.60 -30.38
CA LEU A 484 38.24 -15.93 -30.67
C LEU A 484 39.64 -15.86 -31.27
N VAL A 485 39.85 -14.93 -32.20
CA VAL A 485 41.18 -14.75 -32.78
C VAL A 485 42.18 -14.34 -31.70
N GLY A 486 41.75 -13.48 -30.77
CA GLY A 486 42.62 -13.10 -29.67
C GLY A 486 43.02 -14.28 -28.80
N GLU A 487 42.13 -15.27 -28.66
CA GLU A 487 42.45 -16.45 -27.88
C GLU A 487 43.30 -17.45 -28.66
N MET A 488 43.33 -17.35 -29.99
CA MET A 488 44.13 -18.23 -30.83
C MET A 488 45.47 -17.58 -31.21
N SER A 489 46.04 -16.76 -30.33
CA SER A 489 47.31 -16.12 -30.65
C SER A 489 48.43 -17.15 -30.79
N GLU A 490 48.32 -18.28 -30.10
CA GLU A 490 49.39 -19.28 -30.17
C GLU A 490 49.39 -20.02 -31.50
N VAL A 491 48.22 -20.22 -32.11
CA VAL A 491 48.18 -20.87 -33.41
C VAL A 491 48.72 -19.96 -34.50
N VAL A 492 48.74 -18.65 -34.26
CA VAL A 492 49.34 -17.72 -35.22
C VAL A 492 50.85 -17.70 -35.08
N ASP A 493 51.36 -17.82 -33.85
CA ASP A 493 52.80 -17.83 -33.63
C ASP A 493 53.44 -19.07 -34.22
N ARG A 494 52.73 -20.20 -34.25
CA ARG A 494 53.30 -21.43 -34.80
C ARG A 494 53.16 -21.49 -36.32
N ASN A 495 52.16 -20.80 -36.88
CA ASN A 495 51.98 -20.68 -38.33
C ASN A 495 52.10 -19.20 -38.67
N PRO A 496 53.32 -18.67 -38.76
CA PRO A 496 53.49 -17.22 -38.95
C PRO A 496 52.96 -16.68 -40.27
N GLN A 497 52.65 -17.55 -41.23
CA GLN A 497 52.12 -17.07 -42.50
C GLN A 497 50.74 -16.43 -42.36
N PHE A 498 50.04 -16.70 -41.26
CA PHE A 498 48.71 -16.13 -41.02
C PHE A 498 48.77 -14.80 -40.27
N LEU A 499 49.94 -14.20 -40.13
CA LEU A 499 50.05 -12.97 -39.36
C LEU A 499 49.39 -11.80 -40.08
N ASP A 500 49.73 -11.59 -41.36
CA ASP A 500 49.12 -10.49 -42.11
C ASP A 500 47.61 -10.64 -42.26
N PRO A 501 47.06 -11.81 -42.63
CA PRO A 501 45.60 -11.91 -42.68
C PRO A 501 44.92 -11.63 -41.35
N VAL A 502 45.53 -12.08 -40.24
CA VAL A 502 44.95 -11.83 -38.93
C VAL A 502 45.05 -10.34 -38.57
N LEU A 503 46.23 -9.75 -38.75
CA LEU A 503 46.41 -8.33 -38.47
C LEU A 503 45.47 -7.48 -39.32
N GLY A 504 45.36 -7.81 -40.60
CA GLY A 504 44.44 -7.07 -41.46
C GLY A 504 43.00 -7.19 -41.01
N TYR A 505 42.58 -8.40 -40.62
CA TYR A 505 41.21 -8.60 -40.15
C TYR A 505 40.95 -7.83 -38.86
N LEU A 506 41.96 -7.77 -37.97
CA LEU A 506 41.80 -7.02 -36.73
C LEU A 506 41.85 -5.52 -36.99
N MET A 507 42.52 -5.09 -38.06
CA MET A 507 42.55 -3.67 -38.41
C MET A 507 41.16 -3.16 -38.75
N LYS A 508 40.39 -3.95 -39.51
CA LYS A 508 39.05 -3.52 -39.91
C LYS A 508 38.14 -3.36 -38.70
N GLY A 509 38.17 -4.34 -37.78
CA GLY A 509 37.40 -4.21 -36.56
C GLY A 509 37.89 -3.08 -35.68
N LEU A 510 39.18 -2.76 -35.77
CA LEU A 510 39.72 -1.62 -35.02
C LEU A 510 39.14 -0.31 -35.51
N CYS A 511 38.78 -0.24 -36.80
CA CYS A 511 38.22 0.96 -37.39
C CYS A 511 36.70 0.99 -37.33
N GLU A 512 36.08 0.08 -36.58
CA GLU A 512 34.64 0.07 -36.35
C GLU A 512 34.36 0.35 -34.89
N LYS A 513 33.23 1.03 -34.62
CA LYS A 513 32.98 1.53 -33.26
C LYS A 513 32.71 0.40 -32.28
N PRO A 514 31.69 -0.45 -32.46
CA PRO A 514 31.41 -1.47 -31.44
C PRO A 514 32.41 -2.61 -31.41
N LEU A 515 33.28 -2.70 -32.42
CA LEU A 515 34.31 -3.73 -32.47
C LEU A 515 35.68 -3.20 -32.06
N ALA A 516 35.78 -1.91 -31.69
CA ALA A 516 37.08 -1.30 -31.45
C ALA A 516 37.75 -1.90 -30.22
N SER A 517 37.00 -2.08 -29.13
CA SER A 517 37.59 -2.61 -27.91
C SER A 517 38.06 -4.05 -28.09
N ALA A 518 37.20 -4.89 -28.68
CA ALA A 518 37.56 -6.29 -28.88
C ALA A 518 38.76 -6.42 -29.83
N ALA A 519 38.84 -5.55 -30.83
CA ALA A 519 39.96 -5.61 -31.76
C ALA A 519 41.26 -5.16 -31.11
N ALA A 520 41.20 -4.16 -30.24
CA ALA A 520 42.41 -3.72 -29.54
C ALA A 520 42.91 -4.79 -28.57
N LYS A 521 41.98 -5.50 -27.93
CA LYS A 521 42.37 -6.60 -27.04
C LYS A 521 43.03 -7.73 -27.82
N ALA A 522 42.46 -8.08 -28.98
CA ALA A 522 43.01 -9.16 -29.78
C ALA A 522 44.38 -8.79 -30.36
N ILE A 523 44.53 -7.54 -30.79
CA ILE A 523 45.83 -7.09 -31.30
C ILE A 523 46.88 -7.17 -30.20
N HIS A 524 46.50 -6.83 -28.98
CA HIS A 524 47.43 -6.92 -27.85
C HIS A 524 47.89 -8.36 -27.63
N ASN A 525 46.97 -9.32 -27.72
CA ASN A 525 47.34 -10.72 -27.51
C ASN A 525 48.31 -11.21 -28.59
N ILE A 526 48.07 -10.81 -29.85
CA ILE A 526 48.98 -11.19 -30.93
C ILE A 526 50.36 -10.57 -30.72
N CYS A 527 50.40 -9.36 -30.17
CA CYS A 527 51.69 -8.68 -29.98
C CYS A 527 52.53 -9.39 -28.92
N SER A 528 51.92 -9.75 -27.79
CA SER A 528 52.69 -10.36 -26.70
C SER A 528 53.16 -11.76 -27.05
N VAL A 529 52.37 -12.51 -27.81
CA VAL A 529 52.72 -13.89 -28.13
C VAL A 529 53.69 -13.95 -29.29
N CYS A 530 53.41 -13.22 -30.36
CA CYS A 530 54.18 -13.28 -31.59
C CYS A 530 55.22 -12.16 -31.70
N ARG A 531 55.67 -11.62 -30.57
CA ARG A 531 56.56 -10.45 -30.59
C ARG A 531 57.87 -10.73 -31.31
N ASP A 532 58.23 -11.99 -31.52
CA ASP A 532 59.46 -12.33 -32.23
C ASP A 532 59.37 -11.84 -33.67
N HIS A 533 58.61 -12.55 -34.51
CA HIS A 533 58.44 -12.17 -35.91
C HIS A 533 57.28 -11.19 -36.07
N MET A 534 57.45 -10.02 -35.42
CA MET A 534 56.51 -8.92 -35.58
C MET A 534 57.23 -7.61 -35.88
N ALA A 535 58.53 -7.66 -36.21
CA ALA A 535 59.26 -6.44 -36.53
C ALA A 535 58.78 -5.79 -37.82
N GLN A 536 58.22 -6.58 -38.74
CA GLN A 536 57.70 -6.02 -39.99
C GLN A 536 56.47 -5.16 -39.73
N HIS A 537 55.52 -5.69 -38.97
CA HIS A 537 54.27 -4.98 -38.69
C HIS A 537 54.41 -3.92 -37.60
N PHE A 538 55.63 -3.69 -37.08
CA PHE A 538 55.79 -2.71 -36.02
C PHE A 538 55.53 -1.29 -36.52
N ASN A 539 55.94 -0.98 -37.75
CA ASN A 539 55.72 0.35 -38.29
C ASN A 539 54.24 0.68 -38.35
N GLY A 540 53.41 -0.30 -38.73
CA GLY A 540 51.97 -0.08 -38.71
C GLY A 540 51.43 0.11 -37.31
N LEU A 541 51.99 -0.60 -36.33
CA LEU A 541 51.57 -0.43 -34.95
C LEU A 541 51.88 0.97 -34.44
N LEU A 542 53.05 1.50 -34.80
CA LEU A 542 53.42 2.85 -34.38
C LEU A 542 52.45 3.87 -34.95
N GLU A 543 52.03 3.69 -36.21
CA GLU A 543 51.08 4.60 -36.82
C GLU A 543 49.77 4.63 -36.05
N ILE A 544 49.34 3.47 -35.53
CA ILE A 544 48.16 3.43 -34.68
C ILE A 544 48.47 4.05 -33.33
N ALA A 545 49.70 3.90 -32.84
CA ALA A 545 50.06 4.45 -31.54
C ALA A 545 50.07 5.97 -31.56
N ARG A 546 50.50 6.56 -32.67
CA ARG A 546 50.50 8.02 -32.81
C ARG A 546 49.09 8.55 -32.79
N SER A 547 48.33 8.32 -33.86
CA SER A 547 46.95 8.78 -33.94
C SER A 547 46.02 7.88 -33.13
N LEU A 548 46.41 7.57 -31.90
CA LEU A 548 45.62 6.66 -31.08
C LEU A 548 44.36 7.34 -30.56
N ASP A 549 44.46 8.63 -30.21
CA ASP A 549 43.35 9.33 -29.58
C ASP A 549 42.16 9.50 -30.52
N SER A 550 42.39 9.44 -31.83
CA SER A 550 41.32 9.57 -32.81
C SER A 550 40.96 8.20 -33.37
N PHE A 551 40.37 7.37 -32.51
CA PHE A 551 40.00 6.01 -32.90
C PHE A 551 38.76 5.47 -32.20
N LEU A 552 38.08 6.25 -31.37
CA LEU A 552 36.89 5.79 -30.64
C LEU A 552 37.21 4.57 -29.78
N LEU A 553 38.41 4.54 -29.22
CA LEU A 553 38.84 3.45 -28.36
C LEU A 553 38.58 3.81 -26.91
N SER A 554 38.14 2.81 -26.13
CA SER A 554 38.00 2.99 -24.71
C SER A 554 39.37 3.20 -24.07
N PRO A 555 39.41 3.80 -22.88
CA PRO A 555 40.71 3.98 -22.20
C PRO A 555 41.46 2.67 -22.00
N GLU A 556 40.75 1.60 -21.65
CA GLU A 556 41.40 0.30 -21.48
C GLU A 556 41.94 -0.24 -22.80
N ALA A 557 41.15 -0.11 -23.86
CA ALA A 557 41.59 -0.61 -25.17
C ALA A 557 42.78 0.17 -25.69
N ALA A 558 42.82 1.49 -25.45
CA ALA A 558 43.94 2.29 -25.90
C ALA A 558 45.22 1.95 -25.13
N VAL A 559 45.10 1.74 -23.82
CA VAL A 559 46.25 1.36 -23.02
C VAL A 559 46.76 -0.02 -23.43
N GLY A 560 45.84 -0.99 -23.56
CA GLY A 560 46.22 -2.31 -24.00
C GLY A 560 46.83 -2.31 -25.40
N LEU A 561 46.39 -1.40 -26.26
CA LEU A 561 46.98 -1.29 -27.59
C LEU A 561 48.40 -0.75 -27.52
N LEU A 562 48.66 0.17 -26.58
CA LEU A 562 50.02 0.66 -26.39
C LEU A 562 50.91 -0.40 -25.76
N LYS A 563 50.35 -1.20 -24.86
CA LYS A 563 51.12 -2.29 -24.25
C LYS A 563 51.64 -3.25 -25.30
N GLY A 564 50.81 -3.60 -26.28
CA GLY A 564 51.26 -4.50 -27.33
C GLY A 564 52.36 -3.89 -28.16
N THR A 565 52.27 -2.60 -28.47
CA THR A 565 53.32 -1.94 -29.25
C THR A 565 54.62 -1.84 -28.47
N ALA A 566 54.55 -1.67 -27.15
CA ALA A 566 55.77 -1.59 -26.36
C ALA A 566 56.48 -2.93 -26.27
N LEU A 567 55.73 -4.04 -26.29
CA LEU A 567 56.35 -5.35 -26.19
C LEU A 567 57.15 -5.70 -27.45
N VAL A 568 56.57 -5.44 -28.63
CA VAL A 568 57.29 -5.72 -29.87
C VAL A 568 58.44 -4.74 -30.05
N LEU A 569 58.34 -3.55 -29.47
CA LEU A 569 59.40 -2.56 -29.59
C LEU A 569 60.65 -3.00 -28.85
N ALA A 570 60.49 -3.65 -27.69
CA ALA A 570 61.63 -4.03 -26.86
C ALA A 570 62.49 -5.09 -27.53
N ARG A 571 61.97 -5.82 -28.51
CA ARG A 571 62.75 -6.82 -29.22
C ARG A 571 63.57 -6.24 -30.36
N LEU A 572 63.35 -4.97 -30.71
CA LEU A 572 64.03 -4.33 -31.81
C LEU A 572 65.46 -3.97 -31.41
N PRO A 573 66.32 -3.63 -32.38
CA PRO A 573 67.67 -3.17 -32.04
C PRO A 573 67.63 -1.92 -31.17
N LEU A 574 68.70 -1.74 -30.40
CA LEU A 574 68.74 -0.67 -29.40
C LEU A 574 68.61 0.71 -30.04
N ASP A 575 69.07 0.87 -31.28
CA ASP A 575 68.98 2.16 -31.95
C ASP A 575 67.53 2.51 -32.28
N LYS A 576 66.80 1.57 -32.87
CA LYS A 576 65.42 1.82 -33.27
C LYS A 576 64.50 2.00 -32.07
N ILE A 577 64.87 1.48 -30.90
CA ILE A 577 64.01 1.58 -29.73
C ILE A 577 63.94 3.02 -29.23
N THR A 578 65.12 3.62 -29.00
CA THR A 578 65.15 4.99 -28.49
C THR A 578 64.64 5.99 -29.52
N GLU A 579 64.76 5.66 -30.82
CA GLU A 579 64.23 6.54 -31.85
C GLU A 579 62.71 6.57 -31.82
N CYS A 580 62.07 5.40 -31.85
CA CYS A 580 60.62 5.33 -31.85
C CYS A 580 60.01 5.70 -30.51
N LEU A 581 60.77 5.56 -29.41
CA LEU A 581 60.19 5.81 -28.10
C LEU A 581 59.90 7.29 -27.87
N SER A 582 60.80 8.17 -28.33
CA SER A 582 60.56 9.60 -28.19
C SER A 582 59.37 10.05 -29.02
N GLU A 583 59.13 9.41 -30.16
CA GLU A 583 57.95 9.73 -30.96
C GLU A 583 56.67 9.33 -30.24
N LEU A 584 56.62 8.09 -29.74
CA LEU A 584 55.41 7.59 -29.09
C LEU A 584 55.09 8.39 -27.82
N CYS A 585 56.11 8.90 -27.14
CA CYS A 585 55.86 9.66 -25.92
C CYS A 585 55.52 11.12 -26.23
N SER A 586 56.04 11.66 -27.32
CA SER A 586 55.80 13.08 -27.63
C SER A 586 54.33 13.35 -27.89
N VAL A 587 53.63 12.42 -28.54
CA VAL A 587 52.21 12.64 -28.80
C VAL A 587 51.42 12.70 -27.50
N GLN A 588 51.93 12.07 -26.44
CA GLN A 588 51.35 12.23 -25.12
C GLN A 588 51.93 13.42 -24.37
N VAL A 589 53.18 13.81 -24.68
CA VAL A 589 53.78 14.96 -24.03
C VAL A 589 53.18 16.26 -24.55
N MET A 590 53.03 16.37 -25.88
CA MET A 590 52.44 17.57 -26.45
C MET A 590 51.02 17.79 -25.95
N ALA A 591 50.24 16.70 -25.84
CA ALA A 591 48.89 16.84 -25.31
C ALA A 591 48.90 17.29 -23.87
N LEU A 592 49.91 16.88 -23.09
CA LEU A 592 50.02 17.34 -21.71
C LEU A 592 50.39 18.82 -21.64
N LYS A 593 51.18 19.30 -22.60
CA LYS A 593 51.49 20.72 -22.66
C LYS A 593 50.27 21.55 -23.06
N LYS A 594 49.40 20.98 -23.90
CA LYS A 594 48.19 21.69 -24.29
C LYS A 594 47.25 21.91 -23.11
N LEU A 595 47.20 20.95 -22.18
CA LEU A 595 46.32 21.07 -21.03
C LEU A 595 46.75 22.18 -20.08
N LEU A 596 47.98 22.67 -20.22
CA LEU A 596 48.49 23.78 -19.43
C LEU A 596 48.16 25.14 -20.04
N SER A 597 47.13 25.20 -20.88
CA SER A 597 46.74 26.45 -21.54
C SER A 597 45.25 26.39 -21.87
N GLN A 598 44.43 26.08 -20.87
CA GLN A 598 42.99 25.97 -21.07
C GLN A 598 42.25 27.12 -20.40
N SER A 605 36.97 19.64 -20.09
CA SER A 605 37.90 20.07 -19.06
C SER A 605 39.27 19.46 -19.26
N SER A 606 40.27 20.03 -18.61
CA SER A 606 41.67 19.56 -18.71
C SER A 606 41.87 18.45 -17.68
N ASP A 607 41.85 17.21 -18.16
CA ASP A 607 42.07 16.04 -17.31
C ASP A 607 43.22 15.23 -17.91
N PRO A 608 44.43 15.34 -17.36
CA PRO A 608 45.58 14.64 -17.92
C PRO A 608 45.64 13.14 -17.62
N THR A 609 44.61 12.59 -16.96
CA THR A 609 44.64 11.19 -16.55
C THR A 609 44.90 10.26 -17.73
N VAL A 610 44.26 10.53 -18.87
CA VAL A 610 44.39 9.63 -20.02
C VAL A 610 45.83 9.62 -20.53
N PHE A 611 46.46 10.79 -20.63
CA PHE A 611 47.80 10.86 -21.19
C PHE A 611 48.87 10.43 -20.18
N LEU A 612 48.60 10.58 -18.89
CA LEU A 612 49.50 10.05 -17.88
C LEU A 612 49.50 8.53 -17.89
N ASP A 613 48.32 7.91 -18.02
CA ASP A 613 48.25 6.46 -18.05
C ASP A 613 48.87 5.89 -19.32
N ARG A 614 48.80 6.64 -20.42
CA ARG A 614 49.40 6.16 -21.67
C ARG A 614 50.93 6.17 -21.59
N LEU A 615 51.49 7.21 -20.98
CA LEU A 615 52.93 7.20 -20.72
C LEU A 615 53.32 6.10 -19.75
N ALA A 616 52.43 5.77 -18.80
CA ALA A 616 52.74 4.75 -17.81
C ALA A 616 52.90 3.38 -18.47
N VAL A 617 51.93 2.97 -19.29
CA VAL A 617 51.97 1.66 -19.90
C VAL A 617 53.13 1.52 -20.87
N ILE A 618 53.62 2.63 -21.42
CA ILE A 618 54.77 2.57 -22.32
C ILE A 618 56.04 2.21 -21.55
N PHE A 619 56.26 2.87 -20.42
CA PHE A 619 57.44 2.59 -19.63
C PHE A 619 57.35 1.22 -18.95
N ARG A 620 56.14 0.78 -18.63
CA ARG A 620 55.97 -0.46 -17.87
C ARG A 620 56.42 -1.68 -18.68
N HIS A 621 56.16 -1.67 -19.99
CA HIS A 621 56.38 -2.85 -20.83
C HIS A 621 57.47 -2.62 -21.87
N THR A 622 58.34 -1.64 -21.68
CA THR A 622 59.47 -1.40 -22.56
C THR A 622 60.73 -1.86 -21.82
N ASN A 623 61.00 -3.16 -21.89
CA ASN A 623 62.11 -3.78 -21.18
C ASN A 623 63.01 -4.46 -22.21
N PRO A 624 63.90 -3.70 -22.85
CA PRO A 624 64.79 -4.29 -23.85
C PRO A 624 66.00 -4.95 -23.21
N ILE A 625 66.61 -5.84 -23.99
CA ILE A 625 67.81 -6.56 -23.56
C ILE A 625 68.99 -5.62 -23.72
N VAL A 626 69.39 -4.97 -22.62
CA VAL A 626 70.52 -4.05 -22.61
C VAL A 626 71.72 -4.82 -22.08
N GLU A 627 72.77 -4.94 -22.90
CA GLU A 627 73.95 -5.70 -22.54
C GLU A 627 75.20 -4.90 -22.88
N ASN A 628 76.35 -5.46 -22.54
CA ASN A 628 77.67 -4.91 -22.87
C ASN A 628 77.89 -3.51 -22.29
N GLY A 629 77.08 -3.13 -21.30
CA GLY A 629 77.19 -1.80 -20.73
C GLY A 629 76.68 -0.70 -21.64
N GLN A 630 75.60 -0.97 -22.38
CA GLN A 630 75.02 0.02 -23.26
C GLN A 630 74.11 0.97 -22.49
N THR A 631 73.83 2.12 -23.10
CA THR A 631 72.90 3.08 -22.51
C THR A 631 71.47 2.61 -22.69
N HIS A 632 70.66 2.81 -21.68
CA HIS A 632 69.27 2.36 -21.74
C HIS A 632 68.48 3.29 -22.66
N PRO A 633 67.71 2.75 -23.61
CA PRO A 633 66.99 3.61 -24.55
C PRO A 633 65.95 4.49 -23.90
N CYS A 634 65.41 4.08 -22.75
CA CYS A 634 64.36 4.85 -22.10
C CYS A 634 64.91 5.98 -21.23
N GLN A 635 66.18 5.93 -20.85
CA GLN A 635 66.75 6.96 -20.00
C GLN A 635 66.71 8.32 -20.69
N LYS A 636 67.05 8.37 -21.98
CA LYS A 636 67.03 9.63 -22.71
C LYS A 636 65.61 10.20 -22.77
N VAL A 637 64.61 9.34 -22.91
CA VAL A 637 63.23 9.79 -23.01
C VAL A 637 62.72 10.27 -21.65
N ILE A 638 63.29 9.76 -20.55
CA ILE A 638 62.84 10.15 -19.23
C ILE A 638 63.16 11.63 -18.97
N GLN A 639 64.30 12.11 -19.44
CA GLN A 639 64.65 13.52 -19.22
C GLN A 639 63.79 14.45 -20.05
N GLU A 640 63.35 14.01 -21.24
CA GLU A 640 62.42 14.81 -22.03
C GLU A 640 61.03 14.82 -21.40
N ILE A 641 60.62 13.70 -20.79
CA ILE A 641 59.29 13.57 -20.23
C ILE A 641 59.19 14.24 -18.86
N TRP A 642 60.31 14.36 -18.15
CA TRP A 642 60.27 14.84 -16.77
C TRP A 642 59.70 16.25 -16.62
N PRO A 643 60.13 17.27 -17.38
CA PRO A 643 59.65 18.64 -17.09
C PRO A 643 58.15 18.79 -17.22
N VAL A 644 57.54 18.21 -18.26
CA VAL A 644 56.09 18.33 -18.41
C VAL A 644 55.36 17.53 -17.34
N LEU A 645 55.94 16.42 -16.88
CA LEU A 645 55.35 15.67 -15.78
C LEU A 645 55.38 16.49 -14.49
N SER A 646 56.53 17.10 -14.19
CA SER A 646 56.63 17.93 -12.98
C SER A 646 55.71 19.14 -13.07
N GLU A 647 55.54 19.69 -14.28
CA GLU A 647 54.64 20.82 -14.45
C GLU A 647 53.19 20.40 -14.29
N THR A 648 52.83 19.23 -14.82
CA THR A 648 51.46 18.73 -14.66
C THR A 648 51.17 18.39 -13.21
N LEU A 649 52.16 17.83 -12.50
CA LEU A 649 51.94 17.43 -11.12
C LEU A 649 51.72 18.63 -10.22
N ASN A 650 52.43 19.73 -10.47
CA ASN A 650 52.33 20.89 -9.59
C ASN A 650 51.02 21.63 -9.78
N LYS A 651 50.43 21.57 -10.98
CA LYS A 651 49.15 22.24 -11.20
C LYS A 651 48.03 21.53 -10.45
N HIS A 652 47.90 20.22 -10.65
CA HIS A 652 46.86 19.42 -10.01
C HIS A 652 47.29 18.86 -8.67
N ARG A 653 48.19 19.55 -7.96
CA ARG A 653 48.73 19.02 -6.70
C ARG A 653 47.66 18.85 -5.64
N ALA A 654 46.50 19.49 -5.80
CA ALA A 654 45.43 19.38 -4.81
C ALA A 654 44.48 18.23 -5.09
N ASP A 655 44.48 17.69 -6.31
CA ASP A 655 43.61 16.58 -6.68
C ASP A 655 44.36 15.28 -6.41
N ASN A 656 43.87 14.51 -5.44
CA ASN A 656 44.53 13.26 -5.09
C ASN A 656 44.50 12.26 -6.24
N ARG A 657 43.44 12.27 -7.04
CA ARG A 657 43.34 11.31 -8.14
C ARG A 657 44.36 11.59 -9.23
N ILE A 658 44.55 12.86 -9.60
CA ILE A 658 45.48 13.18 -10.67
C ILE A 658 46.92 13.02 -10.17
N VAL A 659 47.18 13.38 -8.91
CA VAL A 659 48.49 13.14 -8.33
C VAL A 659 48.79 11.65 -8.28
N GLU A 660 47.76 10.84 -8.01
CA GLU A 660 47.94 9.40 -7.96
C GLU A 660 48.40 8.84 -9.30
N ARG A 661 47.81 9.34 -10.40
CA ARG A 661 48.21 8.87 -11.72
C ARG A 661 49.56 9.44 -12.14
N CYS A 662 49.93 10.62 -11.61
CA CYS A 662 51.24 11.18 -11.88
C CYS A 662 52.33 10.31 -11.27
N CYS A 663 52.20 9.99 -9.99
CA CYS A 663 53.18 9.13 -9.33
C CYS A 663 53.17 7.72 -9.92
N ARG A 664 52.01 7.26 -10.39
CA ARG A 664 51.96 5.96 -11.05
C ARG A 664 52.80 5.96 -12.33
N CYS A 665 52.75 7.05 -13.09
CA CYS A 665 53.59 7.17 -14.27
C CYS A 665 55.06 7.31 -13.87
N LEU A 666 55.34 8.09 -12.83
CA LEU A 666 56.71 8.22 -12.34
C LEU A 666 57.23 6.90 -11.80
N ARG A 667 56.35 6.08 -11.22
CA ARG A 667 56.76 4.78 -10.72
C ARG A 667 57.35 3.91 -11.82
N PHE A 668 56.58 3.68 -12.88
CA PHE A 668 57.06 2.82 -13.96
C PHE A 668 58.19 3.45 -14.75
N ALA A 669 58.33 4.78 -14.71
CA ALA A 669 59.47 5.42 -15.34
C ALA A 669 60.76 5.07 -14.62
N VAL A 670 60.75 5.15 -13.28
CA VAL A 670 61.93 4.81 -12.50
C VAL A 670 62.21 3.32 -12.56
N ARG A 671 61.16 2.50 -12.47
CA ARG A 671 61.33 1.04 -12.55
C ARG A 671 61.98 0.64 -13.88
N CYS A 672 61.56 1.28 -14.97
CA CYS A 672 62.06 0.89 -16.29
C CYS A 672 63.54 1.18 -16.43
N VAL A 673 64.00 2.34 -15.94
CA VAL A 673 65.40 2.72 -16.10
C VAL A 673 66.26 2.09 -15.02
N GLY A 674 65.74 1.98 -13.81
CA GLY A 674 66.49 1.41 -12.71
C GLY A 674 67.41 2.41 -12.04
N LYS A 675 68.65 1.99 -11.75
CA LYS A 675 69.60 2.90 -11.12
C LYS A 675 69.99 4.05 -12.05
N GLY A 676 69.73 3.92 -13.35
CA GLY A 676 69.88 5.03 -14.26
C GLY A 676 68.87 6.12 -13.96
N SER A 677 68.97 7.20 -14.73
CA SER A 677 68.13 8.38 -14.55
C SER A 677 68.26 8.95 -13.14
N ALA A 678 69.49 8.91 -12.60
CA ALA A 678 69.76 9.49 -11.29
C ALA A 678 69.68 11.01 -11.30
N ALA A 679 69.61 11.64 -12.48
CA ALA A 679 69.47 13.09 -12.54
C ALA A 679 68.13 13.53 -11.97
N LEU A 680 67.08 12.72 -12.15
CA LEU A 680 65.76 13.07 -11.64
C LEU A 680 65.64 12.92 -10.13
N LEU A 681 66.67 12.43 -9.44
CA LEU A 681 66.57 12.21 -8.00
C LEU A 681 66.33 13.52 -7.25
N GLN A 682 67.22 14.50 -7.43
CA GLN A 682 67.09 15.75 -6.69
C GLN A 682 65.83 16.53 -7.04
N PRO A 683 65.48 16.76 -8.31
CA PRO A 683 64.27 17.55 -8.58
C PRO A 683 62.98 16.85 -8.18
N LEU A 684 62.92 15.52 -8.30
CA LEU A 684 61.69 14.82 -7.93
C LEU A 684 61.50 14.80 -6.42
N VAL A 685 62.55 14.43 -5.67
CA VAL A 685 62.45 14.39 -4.21
C VAL A 685 62.11 15.77 -3.66
N THR A 686 62.71 16.82 -4.23
CA THR A 686 62.43 18.17 -3.78
C THR A 686 60.95 18.52 -4.00
N GLN A 687 60.42 18.20 -5.18
CA GLN A 687 59.02 18.47 -5.45
C GLN A 687 58.11 17.61 -4.58
N MET A 688 58.51 16.36 -4.33
CA MET A 688 57.70 15.48 -3.49
C MET A 688 57.54 16.03 -2.08
N VAL A 689 58.64 16.47 -1.47
CA VAL A 689 58.58 16.97 -0.10
C VAL A 689 57.76 18.26 -0.04
N ASN A 690 57.90 19.14 -1.03
CA ASN A 690 57.18 20.41 -1.00
C ASN A 690 55.68 20.20 -1.16
N VAL A 691 55.28 19.37 -2.12
CA VAL A 691 53.85 19.13 -2.34
C VAL A 691 53.25 18.38 -1.15
N TYR A 692 54.00 17.44 -0.57
CA TYR A 692 53.48 16.68 0.55
C TYR A 692 53.35 17.51 1.82
N HIS A 693 54.00 18.68 1.86
CA HIS A 693 53.90 19.52 3.06
C HIS A 693 52.52 20.17 3.18
N VAL A 694 51.87 20.48 2.06
CA VAL A 694 50.55 21.09 2.07
C VAL A 694 49.46 20.05 1.86
N HIS A 695 49.61 19.19 0.85
CA HIS A 695 48.65 18.13 0.55
C HIS A 695 49.32 16.80 0.85
N GLN A 696 48.81 16.09 1.87
CA GLN A 696 49.43 14.85 2.34
C GLN A 696 48.87 13.65 1.58
N HIS A 697 49.13 13.63 0.27
CA HIS A 697 48.78 12.48 -0.55
C HIS A 697 49.71 11.32 -0.21
N SER A 698 49.13 10.19 0.22
CA SER A 698 49.94 9.06 0.67
C SER A 698 50.76 8.44 -0.47
N CYS A 699 50.41 8.71 -1.74
CA CYS A 699 51.15 8.14 -2.85
C CYS A 699 52.55 8.72 -2.98
N PHE A 700 52.86 9.81 -2.28
CA PHE A 700 54.25 10.27 -2.22
C PHE A 700 55.09 9.37 -1.33
N LEU A 701 54.50 8.84 -0.26
CA LEU A 701 55.21 7.86 0.56
C LEU A 701 55.48 6.58 -0.22
N TYR A 702 54.54 6.19 -1.09
CA TYR A 702 54.76 5.01 -1.92
C TYR A 702 55.81 5.28 -2.98
N LEU A 703 55.75 6.44 -3.63
CA LEU A 703 56.75 6.79 -4.63
C LEU A 703 58.14 6.86 -4.00
N GLY A 704 58.22 7.35 -2.76
CA GLY A 704 59.49 7.33 -2.06
C GLY A 704 60.01 5.92 -1.83
N SER A 705 59.10 4.97 -1.58
CA SER A 705 59.51 3.59 -1.39
C SER A 705 60.10 3.02 -2.67
N ILE A 706 59.59 3.42 -3.83
CA ILE A 706 60.17 2.98 -5.10
C ILE A 706 61.58 3.52 -5.25
N LEU A 707 61.79 4.80 -4.90
CA LEU A 707 63.13 5.38 -4.97
C LEU A 707 64.08 4.65 -4.02
N VAL A 708 63.62 4.38 -2.80
CA VAL A 708 64.46 3.66 -1.85
C VAL A 708 64.72 2.24 -2.33
N ASP A 709 63.72 1.61 -2.95
CA ASP A 709 63.92 0.25 -3.46
C ASP A 709 64.91 0.21 -4.62
N GLU A 710 65.02 1.31 -5.38
CA GLU A 710 65.86 1.36 -6.55
C GLU A 710 67.24 1.97 -6.31
N TYR A 711 67.38 2.81 -5.28
CA TYR A 711 68.65 3.47 -5.00
C TYR A 711 69.15 3.23 -3.59
N GLY A 712 68.50 2.34 -2.82
CA GLY A 712 68.86 2.16 -1.43
C GLY A 712 70.20 1.48 -1.22
N MET A 713 70.70 0.74 -2.21
CA MET A 713 71.96 0.03 -2.09
C MET A 713 73.17 0.85 -2.49
N GLU A 714 72.96 2.01 -3.13
CA GLU A 714 74.07 2.86 -3.54
C GLU A 714 74.40 3.84 -2.41
N GLU A 715 75.65 3.79 -1.93
CA GLU A 715 76.03 4.55 -0.75
C GLU A 715 75.88 6.05 -0.95
N GLY A 716 76.05 6.53 -2.18
CA GLY A 716 75.93 7.94 -2.46
C GLY A 716 74.52 8.50 -2.35
N CYS A 717 73.51 7.64 -2.26
CA CYS A 717 72.12 8.08 -2.19
C CYS A 717 71.48 7.85 -0.83
N ARG A 718 72.14 7.14 0.07
CA ARG A 718 71.52 6.77 1.34
C ARG A 718 71.23 7.98 2.21
N GLN A 719 72.06 9.03 2.12
CA GLN A 719 71.82 10.22 2.93
C GLN A 719 70.65 11.03 2.38
N GLY A 720 70.60 11.19 1.06
CA GLY A 720 69.49 11.94 0.47
C GLY A 720 68.15 11.24 0.66
N LEU A 721 68.15 9.91 0.61
CA LEU A 721 66.92 9.16 0.85
C LEU A 721 66.49 9.27 2.30
N LEU A 722 67.46 9.23 3.23
CA LEU A 722 67.11 9.39 4.64
C LEU A 722 66.58 10.79 4.93
N ASP A 723 67.12 11.80 4.26
CA ASP A 723 66.57 13.16 4.41
C ASP A 723 65.15 13.23 3.88
N MET A 724 64.86 12.50 2.79
CA MET A 724 63.50 12.44 2.27
C MET A 724 62.56 11.76 3.28
N LEU A 725 63.02 10.68 3.91
CA LEU A 725 62.20 10.00 4.89
C LEU A 725 61.91 10.90 6.08
N GLN A 726 62.95 11.55 6.63
CA GLN A 726 62.74 12.46 7.75
C GLN A 726 61.86 13.63 7.35
N ALA A 727 61.91 14.05 6.09
CA ALA A 727 61.06 15.15 5.65
C ALA A 727 59.61 14.71 5.52
N LEU A 728 59.37 13.56 4.90
CA LEU A 728 58.00 13.10 4.68
C LEU A 728 57.33 12.64 5.97
N CYS A 729 58.11 12.30 6.99
CA CYS A 729 57.51 11.82 8.24
C CYS A 729 56.95 12.94 9.10
N ILE A 730 57.40 14.18 8.90
CA ILE A 730 56.93 15.30 9.73
C ILE A 730 55.45 15.58 9.46
N PRO A 731 55.01 15.74 8.21
CA PRO A 731 53.55 15.91 8.00
C PRO A 731 52.78 14.63 8.21
N THR A 732 53.43 13.47 8.05
CA THR A 732 52.73 12.20 8.23
C THR A 732 52.34 11.98 9.69
N PHE A 733 53.28 12.25 10.61
CA PHE A 733 52.99 12.05 12.03
C PHE A 733 51.90 13.01 12.52
N GLN A 734 51.94 14.26 12.05
CA GLN A 734 50.89 15.21 12.42
C GLN A 734 49.53 14.75 11.90
N LEU A 735 49.51 14.05 10.76
CA LEU A 735 48.25 13.49 10.26
C LEU A 735 47.78 12.33 11.13
N LEU A 736 48.71 11.56 11.71
CA LEU A 736 48.37 10.42 12.53
C LEU A 736 48.12 10.78 13.99
N GLU A 737 48.70 11.89 14.47
CA GLU A 737 48.48 12.32 15.85
C GLU A 737 47.07 12.85 16.07
N GLN A 738 46.33 13.15 15.01
CA GLN A 738 44.94 13.59 15.14
C GLN A 738 44.12 12.52 15.83
N GLN A 739 42.98 12.94 16.39
CA GLN A 739 42.09 12.01 17.04
C GLN A 739 41.54 11.02 16.02
N ASN A 740 41.67 9.73 16.32
CA ASN A 740 41.35 8.65 15.38
C ASN A 740 42.14 8.82 14.08
N GLY A 741 43.41 9.24 14.21
CA GLY A 741 44.23 9.48 13.04
C GLY A 741 44.52 8.21 12.27
N LEU A 742 44.74 7.10 12.98
CA LEU A 742 45.01 5.83 12.31
C LEU A 742 43.80 5.36 11.51
N GLN A 743 42.60 5.43 12.11
CA GLN A 743 41.40 4.96 11.43
C GLN A 743 41.00 5.89 10.29
N ASN A 744 41.34 7.17 10.38
CA ASN A 744 40.94 8.13 9.36
C ASN A 744 41.91 8.21 8.19
N HIS A 745 43.15 7.76 8.36
CA HIS A 745 44.16 7.80 7.30
C HIS A 745 44.84 6.43 7.18
N PRO A 746 44.09 5.41 6.77
CA PRO A 746 44.72 4.07 6.63
C PRO A 746 45.65 3.97 5.43
N ASP A 747 45.37 4.69 4.35
CA ASP A 747 46.27 4.67 3.20
C ASP A 747 47.62 5.31 3.53
N THR A 748 47.62 6.32 4.40
CA THR A 748 48.88 6.90 4.86
C THR A 748 49.66 5.89 5.69
N VAL A 749 48.98 5.15 6.56
CA VAL A 749 49.65 4.11 7.34
C VAL A 749 50.20 3.03 6.42
N ASP A 750 49.43 2.66 5.38
CA ASP A 750 49.87 1.65 4.43
C ASP A 750 51.15 2.08 3.72
N ASP A 751 51.12 3.24 3.06
CA ASP A 751 52.27 3.68 2.28
C ASP A 751 53.46 4.09 3.14
N LEU A 752 53.22 4.49 4.38
CA LEU A 752 54.34 4.83 5.27
C LEU A 752 55.22 3.62 5.55
N PHE A 753 54.60 2.50 5.92
CA PHE A 753 55.38 1.32 6.23
C PHE A 753 55.75 0.51 5.00
N ARG A 754 55.17 0.84 3.84
CA ARG A 754 55.78 0.41 2.59
C ARG A 754 57.13 1.09 2.40
N LEU A 755 57.19 2.40 2.68
CA LEU A 755 58.44 3.13 2.61
C LEU A 755 59.44 2.65 3.66
N ALA A 756 58.95 2.38 4.88
CA ALA A 756 59.84 1.90 5.93
C ALA A 756 60.33 0.48 5.65
N THR A 757 59.49 -0.35 5.03
CA THR A 757 59.91 -1.71 4.68
C THR A 757 61.02 -1.69 3.63
N ARG A 758 60.82 -0.91 2.57
CA ARG A 758 61.85 -0.79 1.55
C ARG A 758 63.14 -0.21 2.11
N PHE A 759 63.02 0.64 3.14
CA PHE A 759 64.21 1.20 3.76
C PHE A 759 64.94 0.16 4.58
N ILE A 760 64.20 -0.64 5.35
CA ILE A 760 64.84 -1.59 6.25
C ILE A 760 65.47 -2.76 5.50
N GLN A 761 65.12 -2.96 4.23
CA GLN A 761 65.68 -4.06 3.46
C GLN A 761 66.72 -3.62 2.45
N ARG A 762 66.81 -2.33 2.14
CA ARG A 762 67.83 -1.81 1.23
C ARG A 762 69.00 -1.17 1.97
N SER A 763 68.75 -0.48 3.07
CA SER A 763 69.81 0.14 3.88
C SER A 763 69.35 0.17 5.33
N PRO A 764 69.43 -0.97 6.03
CA PRO A 764 68.94 -0.98 7.42
C PRO A 764 69.81 -0.20 8.37
N VAL A 765 71.14 -0.25 8.20
CA VAL A 765 72.02 0.47 9.13
C VAL A 765 71.79 1.96 9.06
N THR A 766 71.46 2.47 7.86
CA THR A 766 71.17 3.89 7.72
C THR A 766 69.92 4.28 8.50
N LEU A 767 68.92 3.41 8.51
CA LEU A 767 67.67 3.70 9.21
C LEU A 767 67.78 3.47 10.70
N LEU A 768 68.37 2.33 11.10
CA LEU A 768 68.43 1.98 12.52
C LEU A 768 69.28 2.96 13.31
N ARG A 769 70.26 3.60 12.68
CA ARG A 769 71.11 4.56 13.36
C ARG A 769 70.63 5.99 13.22
N SER A 770 69.41 6.21 12.72
CA SER A 770 68.86 7.54 12.58
C SER A 770 67.94 7.85 13.76
N GLN A 771 67.47 9.10 13.80
CA GLN A 771 66.58 9.55 14.86
C GLN A 771 65.12 9.31 14.53
N VAL A 772 64.77 9.28 13.24
CA VAL A 772 63.38 9.09 12.84
C VAL A 772 62.92 7.64 12.97
N VAL A 773 63.84 6.71 13.21
CA VAL A 773 63.45 5.31 13.37
C VAL A 773 62.70 5.09 14.68
N ILE A 774 62.89 5.96 15.67
CA ILE A 774 62.22 5.83 16.97
C ILE A 774 60.73 6.12 16.81
N PRO A 775 60.31 7.23 16.20
CA PRO A 775 58.86 7.42 15.99
C PRO A 775 58.24 6.40 15.06
N ILE A 776 58.97 5.94 14.04
CA ILE A 776 58.43 4.92 13.15
C ILE A 776 58.16 3.64 13.93
N LEU A 777 59.07 3.26 14.82
CA LEU A 777 58.87 2.06 15.63
C LEU A 777 57.66 2.21 16.54
N GLN A 778 57.48 3.40 17.12
CA GLN A 778 56.33 3.60 18.02
C GLN A 778 55.02 3.58 17.24
N TRP A 779 55.01 4.15 16.03
CA TRP A 779 53.79 4.10 15.22
C TRP A 779 53.53 2.70 14.68
N ALA A 780 54.58 1.91 14.46
CA ALA A 780 54.40 0.54 14.01
C ALA A 780 53.66 -0.28 15.06
N ILE A 781 54.03 -0.14 16.33
CA ILE A 781 53.36 -0.87 17.40
C ILE A 781 51.92 -0.37 17.56
N ALA A 782 51.71 0.94 17.38
CA ALA A 782 50.37 1.49 17.52
C ALA A 782 49.47 1.13 16.34
N SER A 783 50.04 0.91 15.16
CA SER A 783 49.26 0.65 13.96
C SER A 783 48.72 -0.77 13.89
N THR A 784 49.15 -1.67 14.77
CA THR A 784 48.64 -3.03 14.74
C THR A 784 47.18 -3.13 15.17
N THR A 785 46.65 -2.10 15.81
CA THR A 785 45.25 -2.10 16.22
C THR A 785 44.30 -1.71 15.09
N LEU A 786 44.82 -1.25 13.96
CA LEU A 786 43.99 -0.74 12.88
C LEU A 786 43.39 -1.89 12.08
N ASP A 787 42.06 -1.94 12.01
CA ASP A 787 41.35 -2.96 11.25
C ASP A 787 41.27 -2.51 9.80
N HIS A 788 42.30 -2.86 9.03
CA HIS A 788 42.38 -2.47 7.63
C HIS A 788 43.30 -3.46 6.93
N ARG A 789 42.80 -4.06 5.84
CA ARG A 789 43.51 -5.17 5.21
C ARG A 789 44.88 -4.74 4.70
N ASP A 790 44.93 -3.69 3.88
CA ASP A 790 46.19 -3.27 3.28
C ASP A 790 47.10 -2.59 4.29
N ALA A 791 46.52 -1.82 5.21
CA ALA A 791 47.34 -1.13 6.20
C ALA A 791 47.98 -2.13 7.17
N ASN A 792 47.20 -3.09 7.66
CA ASN A 792 47.75 -4.06 8.60
C ASN A 792 48.80 -4.95 7.95
N CYS A 793 48.58 -5.33 6.69
CA CYS A 793 49.57 -6.15 5.99
C CYS A 793 50.90 -5.43 5.86
N SER A 794 50.85 -4.12 5.63
CA SER A 794 52.08 -3.35 5.46
C SER A 794 52.82 -3.19 6.78
N VAL A 795 52.09 -2.98 7.88
CA VAL A 795 52.73 -2.82 9.19
C VAL A 795 53.37 -4.13 9.63
N MET A 796 52.65 -5.24 9.49
CA MET A 796 53.20 -6.53 9.90
C MET A 796 54.41 -6.90 9.05
N ARG A 797 54.38 -6.56 7.75
CA ARG A 797 55.52 -6.84 6.88
C ARG A 797 56.74 -6.04 7.31
N PHE A 798 56.54 -4.81 7.78
CA PHE A 798 57.65 -4.00 8.26
C PHE A 798 58.25 -4.58 9.53
N LEU A 799 57.41 -4.92 10.52
CA LEU A 799 57.90 -5.51 11.75
C LEU A 799 58.63 -6.82 11.48
N ARG A 800 58.13 -7.61 10.52
CA ARG A 800 58.76 -8.88 10.21
C ARG A 800 60.16 -8.68 9.66
N ASP A 801 60.31 -7.77 8.68
CA ASP A 801 61.61 -7.56 8.05
C ASP A 801 62.55 -6.78 8.96
N LEU A 802 62.02 -5.93 9.83
CA LEU A 802 62.86 -5.21 10.79
C LEU A 802 63.55 -6.18 11.75
N ILE A 803 62.78 -7.11 12.31
CA ILE A 803 63.36 -8.08 13.25
C ILE A 803 64.22 -9.09 12.49
N HIS A 804 63.84 -9.43 11.26
CA HIS A 804 64.65 -10.35 10.46
C HIS A 804 66.03 -9.77 10.15
N THR A 805 66.20 -8.46 10.30
CA THR A 805 67.48 -7.83 9.99
C THR A 805 68.60 -8.36 10.89
N GLY A 806 68.28 -8.73 12.13
CA GLY A 806 69.29 -9.26 13.01
C GLY A 806 69.62 -10.71 12.82
N VAL A 807 69.20 -11.31 11.70
CA VAL A 807 69.40 -12.73 11.42
C VAL A 807 69.82 -12.89 9.96
N ALA A 808 69.27 -12.06 9.09
CA ALA A 808 69.47 -12.20 7.66
C ALA A 808 70.90 -11.91 7.25
N ASN A 809 71.41 -12.70 6.29
CA ASN A 809 72.72 -12.51 5.69
C ASN A 809 73.82 -12.48 6.74
N ASP A 810 73.96 -13.60 7.46
CA ASP A 810 75.01 -13.71 8.48
C ASP A 810 76.40 -13.72 7.87
N HIS A 811 76.52 -13.96 6.55
CA HIS A 811 77.81 -13.93 5.88
C HIS A 811 78.30 -12.51 5.61
N GLU A 812 77.41 -11.52 5.63
CA GLU A 812 77.77 -10.16 5.28
C GLU A 812 78.72 -9.56 6.32
N GLU A 813 79.41 -8.50 5.90
CA GLU A 813 80.41 -7.86 6.77
C GLU A 813 79.74 -7.14 7.93
N ASP A 814 78.62 -6.47 7.68
CA ASP A 814 77.91 -5.69 8.68
C ASP A 814 76.91 -6.52 9.49
N PHE A 815 77.12 -7.83 9.60
CA PHE A 815 76.17 -8.67 10.33
C PHE A 815 76.20 -8.38 11.82
N GLU A 816 77.39 -8.21 12.39
CA GLU A 816 77.48 -7.95 13.82
C GLU A 816 76.87 -6.60 14.19
N LEU A 817 76.98 -5.60 13.30
CA LEU A 817 76.37 -4.31 13.58
C LEU A 817 74.85 -4.39 13.54
N ARG A 818 74.30 -5.12 12.56
CA ARG A 818 72.85 -5.29 12.50
C ARG A 818 72.35 -6.11 13.68
N LYS A 819 73.09 -7.15 14.07
CA LYS A 819 72.72 -7.92 15.25
C LYS A 819 72.69 -7.05 16.51
N GLU A 820 73.68 -6.17 16.65
CA GLU A 820 73.73 -5.25 17.78
C GLU A 820 72.60 -4.22 17.71
N LEU A 821 72.37 -3.67 16.52
CA LEU A 821 71.33 -2.64 16.39
C LEU A 821 69.93 -3.22 16.63
N ILE A 822 69.70 -4.46 16.22
CA ILE A 822 68.41 -5.08 16.46
C ILE A 822 68.27 -5.48 17.93
N GLY A 823 69.38 -5.77 18.60
CA GLY A 823 69.32 -6.06 20.02
C GLY A 823 68.83 -4.88 20.84
N GLN A 824 69.14 -3.65 20.41
CA GLN A 824 68.61 -2.47 21.08
C GLN A 824 67.09 -2.38 20.90
N VAL A 825 66.60 -2.69 19.71
CA VAL A 825 65.16 -2.67 19.47
C VAL A 825 64.47 -3.77 20.28
N MET A 826 65.12 -4.92 20.42
CA MET A 826 64.54 -6.02 21.18
C MET A 826 64.46 -5.70 22.66
N ASN A 827 65.43 -4.99 23.20
CA ASN A 827 65.44 -4.72 24.63
C ASN A 827 64.42 -3.68 25.04
N GLN A 828 64.31 -2.59 24.29
CA GLN A 828 63.41 -1.52 24.70
C GLN A 828 61.97 -1.75 24.26
N LEU A 829 61.77 -2.45 23.14
CA LEU A 829 60.44 -2.60 22.57
C LEU A 829 60.00 -4.06 22.41
N GLY A 830 60.85 -5.02 22.77
CA GLY A 830 60.48 -6.41 22.57
C GLY A 830 59.26 -6.84 23.36
N GLN A 831 59.24 -6.51 24.66
CA GLN A 831 58.11 -6.89 25.50
C GLN A 831 56.84 -6.15 25.08
N GLN A 832 56.96 -4.87 24.72
CA GLN A 832 55.80 -4.10 24.32
C GLN A 832 55.22 -4.62 23.00
N LEU A 833 56.08 -5.08 22.10
CA LEU A 833 55.62 -5.58 20.80
C LEU A 833 54.85 -6.89 20.96
N VAL A 834 55.38 -7.82 21.75
CA VAL A 834 54.71 -9.11 21.94
C VAL A 834 53.36 -8.91 22.61
N SER A 835 53.26 -7.95 23.52
CA SER A 835 51.99 -7.72 24.20
C SER A 835 50.97 -7.06 23.27
N GLN A 836 51.43 -6.16 22.39
CA GLN A 836 50.51 -5.51 21.46
C GLN A 836 50.07 -6.47 20.36
N LEU A 837 50.98 -7.34 19.91
CA LEU A 837 50.61 -8.34 18.91
C LEU A 837 49.59 -9.33 19.47
N LEU A 838 49.79 -9.76 20.72
CA LEU A 838 48.81 -10.65 21.34
C LEU A 838 47.50 -9.93 21.60
N HIS A 839 47.54 -8.63 21.90
CA HIS A 839 46.33 -7.88 22.19
C HIS A 839 45.48 -7.69 20.94
N THR A 840 46.11 -7.34 19.81
CA THR A 840 45.32 -7.09 18.60
C THR A 840 44.76 -8.38 18.02
N CYS A 841 45.43 -9.52 18.23
CA CYS A 841 44.93 -10.78 17.70
C CYS A 841 43.67 -11.24 18.43
N CYS A 842 43.55 -10.91 19.72
CA CYS A 842 42.44 -11.41 20.53
C CYS A 842 41.27 -10.45 20.60
N PHE A 843 41.48 -9.16 20.32
CA PHE A 843 40.42 -8.18 20.56
C PHE A 843 40.17 -7.26 19.37
N CYS A 844 41.21 -6.96 18.59
CA CYS A 844 41.14 -5.90 17.58
C CYS A 844 41.03 -6.40 16.15
N LEU A 845 41.70 -7.50 15.80
CA LEU A 845 41.78 -7.78 14.37
C LEU A 845 41.03 -9.05 14.00
N PRO A 846 40.41 -9.09 12.83
CA PRO A 846 39.80 -10.33 12.32
C PRO A 846 40.87 -11.36 12.02
N PRO A 847 40.47 -12.63 11.81
CA PRO A 847 41.47 -13.71 11.70
C PRO A 847 42.40 -13.61 10.49
N TYR A 848 42.17 -12.68 9.56
CA TYR A 848 43.01 -12.63 8.37
C TYR A 848 44.43 -12.16 8.67
N THR A 849 44.65 -11.53 9.83
CA THR A 849 45.97 -11.04 10.19
C THR A 849 46.83 -12.07 10.89
N LEU A 850 46.27 -13.23 11.27
CA LEU A 850 47.02 -14.20 12.05
C LEU A 850 48.29 -14.69 11.35
N PRO A 851 48.27 -15.05 10.06
CA PRO A 851 49.54 -15.46 9.43
C PRO A 851 50.59 -14.35 9.43
N ASP A 852 50.18 -13.10 9.29
CA ASP A 852 51.14 -12.00 9.31
C ASP A 852 51.72 -11.81 10.71
N VAL A 853 50.87 -11.87 11.74
CA VAL A 853 51.35 -11.75 13.12
C VAL A 853 52.24 -12.94 13.46
N ALA A 854 51.87 -14.14 12.99
CA ALA A 854 52.67 -15.32 13.28
C ALA A 854 54.07 -15.21 12.70
N GLU A 855 54.20 -14.57 11.53
CA GLU A 855 55.52 -14.38 10.95
C GLU A 855 56.36 -13.42 11.79
N VAL A 856 55.74 -12.42 12.41
CA VAL A 856 56.49 -11.51 13.27
C VAL A 856 56.94 -12.22 14.53
N LEU A 857 56.02 -12.98 15.16
CA LEU A 857 56.38 -13.74 16.35
C LEU A 857 57.46 -14.77 16.03
N TRP A 858 57.41 -15.35 14.83
CA TRP A 858 58.44 -16.31 14.44
C TRP A 858 59.82 -15.66 14.34
N GLU A 859 59.87 -14.42 13.83
CA GLU A 859 61.15 -13.74 13.72
C GLU A 859 61.70 -13.37 15.08
N ILE A 860 60.83 -13.01 16.04
CA ILE A 860 61.30 -12.67 17.38
C ILE A 860 61.93 -13.89 18.04
N MET A 861 61.38 -15.08 17.77
CA MET A 861 61.98 -16.29 18.32
C MET A 861 63.30 -16.62 17.65
N GLN A 862 63.49 -16.18 16.39
CA GLN A 862 64.76 -16.43 15.72
C GLN A 862 65.88 -15.60 16.33
N VAL A 863 65.57 -14.38 16.76
CA VAL A 863 66.59 -13.49 17.32
C VAL A 863 66.97 -13.94 18.73
N ASP A 864 65.96 -14.19 19.58
CA ASP A 864 66.21 -14.56 20.97
C ASP A 864 65.00 -15.38 21.45
N ARG A 865 65.11 -16.71 21.34
CA ARG A 865 63.97 -17.56 21.67
C ARG A 865 63.73 -17.65 23.17
N PRO A 866 64.71 -17.92 24.03
CA PRO A 866 64.41 -18.00 25.47
C PRO A 866 63.86 -16.71 26.04
N THR A 867 64.30 -15.55 25.55
CA THR A 867 63.73 -14.30 26.01
C THR A 867 62.29 -14.13 25.53
N PHE A 868 61.96 -14.68 24.36
CA PHE A 868 60.59 -14.62 23.87
C PHE A 868 59.64 -15.40 24.78
N CYS A 869 60.11 -16.55 25.29
CA CYS A 869 59.29 -17.33 26.21
C CYS A 869 58.92 -16.51 27.44
N ARG A 870 59.84 -15.65 27.90
CA ARG A 870 59.55 -14.82 29.05
C ARG A 870 58.60 -13.68 28.67
N TRP A 871 58.81 -13.07 27.51
CA TRP A 871 57.92 -12.00 27.06
C TRP A 871 56.50 -12.52 26.83
N LEU A 872 56.38 -13.73 26.27
CA LEU A 872 55.07 -14.28 26.00
C LEU A 872 54.37 -14.69 27.29
N GLU A 873 55.12 -15.27 28.24
CA GLU A 873 54.54 -15.64 29.52
C GLU A 873 54.00 -14.42 30.26
N ASN A 874 54.71 -13.29 30.17
CA ASN A 874 54.22 -12.07 30.82
C ASN A 874 52.95 -11.58 30.16
N SER A 875 52.93 -11.51 28.83
CA SER A 875 51.74 -11.02 28.13
C SER A 875 50.53 -11.90 28.38
N LEU A 876 50.73 -13.20 28.54
CA LEU A 876 49.62 -14.11 28.83
C LEU A 876 49.07 -13.86 30.23
N LYS A 877 49.94 -13.65 31.22
CA LYS A 877 49.48 -13.38 32.58
C LYS A 877 48.69 -12.08 32.65
N GLY A 878 49.17 -11.04 31.99
CA GLY A 878 48.49 -9.76 32.00
C GLY A 878 47.54 -9.57 30.84
N LEU A 879 46.70 -10.56 30.59
CA LEU A 879 45.74 -10.52 29.50
C LEU A 879 44.34 -10.66 30.05
N PRO A 880 43.38 -9.82 29.62
CA PRO A 880 42.02 -9.94 30.12
C PRO A 880 41.40 -11.30 29.80
N LYS A 881 41.52 -12.24 30.73
CA LYS A 881 40.97 -13.58 30.57
C LYS A 881 39.47 -13.60 30.90
N GLU A 882 38.72 -12.79 30.15
CA GLU A 882 37.30 -12.66 30.39
C GLU A 882 36.60 -12.18 29.12
N THR A 883 35.41 -12.71 28.86
CA THR A 883 34.55 -12.23 27.79
C THR A 883 33.27 -11.65 28.38
N VAL A 888 34.34 -19.82 31.98
CA VAL A 888 35.71 -20.17 31.61
C VAL A 888 36.06 -19.60 30.23
N THR A 889 36.48 -18.33 30.21
CA THR A 889 36.83 -17.70 28.94
C THR A 889 38.14 -18.25 28.40
N VAL A 890 39.18 -18.26 29.23
CA VAL A 890 40.47 -18.85 28.88
C VAL A 890 40.92 -19.67 30.08
N THR A 891 40.94 -20.99 29.94
CA THR A 891 41.36 -21.85 31.04
C THR A 891 42.87 -21.85 31.18
N HIS A 892 43.35 -22.38 32.30
CA HIS A 892 44.79 -22.45 32.52
C HIS A 892 45.45 -23.41 31.53
N LYS A 893 44.77 -24.51 31.21
CA LYS A 893 45.30 -25.44 30.22
C LYS A 893 45.37 -24.80 28.84
N GLN A 894 44.42 -23.91 28.52
CA GLN A 894 44.45 -23.25 27.23
C GLN A 894 45.56 -22.21 27.16
N LEU A 895 45.81 -21.49 28.27
CA LEU A 895 46.97 -20.61 28.31
C LEU A 895 48.27 -21.40 28.23
N THR A 896 48.34 -22.52 28.97
CA THR A 896 49.55 -23.32 29.00
C THR A 896 49.84 -23.94 27.64
N ASP A 897 48.83 -24.55 27.02
CA ASP A 897 49.04 -25.18 25.72
C ASP A 897 49.43 -24.16 24.66
N PHE A 898 48.86 -22.96 24.72
CA PHE A 898 49.21 -21.93 23.73
C PHE A 898 50.67 -21.54 23.85
N HIS A 899 51.13 -21.26 25.08
CA HIS A 899 52.53 -20.93 25.27
C HIS A 899 53.45 -22.07 24.84
N LYS A 900 53.02 -23.31 25.06
CA LYS A 900 53.82 -24.45 24.66
C LYS A 900 53.87 -24.59 23.14
N GLN A 901 52.73 -24.45 22.47
CA GLN A 901 52.68 -24.64 21.02
C GLN A 901 53.47 -23.57 20.28
N VAL A 902 53.50 -22.34 20.81
CA VAL A 902 54.23 -21.27 20.14
C VAL A 902 55.73 -21.41 20.37
N THR A 903 56.14 -21.56 21.63
CA THR A 903 57.57 -21.55 21.94
C THR A 903 58.26 -22.83 21.48
N SER A 904 57.54 -23.96 21.41
CA SER A 904 58.12 -25.21 20.96
C SER A 904 57.76 -25.52 19.51
N ALA A 905 57.63 -24.48 18.69
CA ALA A 905 57.29 -24.65 17.28
C ALA A 905 58.55 -24.78 16.44
N GLU A 906 58.53 -25.73 15.51
CA GLU A 906 59.65 -25.94 14.59
C GLU A 906 59.45 -25.27 13.25
N GLU A 907 58.22 -24.91 12.90
CA GLU A 907 57.92 -24.20 11.68
C GLU A 907 57.02 -23.01 11.99
N CYS A 908 57.01 -22.03 11.09
CA CYS A 908 56.16 -20.86 11.30
C CYS A 908 54.67 -21.22 11.23
N LYS A 909 54.32 -22.30 10.55
CA LYS A 909 52.92 -22.71 10.47
C LYS A 909 52.38 -23.09 11.85
N GLN A 910 53.23 -23.67 12.71
CA GLN A 910 52.77 -24.08 14.03
C GLN A 910 52.42 -22.88 14.89
N VAL A 911 53.17 -21.77 14.74
CA VAL A 911 52.82 -20.55 15.45
C VAL A 911 51.49 -20.01 14.97
N CYS A 912 51.22 -20.14 13.67
CA CYS A 912 49.94 -19.67 13.13
C CYS A 912 48.78 -20.51 13.64
N TRP A 913 48.95 -21.85 13.66
CA TRP A 913 47.89 -22.72 14.16
C TRP A 913 47.61 -22.45 15.64
N ALA A 914 48.65 -22.20 16.42
CA ALA A 914 48.44 -21.88 17.83
C ALA A 914 47.66 -20.58 18.00
N LEU A 915 47.89 -19.61 17.10
CA LEU A 915 47.13 -18.36 17.16
C LEU A 915 45.67 -18.60 16.81
N ARG A 916 45.39 -19.48 15.83
CA ARG A 916 44.01 -19.74 15.44
C ARG A 916 43.22 -20.31 16.61
N ASP A 917 43.75 -21.34 17.27
CA ASP A 917 43.03 -21.97 18.36
C ASP A 917 42.85 -21.01 19.54
N PHE A 918 43.91 -20.27 19.89
CA PHE A 918 43.85 -19.41 21.06
C PHE A 918 42.98 -18.18 20.80
N THR A 919 43.17 -17.52 19.65
CA THR A 919 42.37 -16.35 19.32
C THR A 919 40.89 -16.69 19.14
N ARG A 920 40.59 -17.93 18.73
CA ARG A 920 39.20 -18.36 18.57
C ARG A 920 38.43 -18.27 19.87
N LEU A 921 39.12 -18.37 21.01
CA LEU A 921 38.46 -18.37 22.32
C LEU A 921 37.80 -17.04 22.64
N PHE A 922 38.24 -15.94 22.02
CA PHE A 922 37.76 -14.61 22.37
C PHE A 922 36.65 -14.12 21.45
N ARG A 923 36.29 -14.88 20.42
CA ARG A 923 35.23 -14.45 19.51
C ARG A 923 34.05 -15.42 19.56
N GLU B 2 -29.54 11.69 -50.95
CA GLU B 2 -29.55 12.66 -49.85
C GLU B 2 -30.70 12.38 -48.88
N GLY B 3 -31.26 13.45 -48.32
CA GLY B 3 -32.35 13.34 -47.38
C GLY B 3 -32.63 14.67 -46.71
N ALA B 4 -33.86 14.88 -46.25
CA ALA B 4 -34.23 16.15 -45.62
C ALA B 4 -33.43 16.33 -44.33
N LYS B 5 -32.69 17.43 -44.24
CA LYS B 5 -31.85 17.75 -43.10
C LYS B 5 -31.95 19.24 -42.80
N PRO B 6 -31.87 19.63 -41.54
CA PRO B 6 -31.78 21.06 -41.21
C PRO B 6 -30.46 21.64 -41.70
N THR B 7 -30.48 22.93 -42.00
CA THR B 7 -29.34 23.59 -42.60
C THR B 7 -28.61 24.46 -41.57
N LEU B 8 -27.33 24.71 -41.84
CA LEU B 8 -26.51 25.49 -40.91
C LEU B 8 -27.07 26.90 -40.73
N GLN B 9 -27.55 27.51 -41.82
CA GLN B 9 -28.15 28.84 -41.71
C GLN B 9 -29.31 28.85 -40.75
N LEU B 10 -30.13 27.79 -40.77
CA LEU B 10 -31.34 27.76 -39.96
C LEU B 10 -31.01 27.68 -38.47
N VAL B 11 -29.97 26.92 -38.10
CA VAL B 11 -29.64 26.81 -36.68
C VAL B 11 -28.92 28.06 -36.18
N TYR B 12 -28.10 28.69 -37.01
CA TYR B 12 -27.46 29.95 -36.59
C TYR B 12 -28.51 31.01 -36.28
N GLN B 13 -29.57 31.09 -37.10
CA GLN B 13 -30.66 32.02 -36.81
C GLN B 13 -31.39 31.62 -35.53
N ALA B 14 -31.48 30.33 -35.23
CA ALA B 14 -32.14 29.89 -34.02
C ALA B 14 -31.28 30.13 -32.79
N VAL B 15 -29.97 29.91 -32.90
CA VAL B 15 -29.07 30.17 -31.78
C VAL B 15 -29.01 31.66 -31.48
N GLN B 16 -28.94 32.50 -32.52
CA GLN B 16 -28.94 33.95 -32.30
C GLN B 16 -30.24 34.40 -31.65
N ALA B 17 -31.37 33.85 -32.12
CA ALA B 17 -32.65 34.20 -31.51
C ALA B 17 -32.75 33.69 -30.08
N LEU B 18 -32.03 32.61 -29.75
CA LEU B 18 -32.06 32.08 -28.40
C LEU B 18 -31.50 33.07 -27.38
N TYR B 19 -30.54 33.89 -27.79
CA TYR B 19 -29.88 34.82 -26.88
C TYR B 19 -30.27 36.28 -27.08
N HIS B 20 -30.66 36.69 -28.28
CA HIS B 20 -30.79 38.11 -28.59
C HIS B 20 -32.16 38.43 -29.18
N ASP B 21 -33.18 37.64 -28.85
CA ASP B 21 -34.50 37.98 -29.37
C ASP B 21 -35.23 38.88 -28.39
N PRO B 22 -35.72 40.04 -28.82
CA PRO B 22 -36.49 40.90 -27.89
C PRO B 22 -37.79 40.26 -27.44
N ASP B 23 -38.45 39.51 -28.31
CA ASP B 23 -39.69 38.82 -27.95
C ASP B 23 -39.38 37.66 -27.02
N PRO B 24 -39.90 37.66 -25.79
CA PRO B 24 -39.63 36.52 -24.88
C PRO B 24 -40.20 35.20 -25.38
N SER B 25 -41.30 35.24 -26.13
CA SER B 25 -41.83 34.03 -26.74
C SER B 25 -41.08 33.64 -28.01
N GLY B 26 -40.26 34.54 -28.56
CA GLY B 26 -39.48 34.19 -29.73
C GLY B 26 -38.28 33.33 -29.42
N LYS B 27 -37.71 33.46 -28.22
CA LYS B 27 -36.57 32.65 -27.84
C LYS B 27 -36.97 31.31 -27.24
N GLU B 28 -38.16 31.21 -26.64
CA GLU B 28 -38.65 29.91 -26.22
C GLU B 28 -39.12 29.09 -27.42
N ARG B 29 -39.56 29.76 -28.49
CA ARG B 29 -39.89 29.05 -29.71
C ARG B 29 -38.62 28.51 -30.38
N ALA B 30 -37.52 29.25 -30.29
CA ALA B 30 -36.23 28.76 -30.77
C ALA B 30 -35.63 27.72 -29.82
N SER B 31 -35.85 27.89 -28.51
CA SER B 31 -35.35 26.91 -27.55
C SER B 31 -36.01 25.54 -27.75
N PHE B 32 -37.32 25.54 -28.05
CA PHE B 32 -38.02 24.27 -28.25
C PHE B 32 -37.46 23.54 -29.48
N TRP B 33 -37.24 24.26 -30.58
CA TRP B 33 -36.74 23.62 -31.79
C TRP B 33 -35.31 23.13 -31.62
N LEU B 34 -34.46 23.93 -30.96
CA LEU B 34 -33.09 23.50 -30.72
C LEU B 34 -33.04 22.26 -29.85
N GLY B 35 -33.97 22.14 -28.90
CA GLY B 35 -34.06 20.91 -28.13
C GLY B 35 -34.45 19.72 -28.98
N GLU B 36 -35.38 19.92 -29.93
CA GLU B 36 -35.73 18.86 -30.86
C GLU B 36 -34.54 18.48 -31.73
N LEU B 37 -33.73 19.47 -32.11
CA LEU B 37 -32.54 19.20 -32.91
C LEU B 37 -31.53 18.34 -32.14
N GLN B 38 -31.35 18.63 -30.85
CA GLN B 38 -30.36 17.90 -30.05
C GLN B 38 -30.74 16.43 -29.89
N ARG B 39 -32.04 16.11 -29.90
CA ARG B 39 -32.51 14.75 -29.73
C ARG B 39 -32.66 13.99 -31.03
N SER B 40 -32.20 14.55 -32.15
CA SER B 40 -32.33 13.95 -33.46
C SER B 40 -30.98 13.46 -33.97
N VAL B 41 -31.03 12.66 -35.03
CA VAL B 41 -29.81 12.16 -35.66
C VAL B 41 -29.06 13.29 -36.36
N HIS B 42 -29.74 14.41 -36.64
CA HIS B 42 -29.08 15.52 -37.32
C HIS B 42 -28.07 16.22 -36.43
N ALA B 43 -28.12 16.01 -35.11
CA ALA B 43 -27.29 16.76 -34.20
C ALA B 43 -25.81 16.40 -34.31
N TRP B 44 -25.50 15.18 -34.78
CA TRP B 44 -24.11 14.76 -34.90
C TRP B 44 -23.36 15.67 -35.86
N GLU B 45 -23.86 15.81 -37.10
CA GLU B 45 -23.14 16.57 -38.11
C GLU B 45 -23.25 18.06 -37.87
N ILE B 46 -24.40 18.53 -37.39
CA ILE B 46 -24.59 19.96 -37.14
C ILE B 46 -23.60 20.45 -36.08
N SER B 47 -23.42 19.66 -35.01
CA SER B 47 -22.49 20.04 -33.96
C SER B 47 -21.05 20.06 -34.47
N ASP B 48 -20.66 19.05 -35.25
CA ASP B 48 -19.31 19.00 -35.80
C ASP B 48 -19.01 20.23 -36.65
N GLN B 49 -19.96 20.61 -37.50
CA GLN B 49 -19.72 21.73 -38.43
C GLN B 49 -19.71 23.07 -37.70
N LEU B 50 -20.55 23.23 -36.69
CA LEU B 50 -20.53 24.46 -35.90
C LEU B 50 -19.20 24.61 -35.15
N LEU B 51 -18.63 23.49 -34.70
CA LEU B 51 -17.35 23.55 -34.00
C LEU B 51 -16.19 23.80 -34.96
N GLN B 52 -16.35 23.42 -36.23
CA GLN B 52 -15.30 23.68 -37.21
C GLN B 52 -15.31 25.13 -37.69
N ILE B 53 -16.51 25.73 -37.78
CA ILE B 53 -16.60 27.10 -38.27
C ILE B 53 -16.10 28.09 -37.23
N ARG B 54 -16.41 27.85 -35.95
CA ARG B 54 -16.00 28.71 -34.84
C ARG B 54 -16.48 30.14 -35.06
N GLN B 55 -17.79 30.30 -35.28
CA GLN B 55 -18.32 31.62 -35.60
C GLN B 55 -18.33 32.52 -34.37
N ASP B 56 -18.88 32.05 -33.27
CA ASP B 56 -18.99 32.85 -32.05
C ASP B 56 -19.06 31.93 -30.85
N VAL B 57 -19.24 32.53 -29.68
CA VAL B 57 -19.25 31.75 -28.44
C VAL B 57 -20.58 31.03 -28.27
N GLU B 58 -21.68 31.65 -28.68
CA GLU B 58 -23.00 31.05 -28.50
C GLU B 58 -23.15 29.78 -29.33
N SER B 59 -22.78 29.85 -30.61
CA SER B 59 -22.92 28.68 -31.48
C SER B 59 -21.97 27.56 -31.06
N CYS B 60 -20.76 27.90 -30.63
CA CYS B 60 -19.80 26.88 -30.23
C CYS B 60 -20.21 26.22 -28.93
N TYR B 61 -20.81 26.98 -28.00
CA TYR B 61 -21.28 26.39 -26.75
C TYR B 61 -22.45 25.44 -27.00
N PHE B 62 -23.39 25.83 -27.85
CA PHE B 62 -24.51 24.95 -28.17
C PHE B 62 -24.03 23.67 -28.84
N ALA B 63 -23.05 23.78 -29.74
CA ALA B 63 -22.53 22.59 -30.41
C ALA B 63 -21.79 21.69 -29.44
N ALA B 64 -21.01 22.27 -28.54
CA ALA B 64 -20.26 21.45 -27.57
C ALA B 64 -21.20 20.70 -26.63
N GLN B 65 -22.20 21.40 -26.10
CA GLN B 65 -23.17 20.75 -25.22
C GLN B 65 -23.94 19.67 -25.95
N THR B 66 -24.32 19.93 -27.21
CA THR B 66 -25.06 18.93 -27.97
C THR B 66 -24.21 17.69 -28.24
N MET B 67 -22.93 17.89 -28.57
CA MET B 67 -22.03 16.75 -28.73
C MET B 67 -21.95 15.92 -27.45
N LYS B 68 -21.84 16.58 -26.29
CA LYS B 68 -21.79 15.85 -25.03
C LYS B 68 -23.06 15.05 -24.81
N MET B 69 -24.21 15.71 -24.98
CA MET B 69 -25.49 15.03 -24.74
C MET B 69 -25.67 13.83 -25.67
N LYS B 70 -25.27 13.98 -26.93
CA LYS B 70 -25.43 12.87 -27.87
C LYS B 70 -24.50 11.70 -27.56
N ILE B 71 -23.29 11.99 -27.06
CA ILE B 71 -22.36 10.91 -26.75
C ILE B 71 -22.81 10.13 -25.52
N GLN B 72 -23.44 10.80 -24.55
CA GLN B 72 -23.83 10.12 -23.33
C GLN B 72 -25.22 9.51 -23.38
N THR B 73 -26.10 10.00 -24.27
CA THR B 73 -27.46 9.46 -24.37
C THR B 73 -27.72 8.70 -25.65
N SER B 74 -26.98 8.94 -26.72
CA SER B 74 -27.28 8.36 -28.02
C SER B 74 -26.02 7.81 -28.67
N PHE B 75 -25.15 7.20 -27.87
CA PHE B 75 -23.91 6.64 -28.42
C PHE B 75 -24.15 5.44 -29.31
N TYR B 76 -25.29 4.76 -29.16
CA TYR B 76 -25.60 3.61 -30.01
C TYR B 76 -25.79 3.99 -31.47
N GLU B 77 -26.13 5.25 -31.75
CA GLU B 77 -26.36 5.68 -33.12
C GLU B 77 -25.07 5.71 -33.94
N LEU B 78 -23.92 5.77 -33.30
CA LEU B 78 -22.66 5.83 -34.03
C LEU B 78 -22.25 4.45 -34.49
N PRO B 79 -21.89 4.27 -35.76
CA PRO B 79 -21.24 3.03 -36.18
C PRO B 79 -19.85 2.94 -35.58
N THR B 80 -19.45 1.72 -35.20
CA THR B 80 -18.14 1.51 -34.58
C THR B 80 -17.02 1.97 -35.50
N ASP B 81 -17.25 1.99 -36.81
CA ASP B 81 -16.26 2.48 -37.76
C ASP B 81 -15.92 3.94 -37.52
N SER B 82 -16.85 4.71 -36.97
CA SER B 82 -16.67 6.15 -36.80
C SER B 82 -16.26 6.55 -35.39
N HIS B 83 -15.94 5.59 -34.52
CA HIS B 83 -15.54 5.92 -33.16
C HIS B 83 -14.23 6.69 -33.14
N ALA B 84 -13.22 6.20 -33.88
CA ALA B 84 -11.92 6.87 -33.89
C ALA B 84 -12.00 8.23 -34.55
N SER B 85 -12.84 8.37 -35.58
CA SER B 85 -12.97 9.66 -36.25
C SER B 85 -13.59 10.71 -35.34
N LEU B 86 -14.57 10.31 -34.52
CA LEU B 86 -15.19 11.27 -33.60
C LEU B 86 -14.21 11.71 -32.54
N ARG B 87 -13.38 10.78 -32.04
CA ARG B 87 -12.39 11.14 -31.02
C ARG B 87 -11.39 12.17 -31.55
N ASP B 88 -10.86 11.92 -32.75
CA ASP B 88 -9.89 12.85 -33.33
C ASP B 88 -10.54 14.20 -33.61
N SER B 89 -11.81 14.20 -34.04
CA SER B 89 -12.52 15.45 -34.25
C SER B 89 -12.68 16.23 -32.96
N LEU B 90 -13.06 15.54 -31.88
CA LEU B 90 -13.25 16.20 -30.59
C LEU B 90 -11.92 16.74 -30.06
N LEU B 91 -10.85 15.97 -30.18
CA LEU B 91 -9.54 16.46 -29.76
C LEU B 91 -9.12 17.67 -30.57
N THR B 92 -9.45 17.69 -31.86
CA THR B 92 -9.16 18.87 -32.68
C THR B 92 -9.99 20.06 -32.23
N HIS B 93 -11.27 19.83 -31.90
CA HIS B 93 -12.15 20.92 -31.54
C HIS B 93 -11.72 21.59 -30.24
N ILE B 94 -11.28 20.79 -29.26
CA ILE B 94 -10.89 21.38 -27.98
C ILE B 94 -9.55 22.10 -28.09
N GLN B 95 -8.70 21.70 -29.04
CA GLN B 95 -7.47 22.45 -29.29
C GLN B 95 -7.77 23.84 -29.84
N ASN B 96 -8.65 23.92 -30.83
CA ASN B 96 -8.95 25.20 -31.46
C ASN B 96 -9.76 26.10 -30.54
N LEU B 97 -10.59 25.53 -29.68
CA LEU B 97 -11.50 26.31 -28.84
C LEU B 97 -11.04 26.38 -27.39
N LYS B 98 -9.76 26.08 -27.11
CA LYS B 98 -9.29 26.07 -25.74
C LYS B 98 -9.26 27.48 -25.13
N ASP B 99 -9.16 28.51 -25.96
CA ASP B 99 -9.09 29.88 -25.48
C ASP B 99 -10.36 30.68 -25.77
N LEU B 100 -11.36 30.07 -26.38
CA LEU B 100 -12.58 30.82 -26.73
C LEU B 100 -13.40 31.13 -25.48
N SER B 101 -13.67 30.11 -24.66
CA SER B 101 -14.44 30.30 -23.43
C SER B 101 -14.25 29.07 -22.56
N PRO B 102 -14.06 29.23 -21.25
CA PRO B 102 -13.89 28.05 -20.39
C PRO B 102 -15.12 27.17 -20.31
N VAL B 103 -16.32 27.76 -20.40
CA VAL B 103 -17.54 26.96 -20.31
C VAL B 103 -17.68 26.04 -21.51
N ILE B 104 -17.12 26.43 -22.66
CA ILE B 104 -17.14 25.55 -23.82
C ILE B 104 -16.15 24.41 -23.65
N VAL B 105 -15.02 24.68 -23.00
CA VAL B 105 -13.99 23.66 -22.83
C VAL B 105 -14.48 22.53 -21.95
N THR B 106 -15.25 22.85 -20.90
CA THR B 106 -15.76 21.81 -20.01
C THR B 106 -16.70 20.87 -20.76
N GLN B 107 -17.57 21.42 -21.62
CA GLN B 107 -18.47 20.59 -22.40
C GLN B 107 -17.69 19.64 -23.31
N LEU B 108 -16.66 20.16 -23.98
CA LEU B 108 -15.84 19.32 -24.84
C LEU B 108 -15.07 18.29 -24.02
N ALA B 109 -14.59 18.68 -22.83
CA ALA B 109 -13.92 17.72 -21.96
C ALA B 109 -14.87 16.61 -21.53
N LEU B 110 -16.10 16.98 -21.15
CA LEU B 110 -17.09 15.97 -20.77
C LEU B 110 -17.42 15.06 -21.94
N ALA B 111 -17.46 15.61 -23.16
CA ALA B 111 -17.70 14.80 -24.34
C ALA B 111 -16.56 13.81 -24.59
N ILE B 112 -15.32 14.29 -24.46
CA ILE B 112 -14.16 13.40 -24.65
C ILE B 112 -14.14 12.33 -23.57
N ALA B 113 -14.48 12.71 -22.33
CA ALA B 113 -14.51 11.74 -21.24
C ALA B 113 -15.60 10.70 -21.45
N ASP B 114 -16.82 11.13 -21.74
CA ASP B 114 -17.92 10.20 -21.98
C ASP B 114 -17.64 9.32 -23.20
N LEU B 115 -16.96 9.86 -24.20
CA LEU B 115 -16.59 9.03 -25.36
C LEU B 115 -15.56 7.98 -24.97
N ALA B 116 -14.56 8.36 -24.17
CA ALA B 116 -13.56 7.39 -23.73
C ALA B 116 -14.19 6.26 -22.93
N LEU B 117 -15.10 6.60 -22.01
CA LEU B 117 -15.71 5.59 -21.16
C LEU B 117 -16.53 4.57 -21.95
N GLN B 118 -17.02 4.94 -23.13
CA GLN B 118 -17.83 4.04 -23.95
C GLN B 118 -17.06 3.46 -25.13
N MET B 119 -15.75 3.71 -25.22
CA MET B 119 -14.92 3.24 -26.33
C MET B 119 -13.80 2.40 -25.76
N PRO B 120 -14.02 1.09 -25.58
CA PRO B 120 -12.95 0.24 -25.03
C PRO B 120 -11.74 0.11 -25.93
N SER B 121 -11.88 0.39 -27.23
CA SER B 121 -10.74 0.32 -28.13
C SER B 121 -9.70 1.40 -27.84
N TRP B 122 -10.10 2.49 -27.17
CA TRP B 122 -9.15 3.53 -26.76
C TRP B 122 -8.52 3.10 -25.43
N LYS B 123 -7.62 2.13 -25.52
CA LYS B 123 -6.97 1.60 -24.33
C LYS B 123 -5.89 2.56 -23.85
N GLY B 124 -5.85 2.76 -22.54
CA GLY B 124 -4.90 3.68 -21.94
C GLY B 124 -5.10 5.11 -22.40
N CYS B 125 -6.35 5.58 -22.37
CA CYS B 125 -6.65 6.92 -22.87
C CYS B 125 -5.95 7.99 -22.04
N VAL B 126 -5.84 7.78 -20.73
CA VAL B 126 -5.17 8.76 -19.88
C VAL B 126 -3.72 8.92 -20.30
N GLN B 127 -3.05 7.81 -20.60
CA GLN B 127 -1.65 7.87 -21.01
C GLN B 127 -1.49 8.61 -22.34
N THR B 128 -2.30 8.27 -23.33
CA THR B 128 -2.19 8.93 -24.63
C THR B 128 -2.49 10.42 -24.53
N LEU B 129 -3.44 10.80 -23.68
CA LEU B 129 -3.82 12.21 -23.57
C LEU B 129 -2.72 13.03 -22.93
N VAL B 130 -2.07 12.50 -21.89
CA VAL B 130 -1.09 13.32 -21.16
C VAL B 130 0.19 13.46 -21.97
N GLU B 131 0.67 12.38 -22.58
CA GLU B 131 1.91 12.45 -23.36
C GLU B 131 1.70 13.05 -24.74
N LYS B 132 0.56 13.68 -25.00
CA LYS B 132 0.33 14.44 -26.21
C LYS B 132 0.14 15.93 -25.98
N TYR B 133 -0.32 16.33 -24.78
CA TYR B 133 -0.62 17.73 -24.53
C TYR B 133 0.10 18.31 -23.30
N SER B 134 0.86 17.50 -22.57
CA SER B 134 1.51 18.00 -21.36
C SER B 134 2.66 18.96 -21.67
N ASN B 135 3.26 18.87 -22.86
CA ASN B 135 4.41 19.70 -23.20
C ASN B 135 4.01 21.10 -23.66
N ASP B 136 2.75 21.32 -23.98
CA ASP B 136 2.25 22.64 -24.38
C ASP B 136 1.59 23.29 -23.17
N VAL B 137 2.17 24.42 -22.71
CA VAL B 137 1.65 25.09 -21.53
C VAL B 137 0.24 25.62 -21.77
N THR B 138 -0.09 25.92 -23.03
CA THR B 138 -1.44 26.37 -23.37
C THR B 138 -2.43 25.22 -23.48
N SER B 139 -1.95 23.98 -23.56
CA SER B 139 -2.82 22.80 -23.62
C SER B 139 -3.08 22.18 -22.25
N LEU B 140 -2.36 22.62 -21.21
CA LEU B 140 -2.53 22.07 -19.87
C LEU B 140 -3.91 22.33 -19.27
N PRO B 141 -4.48 23.54 -19.40
CA PRO B 141 -5.81 23.77 -18.80
C PRO B 141 -6.88 22.77 -19.24
N PHE B 142 -6.98 22.47 -20.54
CA PHE B 142 -8.00 21.51 -20.97
C PHE B 142 -7.55 20.08 -20.76
N LEU B 143 -6.24 19.82 -20.68
CA LEU B 143 -5.79 18.48 -20.34
C LEU B 143 -6.18 18.11 -18.91
N LEU B 144 -6.03 19.07 -17.98
CA LEU B 144 -6.46 18.82 -16.60
C LEU B 144 -7.97 18.70 -16.49
N GLU B 145 -8.69 19.51 -17.28
CA GLU B 145 -10.15 19.44 -17.28
C GLU B 145 -10.64 18.05 -17.69
N ILE B 146 -10.02 17.48 -18.73
CA ILE B 146 -10.39 16.13 -19.15
C ILE B 146 -10.08 15.13 -18.05
N LEU B 147 -8.89 15.24 -17.46
CA LEU B 147 -8.50 14.33 -16.38
C LEU B 147 -9.27 14.60 -15.09
N THR B 148 -9.94 15.75 -14.97
CA THR B 148 -10.77 16.01 -13.81
C THR B 148 -12.15 15.37 -13.96
N VAL B 149 -12.78 15.57 -15.12
CA VAL B 149 -14.15 15.09 -15.31
C VAL B 149 -14.20 13.60 -15.68
N LEU B 150 -13.09 13.02 -16.13
CA LEU B 150 -13.10 11.60 -16.48
C LEU B 150 -13.43 10.71 -15.29
N PRO B 151 -12.81 10.86 -14.11
CA PRO B 151 -13.25 10.06 -12.96
C PRO B 151 -14.66 10.39 -12.50
N GLU B 152 -15.08 11.65 -12.63
CA GLU B 152 -16.43 12.02 -12.22
C GLU B 152 -17.49 11.28 -13.04
N GLU B 153 -17.25 11.11 -14.34
CA GLU B 153 -18.22 10.47 -15.22
C GLU B 153 -18.21 8.96 -15.12
N VAL B 154 -17.27 8.37 -14.39
CA VAL B 154 -17.25 6.92 -14.22
C VAL B 154 -18.51 6.45 -13.50
N HIS B 155 -19.00 7.26 -12.55
CA HIS B 155 -20.21 6.93 -11.80
C HIS B 155 -21.40 7.80 -12.19
N SER B 156 -21.35 8.42 -13.37
CA SER B 156 -22.45 9.26 -13.81
C SER B 156 -23.69 8.41 -14.10
N ARG B 157 -24.82 8.77 -13.47
CA ARG B 157 -26.05 8.05 -13.70
C ARG B 157 -26.55 8.20 -15.13
N SER B 158 -26.17 9.27 -15.83
CA SER B 158 -26.61 9.52 -17.19
C SER B 158 -25.82 8.75 -18.24
N LEU B 159 -25.08 7.73 -17.85
CA LEU B 159 -24.26 6.96 -18.78
C LEU B 159 -24.65 5.49 -18.84
N ARG B 160 -24.99 4.88 -17.70
CA ARG B 160 -25.50 3.51 -17.64
C ARG B 160 -24.50 2.51 -18.22
N ILE B 161 -23.24 2.64 -17.79
CA ILE B 161 -22.24 1.63 -18.11
C ILE B 161 -22.39 0.47 -17.13
N GLY B 162 -22.02 -0.73 -17.59
CA GLY B 162 -22.16 -1.90 -16.76
C GLY B 162 -21.26 -1.87 -15.53
N ALA B 163 -21.62 -2.68 -14.54
CA ALA B 163 -20.79 -2.80 -13.35
C ALA B 163 -19.49 -3.54 -13.66
N ASN B 164 -19.50 -4.48 -14.60
CA ASN B 164 -18.27 -5.14 -15.00
C ASN B 164 -17.35 -4.20 -15.76
N ARG B 165 -17.91 -3.42 -16.69
CA ARG B 165 -17.11 -2.43 -17.41
C ARG B 165 -16.55 -1.38 -16.46
N ARG B 166 -17.37 -0.92 -15.50
CA ARG B 166 -16.92 0.11 -14.57
C ARG B 166 -15.77 -0.37 -13.70
N THR B 167 -15.73 -1.67 -13.38
CA THR B 167 -14.60 -2.21 -12.64
C THR B 167 -13.33 -2.21 -13.49
N GLU B 168 -13.47 -2.53 -14.79
CA GLU B 168 -12.34 -2.42 -15.70
C GLU B 168 -11.84 -0.98 -15.79
N ILE B 169 -12.76 -0.02 -15.90
CA ILE B 169 -12.37 1.38 -16.01
C ILE B 169 -11.59 1.82 -14.77
N ILE B 170 -12.12 1.50 -13.59
CA ILE B 170 -11.54 2.01 -12.35
C ILE B 170 -10.14 1.42 -12.14
N GLU B 171 -9.97 0.12 -12.40
CA GLU B 171 -8.64 -0.47 -12.23
C GLU B 171 -7.69 -0.11 -13.36
N ASP B 172 -8.22 0.35 -14.50
CA ASP B 172 -7.35 0.87 -15.56
C ASP B 172 -6.94 2.30 -15.26
N LEU B 173 -7.85 3.11 -14.70
CA LEU B 173 -7.50 4.45 -14.28
C LEU B 173 -6.52 4.42 -13.12
N ALA B 174 -6.66 3.44 -12.22
CA ALA B 174 -5.72 3.30 -11.12
C ALA B 174 -4.33 2.92 -11.63
N PHE B 175 -4.27 2.15 -12.72
CA PHE B 175 -2.97 1.75 -13.28
C PHE B 175 -2.19 2.95 -13.79
N TYR B 176 -2.88 4.00 -14.24
CA TYR B 176 -2.25 5.21 -14.73
C TYR B 176 -2.32 6.35 -13.72
N SER B 177 -2.68 6.07 -12.47
CA SER B 177 -2.77 7.12 -11.47
C SER B 177 -1.41 7.72 -11.16
N SER B 178 -0.33 6.95 -11.32
CA SER B 178 1.01 7.48 -11.07
C SER B 178 1.35 8.58 -12.07
N THR B 179 0.96 8.42 -13.34
CA THR B 179 1.35 9.39 -14.36
C THR B 179 0.55 10.68 -14.23
N VAL B 180 -0.71 10.60 -13.81
CA VAL B 180 -1.49 11.83 -13.64
C VAL B 180 -1.04 12.60 -12.40
N VAL B 181 -0.66 11.88 -11.33
CA VAL B 181 -0.11 12.55 -10.16
C VAL B 181 1.23 13.19 -10.51
N SER B 182 2.07 12.50 -11.29
CA SER B 182 3.33 13.08 -11.72
C SER B 182 3.12 14.31 -12.59
N LEU B 183 2.06 14.32 -13.40
CA LEU B 183 1.74 15.49 -14.20
C LEU B 183 1.33 16.66 -13.31
N LEU B 184 0.55 16.40 -12.26
CA LEU B 184 0.12 17.47 -11.37
C LEU B 184 1.29 18.09 -10.63
N MET B 185 2.29 17.28 -10.26
CA MET B 185 3.47 17.83 -9.61
C MET B 185 4.27 18.72 -10.55
N THR B 186 4.36 18.34 -11.83
CA THR B 186 5.00 19.21 -12.81
C THR B 186 4.19 20.48 -13.01
N CYS B 187 2.87 20.40 -12.94
CA CYS B 187 2.03 21.58 -13.14
C CYS B 187 2.15 22.60 -12.02
N VAL B 188 2.70 22.21 -10.86
CA VAL B 188 2.98 23.17 -9.81
C VAL B 188 4.45 23.58 -9.76
N GLU B 189 5.34 22.79 -10.37
CA GLU B 189 6.71 23.25 -10.55
C GLU B 189 6.78 24.29 -11.67
N LYS B 190 6.15 23.99 -12.80
CA LYS B 190 5.95 24.98 -13.86
C LYS B 190 4.72 25.83 -13.53
N ALA B 191 4.89 27.15 -13.56
CA ALA B 191 3.79 28.10 -13.37
C ALA B 191 3.02 27.81 -12.08
N GLY B 192 3.76 27.51 -11.01
CA GLY B 192 3.15 27.26 -9.72
C GLY B 192 2.65 28.49 -8.99
N THR B 193 2.94 29.68 -9.50
CA THR B 193 2.45 30.92 -8.90
C THR B 193 1.07 31.32 -9.41
N ASP B 194 0.64 30.78 -10.54
CA ASP B 194 -0.69 31.06 -11.07
C ASP B 194 -1.74 30.48 -10.12
N GLU B 195 -2.52 31.36 -9.49
CA GLU B 195 -3.56 30.89 -8.58
C GLU B 195 -4.61 30.07 -9.31
N LYS B 196 -4.94 30.46 -10.54
CA LYS B 196 -5.92 29.71 -11.32
C LYS B 196 -5.39 28.35 -11.72
N MET B 197 -4.07 28.19 -11.83
CA MET B 197 -3.49 26.89 -12.15
C MET B 197 -3.59 25.93 -10.97
N LEU B 198 -3.36 26.44 -9.75
CA LEU B 198 -3.46 25.59 -8.58
C LEU B 198 -4.87 25.06 -8.38
N MET B 199 -5.88 25.88 -8.73
CA MET B 199 -7.26 25.43 -8.64
C MET B 199 -7.51 24.22 -9.52
N LYS B 200 -6.98 24.23 -10.75
CA LYS B 200 -7.16 23.10 -11.64
C LYS B 200 -6.41 21.87 -11.14
N VAL B 201 -5.23 22.07 -10.55
CA VAL B 201 -4.48 20.94 -10.00
C VAL B 201 -5.21 20.34 -8.81
N PHE B 202 -5.77 21.18 -7.94
CA PHE B 202 -6.46 20.67 -6.76
C PHE B 202 -7.76 19.98 -7.13
N ARG B 203 -8.55 20.56 -8.04
CA ARG B 203 -9.80 19.94 -8.45
C ARG B 203 -9.55 18.59 -9.13
N CYS B 204 -8.46 18.49 -9.89
CA CYS B 204 -8.13 17.22 -10.53
C CYS B 204 -7.66 16.19 -9.50
N LEU B 205 -6.88 16.64 -8.51
CA LEU B 205 -6.42 15.73 -7.46
C LEU B 205 -7.60 15.20 -6.64
N GLY B 206 -8.49 16.11 -6.20
CA GLY B 206 -9.64 15.69 -5.44
C GLY B 206 -10.57 14.76 -6.21
N SER B 207 -10.68 14.97 -7.53
CA SER B 207 -11.51 14.08 -8.34
C SER B 207 -10.94 12.67 -8.37
N TRP B 208 -9.62 12.54 -8.43
CA TRP B 208 -9.01 11.21 -8.40
C TRP B 208 -9.01 10.62 -7.00
N PHE B 209 -9.05 11.47 -5.97
CA PHE B 209 -9.26 10.96 -4.61
C PHE B 209 -10.65 10.35 -4.46
N ASN B 210 -11.67 11.04 -4.97
CA ASN B 210 -13.04 10.54 -4.86
C ASN B 210 -13.20 9.19 -5.53
N LEU B 211 -12.52 8.99 -6.67
CA LEU B 211 -12.60 7.71 -7.36
C LEU B 211 -11.98 6.58 -6.56
N GLY B 212 -11.12 6.90 -5.58
CA GLY B 212 -10.52 5.87 -4.76
C GLY B 212 -9.44 5.07 -5.44
N VAL B 213 -8.68 5.70 -6.34
CA VAL B 213 -7.68 4.99 -7.14
C VAL B 213 -6.26 5.42 -6.81
N LEU B 214 -6.07 6.46 -6.00
CA LEU B 214 -4.73 6.91 -5.67
C LEU B 214 -4.12 6.01 -4.60
N ASP B 215 -2.82 5.75 -4.72
CA ASP B 215 -2.11 4.98 -3.70
C ASP B 215 -2.01 5.81 -2.42
N SER B 216 -2.50 5.24 -1.32
CA SER B 216 -2.56 5.99 -0.06
C SER B 216 -1.16 6.31 0.46
N ASN B 217 -0.29 5.30 0.54
CA ASN B 217 1.04 5.53 1.10
C ASN B 217 1.88 6.45 0.21
N PHE B 218 1.66 6.42 -1.10
CA PHE B 218 2.41 7.30 -1.99
C PHE B 218 1.96 8.75 -1.83
N MET B 219 0.65 8.96 -1.65
CA MET B 219 0.15 10.32 -1.46
C MET B 219 0.51 10.89 -0.10
N ALA B 220 0.80 10.04 0.89
CA ALA B 220 1.18 10.53 2.21
C ALA B 220 2.48 11.33 2.15
N ASN B 221 3.46 10.82 1.41
CA ASN B 221 4.75 11.51 1.24
C ASN B 221 4.83 12.15 -0.14
N ASN B 222 3.91 13.09 -0.38
CA ASN B 222 3.80 13.76 -1.66
C ASN B 222 3.64 15.25 -1.44
N LYS B 223 4.35 16.05 -2.23
CA LYS B 223 4.37 17.49 -2.04
C LYS B 223 3.01 18.14 -2.33
N LEU B 224 2.14 17.47 -3.08
CA LEU B 224 0.82 18.01 -3.33
C LEU B 224 0.03 18.17 -2.04
N LEU B 225 0.14 17.20 -1.13
CA LEU B 225 -0.57 17.29 0.14
C LEU B 225 0.00 18.40 1.01
N ALA B 226 1.32 18.59 0.98
CA ALA B 226 1.92 19.69 1.73
C ALA B 226 1.50 21.04 1.16
N LEU B 227 1.54 21.17 -0.17
CA LEU B 227 1.08 22.40 -0.81
C LEU B 227 -0.41 22.63 -0.54
N LEU B 228 -1.18 21.55 -0.41
CA LEU B 228 -2.61 21.67 -0.12
C LEU B 228 -2.83 22.39 1.21
N PHE B 229 -2.14 21.95 2.27
CA PHE B 229 -2.26 22.61 3.56
C PHE B 229 -1.49 23.93 3.63
N GLU B 230 -0.51 24.13 2.77
CA GLU B 230 0.21 25.40 2.76
C GLU B 230 -0.70 26.55 2.33
N VAL B 231 -1.51 26.35 1.29
CA VAL B 231 -2.38 27.43 0.83
C VAL B 231 -3.55 27.63 1.78
N LEU B 232 -3.97 26.58 2.49
CA LEU B 232 -5.03 26.76 3.47
C LEU B 232 -4.58 27.48 4.73
N GLN B 233 -3.27 27.70 4.87
CA GLN B 233 -2.73 28.48 5.99
C GLN B 233 -2.55 29.94 5.64
N GLN B 234 -2.28 30.26 4.38
CA GLN B 234 -1.94 31.61 3.97
C GLN B 234 -3.18 32.49 3.90
N ASP B 235 -3.06 33.71 4.43
CA ASP B 235 -4.17 34.65 4.42
C ASP B 235 -4.43 35.23 3.04
N LYS B 236 -3.40 35.32 2.19
CA LYS B 236 -3.52 35.97 0.90
C LYS B 236 -4.29 35.15 -0.12
N THR B 237 -4.58 33.87 0.17
CA THR B 237 -5.25 33.03 -0.80
C THR B 237 -6.69 33.47 -1.01
N SER B 238 -7.12 33.46 -2.27
CA SER B 238 -8.43 33.95 -2.65
C SER B 238 -9.53 32.95 -2.27
N SER B 239 -10.78 33.40 -2.40
CA SER B 239 -11.92 32.55 -2.06
C SER B 239 -12.03 31.35 -3.00
N ASN B 240 -11.64 31.52 -4.27
CA ASN B 240 -11.74 30.41 -5.22
C ASN B 240 -10.72 29.32 -4.91
N LEU B 241 -9.46 29.72 -4.72
CA LEU B 241 -8.43 28.74 -4.39
C LEU B 241 -8.68 28.09 -3.03
N HIS B 242 -9.25 28.85 -2.09
CA HIS B 242 -9.55 28.29 -0.77
C HIS B 242 -10.54 27.15 -0.88
N GLU B 243 -11.63 27.34 -1.63
CA GLU B 243 -12.62 26.29 -1.80
C GLU B 243 -12.04 25.11 -2.59
N ALA B 244 -11.18 25.38 -3.56
CA ALA B 244 -10.58 24.28 -4.32
C ALA B 244 -9.68 23.42 -3.44
N ALA B 245 -8.91 24.05 -2.54
CA ALA B 245 -8.08 23.28 -1.62
C ALA B 245 -8.91 22.61 -0.53
N SER B 246 -9.96 23.30 -0.05
CA SER B 246 -10.81 22.72 0.98
C SER B 246 -11.53 21.48 0.45
N ASP B 247 -12.05 21.53 -0.77
CA ASP B 247 -12.74 20.37 -1.34
C ASP B 247 -11.78 19.20 -1.50
N CYS B 248 -10.53 19.47 -1.87
CA CYS B 248 -9.57 18.40 -2.11
C CYS B 248 -9.17 17.73 -0.79
N VAL B 249 -9.05 18.51 0.29
CA VAL B 249 -8.75 17.92 1.59
C VAL B 249 -9.89 17.02 2.04
N CYS B 250 -11.13 17.49 1.87
CA CYS B 250 -12.29 16.65 2.19
C CYS B 250 -12.34 15.41 1.31
N SER B 251 -11.89 15.51 0.07
CA SER B 251 -11.85 14.35 -0.80
C SER B 251 -10.84 13.32 -0.31
N ALA B 252 -9.66 13.77 0.14
CA ALA B 252 -8.67 12.85 0.67
C ALA B 252 -9.15 12.19 1.96
N LEU B 253 -9.79 12.96 2.84
CA LEU B 253 -10.31 12.40 4.08
C LEU B 253 -11.42 11.39 3.81
N TYR B 254 -12.36 11.74 2.93
CA TYR B 254 -13.47 10.83 2.62
C TYR B 254 -12.99 9.58 1.91
N ALA B 255 -11.86 9.67 1.20
CA ALA B 255 -11.30 8.53 0.49
C ALA B 255 -10.73 7.46 1.43
N ILE B 256 -10.60 7.77 2.72
CA ILE B 256 -10.08 6.81 3.71
C ILE B 256 -11.29 6.08 4.27
N GLU B 257 -11.59 4.93 3.67
CA GLU B 257 -12.70 4.09 4.13
C GLU B 257 -12.29 3.20 5.30
N ASN B 258 -11.01 2.88 5.43
CA ASN B 258 -10.49 2.08 6.53
C ASN B 258 -9.24 2.76 7.05
N VAL B 259 -9.25 3.12 8.33
CA VAL B 259 -8.19 3.96 8.87
C VAL B 259 -6.89 3.17 9.07
N GLU B 260 -6.98 1.86 9.33
CA GLU B 260 -5.78 1.08 9.56
C GLU B 260 -5.03 0.77 8.26
N THR B 261 -5.77 0.59 7.16
CA THR B 261 -5.13 0.38 5.87
C THR B 261 -4.40 1.62 5.38
N ASN B 262 -4.93 2.81 5.70
CA ASN B 262 -4.35 4.06 5.23
C ASN B 262 -3.78 4.89 6.36
N LEU B 263 -2.91 4.28 7.19
CA LEU B 263 -2.40 4.98 8.36
C LEU B 263 -1.44 6.10 8.01
N PRO B 264 -0.45 5.93 7.12
CA PRO B 264 0.41 7.08 6.78
C PRO B 264 -0.34 8.27 6.21
N LEU B 265 -1.31 8.02 5.30
CA LEU B 265 -2.08 9.12 4.75
C LEU B 265 -2.96 9.76 5.81
N ALA B 266 -3.58 8.95 6.68
CA ALA B 266 -4.46 9.49 7.71
C ALA B 266 -3.72 10.41 8.66
N MET B 267 -2.48 10.05 9.01
CA MET B 267 -1.71 10.86 9.95
C MET B 267 -1.31 12.20 9.34
N GLN B 268 -1.00 12.21 8.03
CA GLN B 268 -0.65 13.48 7.38
C GLN B 268 -1.84 14.41 7.31
N LEU B 269 -3.01 13.89 6.93
CA LEU B 269 -4.22 14.71 6.88
C LEU B 269 -4.59 15.19 8.27
N PHE B 270 -4.57 14.28 9.25
CA PHE B 270 -4.88 14.65 10.63
C PHE B 270 -3.99 15.77 11.13
N GLN B 271 -2.68 15.64 10.90
CA GLN B 271 -1.76 16.69 11.32
C GLN B 271 -1.93 17.96 10.50
N GLY B 272 -2.31 17.83 9.23
CA GLY B 272 -2.41 19.00 8.38
C GLY B 272 -3.55 19.93 8.80
N VAL B 273 -4.73 19.34 9.04
CA VAL B 273 -5.89 20.14 9.39
C VAL B 273 -5.72 20.78 10.77
N LEU B 274 -4.97 20.14 11.66
CA LEU B 274 -4.72 20.72 12.98
C LEU B 274 -3.96 22.04 12.90
N THR B 275 -3.12 22.21 11.87
CA THR B 275 -2.39 23.46 11.69
C THR B 275 -3.25 24.59 11.14
N LEU B 276 -4.51 24.32 10.80
CA LEU B 276 -5.39 25.32 10.20
C LEU B 276 -6.14 26.15 11.22
N GLU B 277 -5.93 25.91 12.52
CA GLU B 277 -6.66 26.67 13.53
C GLU B 277 -6.30 28.15 13.50
N THR B 278 -5.02 28.46 13.31
CA THR B 278 -4.61 29.87 13.22
C THR B 278 -5.26 30.56 12.03
N ALA B 279 -5.28 29.90 10.87
CA ALA B 279 -5.93 30.48 9.71
C ALA B 279 -7.43 30.62 9.91
N TYR B 280 -8.04 29.73 10.70
CA TYR B 280 -9.47 29.85 10.99
C TYR B 280 -9.77 31.14 11.74
N HIS B 281 -9.02 31.40 12.82
CA HIS B 281 -9.22 32.63 13.57
C HIS B 281 -8.95 33.85 12.71
N MET B 282 -7.97 33.74 11.79
CA MET B 282 -7.72 34.84 10.85
C MET B 282 -8.95 35.11 9.99
N ALA B 283 -9.64 34.05 9.56
CA ALA B 283 -10.83 34.23 8.75
C ALA B 283 -11.98 34.83 9.57
N VAL B 284 -12.02 34.53 10.87
CA VAL B 284 -13.07 35.11 11.71
C VAL B 284 -12.83 36.60 11.94
N ALA B 285 -11.56 36.98 12.10
CA ALA B 285 -11.24 38.39 12.30
C ALA B 285 -11.59 39.22 11.07
N ARG B 286 -11.30 38.70 9.88
CA ARG B 286 -11.62 39.38 8.63
C ARG B 286 -13.08 39.20 8.21
N GLU B 287 -13.89 38.49 9.00
CA GLU B 287 -15.30 38.26 8.69
C GLU B 287 -15.47 37.63 7.30
N ASP B 288 -14.52 36.76 6.94
CA ASP B 288 -14.55 36.06 5.66
C ASP B 288 -15.35 34.77 5.85
N LEU B 289 -16.67 34.86 5.70
CA LEU B 289 -17.54 33.72 5.92
C LEU B 289 -17.29 32.60 4.90
N ASP B 290 -16.70 32.92 3.75
CA ASP B 290 -16.37 31.90 2.76
C ASP B 290 -15.38 30.89 3.34
N LYS B 291 -14.27 31.38 3.90
CA LYS B 291 -13.27 30.48 4.45
C LYS B 291 -13.76 29.79 5.71
N VAL B 292 -14.51 30.51 6.55
CA VAL B 292 -15.01 29.94 7.80
C VAL B 292 -15.86 28.71 7.51
N LEU B 293 -16.78 28.81 6.56
CA LEU B 293 -17.58 27.65 6.18
C LEU B 293 -16.71 26.55 5.59
N ASN B 294 -15.67 26.92 4.83
CA ASN B 294 -14.77 25.93 4.28
C ASN B 294 -14.02 25.19 5.39
N TYR B 295 -13.51 25.93 6.38
CA TYR B 295 -12.77 25.30 7.46
C TYR B 295 -13.66 24.38 8.29
N CYS B 296 -14.91 24.78 8.53
CA CYS B 296 -15.81 23.93 9.29
C CYS B 296 -16.12 22.63 8.56
N ARG B 297 -16.14 22.66 7.22
CA ARG B 297 -16.32 21.42 6.48
C ARG B 297 -15.09 20.52 6.61
N ILE B 298 -13.89 21.10 6.57
CA ILE B 298 -12.68 20.32 6.78
C ILE B 298 -12.66 19.72 8.18
N PHE B 299 -13.01 20.53 9.19
CA PHE B 299 -13.04 20.04 10.56
C PHE B 299 -14.08 18.94 10.73
N THR B 300 -15.29 19.17 10.22
CA THR B 300 -16.35 18.16 10.34
C THR B 300 -15.96 16.87 9.65
N GLU B 301 -15.36 16.95 8.46
CA GLU B 301 -14.98 15.73 7.76
C GLU B 301 -13.86 15.00 8.49
N LEU B 302 -12.95 15.74 9.13
CA LEU B 302 -11.90 15.10 9.91
C LEU B 302 -12.49 14.25 11.02
N CYS B 303 -13.46 14.79 11.76
CA CYS B 303 -14.11 14.03 12.82
C CYS B 303 -14.95 12.90 12.24
N GLU B 304 -15.52 13.09 11.05
CA GLU B 304 -16.29 12.01 10.43
C GLU B 304 -15.40 10.85 10.01
N THR B 305 -14.23 11.16 9.44
CA THR B 305 -13.33 10.11 8.99
C THR B 305 -12.79 9.30 10.16
N PHE B 306 -12.47 9.96 11.26
CA PHE B 306 -11.87 9.32 12.42
C PHE B 306 -12.86 9.13 13.57
N LEU B 307 -14.15 9.10 13.25
CA LEU B 307 -15.17 8.87 14.28
C LEU B 307 -14.96 7.54 15.00
N GLU B 308 -14.48 6.52 14.27
CA GLU B 308 -14.23 5.22 14.90
C GLU B 308 -13.14 5.32 15.96
N LYS B 309 -12.06 6.04 15.65
CA LYS B 309 -10.95 6.17 16.60
C LYS B 309 -11.32 7.08 17.77
N ILE B 310 -12.16 8.09 17.54
CA ILE B 310 -12.58 8.98 18.61
C ILE B 310 -13.36 8.22 19.66
N VAL B 311 -14.17 7.25 19.24
CA VAL B 311 -14.99 6.47 20.16
C VAL B 311 -14.21 5.30 20.76
N CYS B 312 -13.33 4.67 19.98
CA CYS B 312 -12.66 3.48 20.48
C CYS B 312 -11.48 3.82 21.38
N THR B 313 -10.64 4.76 20.97
CA THR B 313 -9.49 5.20 21.76
C THR B 313 -9.54 6.72 21.92
N PRO B 314 -10.48 7.23 22.72
CA PRO B 314 -10.60 8.68 22.88
C PRO B 314 -9.39 9.26 23.58
N GLY B 315 -8.88 10.38 23.05
CA GLY B 315 -7.76 11.07 23.65
C GLY B 315 -6.40 10.50 23.30
N GLN B 316 -6.32 9.56 22.36
CA GLN B 316 -5.06 8.92 22.02
C GLN B 316 -4.98 8.78 20.50
N GLY B 317 -3.85 9.23 19.93
CA GLY B 317 -3.62 9.03 18.50
C GLY B 317 -4.68 9.73 17.67
N LEU B 318 -5.21 9.00 16.69
CA LEU B 318 -6.25 9.52 15.82
C LEU B 318 -7.57 9.72 16.54
N GLY B 319 -7.67 9.26 17.79
CA GLY B 319 -8.79 9.55 18.64
C GLY B 319 -8.59 10.74 19.54
N ASP B 320 -7.57 11.56 19.26
CA ASP B 320 -7.32 12.76 20.06
C ASP B 320 -8.55 13.66 20.05
N LEU B 321 -9.03 13.99 21.25
CA LEU B 321 -10.23 14.81 21.39
C LEU B 321 -10.01 16.26 20.98
N ARG B 322 -8.81 16.65 20.57
CA ARG B 322 -8.61 17.97 19.99
C ARG B 322 -9.45 18.15 18.74
N THR B 323 -9.84 17.06 18.08
CA THR B 323 -10.75 17.15 16.94
C THR B 323 -12.10 17.72 17.37
N LEU B 324 -12.65 17.22 18.48
CA LEU B 324 -13.90 17.77 18.99
C LEU B 324 -13.74 19.22 19.43
N GLU B 325 -12.55 19.58 19.90
CA GLU B 325 -12.31 20.96 20.30
C GLU B 325 -12.44 21.92 19.13
N LEU B 326 -12.02 21.48 17.93
CA LEU B 326 -12.15 22.32 16.74
C LEU B 326 -13.61 22.55 16.37
N LEU B 327 -14.45 21.51 16.50
CA LEU B 327 -15.87 21.70 16.21
C LEU B 327 -16.54 22.61 17.23
N LEU B 328 -16.10 22.58 18.49
CA LEU B 328 -16.65 23.49 19.48
C LEU B 328 -16.24 24.93 19.21
N ILE B 329 -15.05 25.13 18.62
CA ILE B 329 -14.65 26.47 18.20
C ILE B 329 -15.62 27.00 17.15
N CYS B 330 -15.95 26.17 16.16
CA CYS B 330 -16.92 26.56 15.14
C CYS B 330 -18.30 26.82 15.73
N ALA B 331 -18.66 26.07 16.77
CA ALA B 331 -19.94 26.29 17.44
C ALA B 331 -20.00 27.65 18.13
N GLY B 332 -18.84 28.25 18.42
CA GLY B 332 -18.81 29.57 19.03
C GLY B 332 -18.92 30.72 18.06
N HIS B 333 -18.89 30.44 16.76
CA HIS B 333 -19.06 31.50 15.77
C HIS B 333 -20.49 32.03 15.82
N PRO B 334 -20.67 33.35 15.73
CA PRO B 334 -22.03 33.90 15.90
C PRO B 334 -23.01 33.48 14.82
N GLN B 335 -22.55 33.20 13.61
CA GLN B 335 -23.44 32.79 12.53
C GLN B 335 -23.81 31.32 12.71
N TYR B 336 -25.11 31.04 12.81
CA TYR B 336 -25.54 29.66 13.01
C TYR B 336 -25.40 28.79 11.78
N GLU B 337 -25.15 29.39 10.61
CA GLU B 337 -24.89 28.59 9.42
C GLU B 337 -23.57 27.84 9.52
N VAL B 338 -22.69 28.24 10.44
CA VAL B 338 -21.41 27.57 10.62
C VAL B 338 -21.58 26.29 11.44
N VAL B 339 -22.27 26.40 12.58
CA VAL B 339 -22.37 25.27 13.50
C VAL B 339 -23.22 24.15 12.92
N GLU B 340 -24.21 24.47 12.08
CA GLU B 340 -25.08 23.42 11.56
C GLU B 340 -24.39 22.54 10.54
N ILE B 341 -23.18 22.90 10.10
CA ILE B 341 -22.42 22.04 9.20
C ILE B 341 -22.03 20.74 9.91
N SER B 342 -21.74 20.83 11.20
CA SER B 342 -21.27 19.69 11.98
C SER B 342 -22.40 18.90 12.62
N PHE B 343 -23.66 19.22 12.31
CA PHE B 343 -24.76 18.53 12.97
C PHE B 343 -24.83 17.05 12.59
N ASN B 344 -24.40 16.70 11.38
CA ASN B 344 -24.44 15.29 10.99
C ASN B 344 -23.44 14.46 11.80
N PHE B 345 -22.26 15.02 12.07
CA PHE B 345 -21.28 14.28 12.87
C PHE B 345 -21.80 14.04 14.29
N TRP B 346 -22.37 15.07 14.92
CA TRP B 346 -22.86 14.91 16.28
C TRP B 346 -23.96 13.87 16.37
N TYR B 347 -24.75 13.70 15.30
CA TYR B 347 -25.70 12.59 15.27
C TYR B 347 -24.96 11.26 15.28
N ARG B 348 -23.97 11.12 14.41
CA ARG B 348 -23.23 9.86 14.32
C ARG B 348 -22.48 9.56 15.62
N LEU B 349 -21.89 10.58 16.22
CA LEU B 349 -21.17 10.38 17.48
C LEU B 349 -22.12 9.85 18.56
N GLY B 350 -23.29 10.46 18.70
CA GLY B 350 -24.25 9.97 19.67
C GLY B 350 -24.73 8.57 19.35
N GLU B 351 -24.87 8.25 18.06
CA GLU B 351 -25.33 6.92 17.66
C GLU B 351 -24.28 5.87 18.00
N HIS B 352 -23.01 6.15 17.74
CA HIS B 352 -21.95 5.18 18.05
C HIS B 352 -21.75 5.06 19.56
N LEU B 353 -21.82 6.18 20.28
CA LEU B 353 -21.71 6.12 21.73
C LEU B 353 -22.87 5.37 22.36
N TYR B 354 -24.05 5.42 21.73
CA TYR B 354 -25.18 4.67 22.24
C TYR B 354 -24.98 3.16 22.06
N LYS B 355 -24.36 2.76 20.94
CA LYS B 355 -24.09 1.35 20.71
C LYS B 355 -23.17 0.79 21.79
N THR B 356 -22.06 1.47 22.05
CA THR B 356 -21.14 1.05 23.11
C THR B 356 -21.75 1.35 24.46
N ASN B 357 -22.56 0.43 24.97
CA ASN B 357 -23.30 0.64 26.22
C ASN B 357 -22.36 0.70 27.41
N ASP B 358 -21.52 1.73 27.47
CA ASP B 358 -20.48 1.86 28.49
C ASP B 358 -20.56 3.26 29.08
N GLU B 359 -21.00 3.36 30.33
CA GLU B 359 -21.14 4.68 30.95
C GLU B 359 -19.81 5.35 31.20
N VAL B 360 -18.71 4.59 31.26
CA VAL B 360 -17.40 5.20 31.37
C VAL B 360 -17.04 5.92 30.07
N ILE B 361 -17.35 5.31 28.93
CA ILE B 361 -17.12 5.97 27.65
C ILE B 361 -18.05 7.17 27.50
N HIS B 362 -19.30 7.03 27.95
CA HIS B 362 -20.22 8.16 27.93
C HIS B 362 -19.68 9.34 28.74
N GLY B 363 -19.12 9.07 29.92
CA GLY B 363 -18.61 10.14 30.76
C GLY B 363 -17.45 10.89 30.15
N ILE B 364 -16.74 10.26 29.22
CA ILE B 364 -15.63 10.94 28.55
C ILE B 364 -16.14 12.10 27.72
N PHE B 365 -17.28 11.92 27.05
CA PHE B 365 -17.83 12.91 26.13
C PHE B 365 -18.89 13.79 26.76
N LYS B 366 -19.24 13.55 28.03
CA LYS B 366 -20.31 14.32 28.66
C LYS B 366 -20.01 15.82 28.65
N ALA B 367 -18.77 16.21 28.97
CA ALA B 367 -18.44 17.63 28.99
C ALA B 367 -18.50 18.25 27.60
N TYR B 368 -18.06 17.51 26.58
CA TYR B 368 -18.09 18.04 25.22
C TYR B 368 -19.51 18.24 24.72
N ILE B 369 -20.45 17.44 25.22
CA ILE B 369 -21.85 17.60 24.82
C ILE B 369 -22.48 18.79 25.53
N GLN B 370 -22.18 18.97 26.82
CA GLN B 370 -22.69 20.13 27.54
C GLN B 370 -22.14 21.43 26.95
N ARG B 371 -20.88 21.41 26.54
CA ARG B 371 -20.28 22.60 25.94
C ARG B 371 -20.92 22.90 24.59
N LEU B 372 -21.27 21.87 23.82
CA LEU B 372 -21.98 22.07 22.56
C LEU B 372 -23.40 22.56 22.81
N LEU B 373 -24.11 21.94 23.74
CA LEU B 373 -25.46 22.36 24.07
C LEU B 373 -25.49 23.79 24.58
N HIS B 374 -24.45 24.20 25.32
CA HIS B 374 -24.37 25.59 25.77
C HIS B 374 -24.27 26.54 24.61
N ALA B 375 -23.55 26.15 23.54
CA ALA B 375 -23.43 27.00 22.36
C ALA B 375 -24.72 26.99 21.55
N LEU B 376 -25.39 25.84 21.47
CA LEU B 376 -26.63 25.77 20.72
C LEU B 376 -27.75 26.56 21.39
N ALA B 377 -27.72 26.65 22.72
CA ALA B 377 -28.70 27.48 23.42
C ALA B 377 -28.53 28.95 23.07
N ARG B 378 -27.28 29.40 22.93
CA ARG B 378 -27.04 30.78 22.53
C ARG B 378 -27.46 31.02 21.09
N HIS B 379 -27.28 30.02 20.22
CA HIS B 379 -27.69 30.16 18.82
C HIS B 379 -29.21 30.22 18.69
N CYS B 380 -29.94 29.50 19.55
CA CYS B 380 -31.39 29.52 19.49
C CYS B 380 -32.00 30.82 20.01
N GLN B 381 -31.18 31.75 20.50
CA GLN B 381 -31.69 33.01 21.02
C GLN B 381 -32.23 33.88 19.89
N LEU B 382 -33.48 34.32 20.04
CA LEU B 382 -34.04 35.28 19.12
C LEU B 382 -33.37 36.64 19.31
N GLU B 383 -33.54 37.52 18.32
CA GLU B 383 -33.02 38.86 18.43
C GLU B 383 -33.76 39.61 19.54
N PRO B 384 -33.08 40.49 20.28
CA PRO B 384 -33.75 41.19 21.39
C PRO B 384 -34.91 42.07 20.94
N ASP B 385 -34.93 42.49 19.68
CA ASP B 385 -36.00 43.30 19.12
C ASP B 385 -36.98 42.45 18.30
N HIS B 386 -37.12 41.17 18.63
CA HIS B 386 -38.01 40.29 17.90
C HIS B 386 -39.46 40.68 18.10
N GLU B 387 -40.27 40.47 17.07
CA GLU B 387 -41.65 40.95 17.04
C GLU B 387 -42.56 40.10 17.92
N GLY B 388 -43.03 38.98 17.38
CA GLY B 388 -43.99 38.15 18.08
C GLY B 388 -43.45 36.80 18.50
N VAL B 389 -44.25 35.76 18.29
CA VAL B 389 -43.87 34.39 18.63
C VAL B 389 -42.69 33.98 17.75
N PRO B 390 -41.90 32.97 18.16
CA PRO B 390 -40.76 32.57 17.33
C PRO B 390 -41.19 31.99 16.00
N GLU B 391 -40.43 32.34 14.97
CA GLU B 391 -40.67 31.81 13.63
C GLU B 391 -40.35 30.33 13.59
N GLU B 392 -41.14 29.57 12.82
CA GLU B 392 -40.90 28.14 12.67
C GLU B 392 -40.87 27.69 11.21
N THR B 393 -40.69 28.62 10.27
CA THR B 393 -40.75 28.27 8.85
C THR B 393 -39.62 28.84 8.00
N ASP B 394 -38.81 29.77 8.52
CA ASP B 394 -37.68 30.29 7.77
C ASP B 394 -36.42 29.50 8.11
N ASP B 395 -35.26 30.02 7.73
CA ASP B 395 -34.00 29.32 8.02
C ASP B 395 -33.77 29.23 9.52
N PHE B 396 -33.97 30.34 10.24
CA PHE B 396 -33.77 30.33 11.69
C PHE B 396 -34.82 29.50 12.41
N GLY B 397 -36.00 29.33 11.80
CA GLY B 397 -37.03 28.50 12.41
C GLY B 397 -36.74 27.02 12.24
N GLU B 398 -36.26 26.65 11.04
CA GLU B 398 -35.88 25.26 10.81
C GLU B 398 -34.60 24.89 11.56
N PHE B 399 -33.70 25.86 11.76
CA PHE B 399 -32.50 25.61 12.54
C PHE B 399 -32.85 25.27 13.98
N ARG B 400 -33.77 26.03 14.57
CA ARG B 400 -34.19 25.75 15.95
C ARG B 400 -34.80 24.36 16.06
N MET B 401 -35.61 23.97 15.08
CA MET B 401 -36.17 22.62 15.08
C MET B 401 -35.08 21.57 14.84
N ARG B 402 -34.06 21.92 14.06
CA ARG B 402 -32.95 21.01 13.84
C ARG B 402 -32.13 20.83 15.12
N VAL B 403 -32.01 21.90 15.91
CA VAL B 403 -31.34 21.80 17.21
C VAL B 403 -32.18 20.97 18.17
N SER B 404 -33.50 21.13 18.12
CA SER B 404 -34.38 20.39 19.03
C SER B 404 -34.23 18.89 18.85
N ASP B 405 -34.12 18.43 17.60
CA ASP B 405 -33.97 17.00 17.36
C ASP B 405 -32.59 16.52 17.79
N LEU B 406 -31.56 17.33 17.57
CA LEU B 406 -30.20 16.94 17.93
C LEU B 406 -30.03 16.81 19.44
N VAL B 407 -30.61 17.74 20.20
CA VAL B 407 -30.50 17.70 21.65
C VAL B 407 -31.22 16.47 22.21
N LYS B 408 -32.35 16.09 21.62
CA LYS B 408 -33.06 14.89 22.04
C LYS B 408 -32.21 13.64 21.87
N ASP B 409 -31.34 13.62 20.85
CA ASP B 409 -30.52 12.45 20.56
C ASP B 409 -29.20 12.43 21.32
N LEU B 410 -28.77 13.56 21.87
CA LEU B 410 -27.51 13.63 22.61
C LEU B 410 -27.71 13.78 24.11
N ILE B 411 -28.95 13.96 24.57
CA ILE B 411 -29.19 14.27 25.98
C ILE B 411 -28.81 13.11 26.90
N PHE B 412 -28.79 11.88 26.39
CA PHE B 412 -28.44 10.74 27.24
C PHE B 412 -26.97 10.79 27.66
N LEU B 413 -26.12 11.49 26.93
CA LEU B 413 -24.72 11.62 27.30
C LEU B 413 -24.52 12.56 28.48
N ILE B 414 -25.51 13.40 28.78
CA ILE B 414 -25.44 14.31 29.92
C ILE B 414 -26.29 13.81 31.08
N GLY B 415 -27.45 13.22 30.78
CA GLY B 415 -28.46 12.94 31.79
C GLY B 415 -29.54 13.99 31.74
N SER B 416 -30.77 13.59 31.41
CA SER B 416 -31.85 14.56 31.23
C SER B 416 -32.15 15.31 32.52
N MET B 417 -32.21 14.60 33.65
CA MET B 417 -32.51 15.23 34.92
C MET B 417 -31.45 16.26 35.29
N GLU B 418 -30.18 15.89 35.15
CA GLU B 418 -29.10 16.83 35.49
C GLU B 418 -29.10 18.05 34.59
N CYS B 419 -29.34 17.83 33.28
CA CYS B 419 -29.33 18.96 32.35
C CYS B 419 -30.55 19.84 32.51
N PHE B 420 -31.69 19.26 32.87
CA PHE B 420 -32.92 20.05 33.02
C PHE B 420 -32.79 21.03 34.18
N ALA B 421 -32.33 20.55 35.34
CA ALA B 421 -32.15 21.43 36.48
C ALA B 421 -31.05 22.46 36.25
N GLN B 422 -30.06 22.12 35.42
CA GLN B 422 -29.00 23.08 35.11
C GLN B 422 -29.55 24.27 34.32
N LEU B 423 -30.37 23.99 33.30
CA LEU B 423 -30.97 25.07 32.52
C LEU B 423 -31.94 25.89 33.36
N TYR B 424 -32.69 25.23 34.24
CA TYR B 424 -33.66 25.93 35.07
C TYR B 424 -32.98 26.80 36.13
N SER B 425 -31.79 26.40 36.57
CA SER B 425 -31.08 27.19 37.58
C SER B 425 -30.56 28.50 36.99
N THR B 426 -30.17 28.49 35.71
CA THR B 426 -29.68 29.71 35.08
C THR B 426 -30.79 30.73 34.83
N LEU B 427 -32.04 30.38 35.09
CA LEU B 427 -33.14 31.30 34.94
C LEU B 427 -33.44 32.08 36.22
N LYS B 428 -33.17 31.49 37.38
CA LYS B 428 -33.41 32.20 38.64
C LYS B 428 -32.38 33.29 38.87
N GLU B 429 -31.11 33.00 38.59
CA GLU B 429 -30.03 33.93 38.88
C GLU B 429 -29.74 34.82 37.68
N GLY B 430 -29.44 36.09 37.95
CA GLY B 430 -28.93 37.01 36.96
C GLY B 430 -29.95 37.93 36.33
N ASN B 431 -31.25 37.69 36.55
CA ASN B 431 -32.32 38.42 35.86
C ASN B 431 -32.06 38.41 34.37
N PRO B 432 -32.20 37.25 33.70
CA PRO B 432 -31.79 37.16 32.31
C PRO B 432 -32.72 37.93 31.41
N PRO B 433 -32.24 38.41 30.26
CA PRO B 433 -33.14 39.03 29.28
C PRO B 433 -34.16 38.03 28.77
N TRP B 434 -35.15 38.55 28.05
CA TRP B 434 -36.25 37.70 27.58
C TRP B 434 -35.76 36.69 26.55
N GLU B 435 -34.84 37.09 25.67
CA GLU B 435 -34.39 36.18 24.62
C GLU B 435 -33.53 35.05 25.20
N VAL B 436 -32.84 35.30 26.31
CA VAL B 436 -32.11 34.23 26.98
C VAL B 436 -33.08 33.28 27.66
N THR B 437 -34.05 33.82 28.41
CA THR B 437 -35.05 32.99 29.06
C THR B 437 -35.86 32.20 28.05
N GLU B 438 -36.09 32.76 26.86
CA GLU B 438 -36.85 32.05 25.83
C GLU B 438 -36.06 30.85 25.30
N ALA B 439 -34.78 31.07 24.96
CA ALA B 439 -33.97 30.00 24.40
C ALA B 439 -33.73 28.90 25.42
N VAL B 440 -33.51 29.26 26.69
CA VAL B 440 -33.33 28.26 27.73
C VAL B 440 -34.60 27.45 27.91
N LEU B 441 -35.76 28.10 27.84
CA LEU B 441 -37.03 27.38 27.88
C LEU B 441 -37.22 26.52 26.64
N PHE B 442 -36.64 26.93 25.51
CA PHE B 442 -36.77 26.13 24.30
C PHE B 442 -35.98 24.84 24.39
N ILE B 443 -34.76 24.89 24.94
CA ILE B 443 -33.98 23.68 25.14
C ILE B 443 -34.64 22.80 26.20
N MET B 444 -35.19 23.42 27.25
CA MET B 444 -35.87 22.64 28.28
C MET B 444 -37.06 21.88 27.72
N ALA B 445 -37.77 22.48 26.76
CA ALA B 445 -38.92 21.80 26.16
C ALA B 445 -38.49 20.61 25.33
N ALA B 446 -37.28 20.64 24.77
CA ALA B 446 -36.81 19.53 23.96
C ALA B 446 -36.50 18.30 24.80
N ILE B 447 -36.00 18.50 26.02
CA ILE B 447 -35.61 17.39 26.88
C ILE B 447 -36.62 17.10 27.97
N ALA B 448 -37.74 17.83 28.01
CA ALA B 448 -38.69 17.68 29.11
C ALA B 448 -39.39 16.32 29.08
N LYS B 449 -39.66 15.78 27.90
CA LYS B 449 -40.37 14.51 27.80
C LYS B 449 -39.53 13.33 28.29
N SER B 450 -38.20 13.47 28.29
CA SER B 450 -37.31 12.34 28.56
C SER B 450 -36.79 12.33 29.99
N VAL B 451 -37.25 13.24 30.85
CA VAL B 451 -36.81 13.27 32.24
C VAL B 451 -37.76 12.42 33.09
N ASP B 452 -37.18 11.68 34.02
CA ASP B 452 -37.96 10.77 34.88
C ASP B 452 -38.84 11.58 35.83
N PRO B 453 -40.17 11.41 35.79
CA PRO B 453 -41.03 12.19 36.68
C PRO B 453 -41.16 11.62 38.08
N GLU B 454 -40.14 10.89 38.54
CA GLU B 454 -40.10 10.43 39.92
C GLU B 454 -39.39 11.43 40.83
N ASN B 455 -38.29 12.02 40.37
CA ASN B 455 -37.62 13.08 41.10
C ASN B 455 -38.48 14.34 41.03
N ASN B 456 -39.57 14.36 41.80
CA ASN B 456 -40.53 15.45 41.72
C ASN B 456 -39.98 16.81 42.18
N PRO B 457 -39.19 16.93 43.28
CA PRO B 457 -38.83 18.26 43.79
C PRO B 457 -38.38 19.27 42.74
N THR B 458 -37.29 18.99 42.03
CA THR B 458 -36.80 19.92 41.03
C THR B 458 -37.72 20.01 39.82
N LEU B 459 -38.53 18.98 39.56
CA LEU B 459 -39.44 19.00 38.41
C LEU B 459 -40.74 19.74 38.74
N VAL B 460 -41.34 19.42 39.89
CA VAL B 460 -42.67 19.94 40.20
C VAL B 460 -42.64 21.44 40.47
N GLU B 461 -41.48 22.01 40.79
CA GLU B 461 -41.40 23.45 41.00
C GLU B 461 -41.16 24.22 39.71
N VAL B 462 -40.65 23.56 38.67
CA VAL B 462 -40.60 24.18 37.36
C VAL B 462 -42.01 24.36 36.79
N LEU B 463 -42.82 23.30 36.89
CA LEU B 463 -44.22 23.39 36.48
C LEU B 463 -44.95 24.47 37.30
N GLU B 464 -44.63 24.56 38.59
CA GLU B 464 -45.24 25.58 39.43
C GLU B 464 -44.83 26.99 38.99
N GLY B 465 -43.56 27.17 38.60
CA GLY B 465 -43.09 28.48 38.22
C GLY B 465 -43.61 28.97 36.88
N VAL B 466 -44.05 28.06 36.01
CA VAL B 466 -44.50 28.47 34.68
C VAL B 466 -45.90 29.06 34.75
N VAL B 467 -46.79 28.47 35.54
CA VAL B 467 -48.16 28.97 35.62
C VAL B 467 -48.24 30.32 36.31
N ARG B 468 -47.23 30.68 37.12
CA ARG B 468 -47.21 31.97 37.80
C ARG B 468 -46.69 33.09 36.91
N LEU B 469 -46.44 32.83 35.63
CA LEU B 469 -45.96 33.86 34.73
C LEU B 469 -47.08 34.83 34.40
N PRO B 470 -46.88 36.14 34.58
CA PRO B 470 -47.93 37.10 34.23
C PRO B 470 -48.01 37.29 32.72
N GLU B 471 -49.08 37.96 32.29
CA GLU B 471 -49.23 38.30 30.88
C GLU B 471 -48.29 39.40 30.44
N THR B 472 -47.58 40.05 31.37
CA THR B 472 -46.64 41.10 31.04
C THR B 472 -45.34 40.58 30.43
N VAL B 473 -45.08 39.27 30.53
CA VAL B 473 -43.86 38.70 29.95
C VAL B 473 -43.95 38.70 28.43
N HIS B 474 -42.78 38.71 27.79
CA HIS B 474 -42.70 38.75 26.33
C HIS B 474 -43.54 37.63 25.72
N THR B 475 -44.07 37.91 24.53
CA THR B 475 -44.94 36.93 23.87
C THR B 475 -44.20 35.64 23.55
N ALA B 476 -42.96 35.74 23.08
CA ALA B 476 -42.20 34.54 22.74
C ALA B 476 -41.93 33.69 23.98
N VAL B 477 -41.67 34.34 25.12
CA VAL B 477 -41.45 33.59 26.35
C VAL B 477 -42.71 32.85 26.77
N ARG B 478 -43.88 33.49 26.61
CA ARG B 478 -45.13 32.80 26.92
C ARG B 478 -45.41 31.67 25.94
N TYR B 479 -45.05 31.87 24.67
CA TYR B 479 -45.27 30.83 23.66
C TYR B 479 -44.45 29.58 23.98
N THR B 480 -43.15 29.75 24.23
CA THR B 480 -42.30 28.61 24.50
C THR B 480 -42.66 27.94 25.82
N SER B 481 -43.07 28.72 26.82
CA SER B 481 -43.45 28.14 28.10
C SER B 481 -44.67 27.23 27.95
N ILE B 482 -45.57 27.57 27.02
CA ILE B 482 -46.73 26.71 26.78
C ILE B 482 -46.28 25.36 26.23
N GLU B 483 -45.35 25.37 25.27
CA GLU B 483 -44.86 24.13 24.71
C GLU B 483 -44.13 23.30 25.75
N LEU B 484 -43.44 23.95 26.70
CA LEU B 484 -42.82 23.22 27.79
C LEU B 484 -43.86 22.50 28.64
N VAL B 485 -44.96 23.17 28.97
CA VAL B 485 -46.02 22.53 29.74
C VAL B 485 -46.59 21.34 28.99
N GLY B 486 -46.74 21.47 27.67
CA GLY B 486 -47.20 20.35 26.87
C GLY B 486 -46.25 19.17 26.92
N GLU B 487 -44.95 19.43 27.06
CA GLU B 487 -43.97 18.37 27.17
C GLU B 487 -43.87 17.79 28.57
N MET B 488 -44.35 18.50 29.58
CA MET B 488 -44.33 18.03 30.96
C MET B 488 -45.65 17.39 31.36
N SER B 489 -46.35 16.75 30.42
CA SER B 489 -47.63 16.13 30.74
C SER B 489 -47.49 15.01 31.75
N GLU B 490 -46.33 14.34 31.77
CA GLU B 490 -46.16 13.22 32.69
C GLU B 490 -45.98 13.68 34.13
N VAL B 491 -45.36 14.84 34.34
CA VAL B 491 -45.20 15.35 35.70
C VAL B 491 -46.54 15.83 36.26
N VAL B 492 -47.51 16.13 35.40
CA VAL B 492 -48.84 16.48 35.87
C VAL B 492 -49.64 15.23 36.19
N ASP B 493 -49.46 14.16 35.41
CA ASP B 493 -50.20 12.93 35.64
C ASP B 493 -49.82 12.28 36.97
N ARG B 494 -48.56 12.44 37.40
CA ARG B 494 -48.14 11.85 38.66
C ARG B 494 -48.49 12.72 39.85
N ASN B 495 -48.61 14.03 39.65
CA ASN B 495 -49.06 14.98 40.66
C ASN B 495 -50.36 15.61 40.17
N PRO B 496 -51.49 14.91 40.32
CA PRO B 496 -52.75 15.39 39.73
C PRO B 496 -53.26 16.68 40.33
N GLN B 497 -52.72 17.13 41.46
CA GLN B 497 -53.17 18.38 42.06
C GLN B 497 -52.82 19.59 41.19
N PHE B 498 -51.88 19.45 40.26
CA PHE B 498 -51.50 20.53 39.37
C PHE B 498 -52.31 20.57 38.08
N LEU B 499 -53.39 19.79 38.00
CA LEU B 499 -54.16 19.73 36.77
C LEU B 499 -54.91 21.04 36.52
N ASP B 500 -55.67 21.51 37.50
CA ASP B 500 -56.41 22.76 37.33
C ASP B 500 -55.51 23.97 37.08
N PRO B 501 -54.41 24.18 37.82
CA PRO B 501 -53.54 25.33 37.48
C PRO B 501 -52.99 25.23 36.07
N VAL B 502 -52.66 24.02 35.60
CA VAL B 502 -52.16 23.87 34.24
C VAL B 502 -53.26 24.16 33.23
N LEU B 503 -54.45 23.57 33.43
CA LEU B 503 -55.54 23.81 32.50
C LEU B 503 -55.90 25.30 32.46
N GLY B 504 -55.97 25.94 33.62
CA GLY B 504 -56.28 27.36 33.65
C GLY B 504 -55.25 28.18 32.90
N TYR B 505 -53.96 27.85 33.08
CA TYR B 505 -52.92 28.58 32.36
C TYR B 505 -53.02 28.34 30.86
N LEU B 506 -53.36 27.12 30.45
CA LEU B 506 -53.50 26.84 29.03
C LEU B 506 -54.78 27.43 28.45
N MET B 507 -55.80 27.63 29.28
CA MET B 507 -57.04 28.25 28.80
C MET B 507 -56.78 29.69 28.37
N LYS B 508 -55.95 30.42 29.13
CA LYS B 508 -55.66 31.81 28.79
C LYS B 508 -54.95 31.92 27.44
N GLY B 509 -53.95 31.06 27.21
CA GLY B 509 -53.27 31.05 25.92
C GLY B 509 -54.18 30.63 24.78
N LEU B 510 -55.18 29.81 25.08
CA LEU B 510 -56.16 29.44 24.06
C LEU B 510 -57.00 30.64 23.64
N CYS B 511 -57.21 31.59 24.55
CA CYS B 511 -57.99 32.78 24.28
C CYS B 511 -57.14 33.94 23.78
N GLU B 512 -55.89 33.69 23.43
CA GLU B 512 -55.01 34.69 22.82
C GLU B 512 -54.66 34.24 21.41
N LYS B 513 -54.47 35.23 20.51
CA LYS B 513 -54.34 34.90 19.09
C LYS B 513 -53.04 34.17 18.77
N PRO B 514 -51.85 34.74 19.02
CA PRO B 514 -50.62 34.05 18.60
C PRO B 514 -50.26 32.85 19.47
N LEU B 515 -50.94 32.66 20.61
CA LEU B 515 -50.69 31.54 21.50
C LEU B 515 -51.74 30.44 21.36
N ALA B 516 -52.69 30.59 20.44
CA ALA B 516 -53.80 29.65 20.35
C ALA B 516 -53.34 28.26 19.90
N SER B 517 -52.49 28.21 18.87
CA SER B 517 -52.06 26.92 18.34
C SER B 517 -51.22 26.15 19.35
N ALA B 518 -50.25 26.83 19.97
CA ALA B 518 -49.41 26.17 20.97
C ALA B 518 -50.21 25.71 22.17
N ALA B 519 -51.23 26.49 22.56
CA ALA B 519 -52.05 26.12 23.70
C ALA B 519 -52.94 24.93 23.36
N ALA B 520 -53.46 24.87 22.13
CA ALA B 520 -54.26 23.72 21.74
C ALA B 520 -53.42 22.46 21.65
N LYS B 521 -52.17 22.59 21.19
CA LYS B 521 -51.27 21.45 21.16
C LYS B 521 -50.94 20.98 22.58
N ALA B 522 -50.67 21.91 23.49
CA ALA B 522 -50.35 21.55 24.86
C ALA B 522 -51.55 20.92 25.56
N ILE B 523 -52.75 21.46 25.33
CA ILE B 523 -53.96 20.88 25.91
C ILE B 523 -54.16 19.46 25.41
N HIS B 524 -53.86 19.22 24.13
CA HIS B 524 -53.98 17.88 23.58
C HIS B 524 -53.06 16.89 24.29
N ASN B 525 -51.82 17.31 24.57
CA ASN B 525 -50.87 16.43 25.25
C ASN B 525 -51.35 16.09 26.66
N ILE B 526 -51.90 17.08 27.38
CA ILE B 526 -52.42 16.83 28.72
C ILE B 526 -53.62 15.89 28.66
N CYS B 527 -54.42 15.97 27.59
CA CYS B 527 -55.60 15.12 27.49
C CYS B 527 -55.23 13.65 27.31
N SER B 528 -54.25 13.36 26.45
CA SER B 528 -53.90 11.97 26.17
C SER B 528 -53.23 11.30 27.36
N VAL B 529 -52.45 12.06 28.14
CA VAL B 529 -51.70 11.47 29.25
C VAL B 529 -52.58 11.32 30.48
N CYS B 530 -53.32 12.37 30.84
CA CYS B 530 -54.09 12.41 32.08
C CYS B 530 -55.56 12.06 31.87
N ARG B 531 -55.87 11.28 30.83
CA ARG B 531 -57.26 11.01 30.50
C ARG B 531 -58.01 10.28 31.61
N ASP B 532 -57.29 9.67 32.56
CA ASP B 532 -57.93 8.99 33.67
C ASP B 532 -58.69 9.97 34.55
N HIS B 533 -57.98 10.74 35.37
CA HIS B 533 -58.61 11.73 36.25
C HIS B 533 -58.78 13.07 35.53
N MET B 534 -59.55 13.03 34.44
CA MET B 534 -59.95 14.23 33.72
C MET B 534 -61.44 14.27 33.44
N ALA B 535 -62.24 13.41 34.07
CA ALA B 535 -63.67 13.41 33.84
C ALA B 535 -64.32 14.69 34.36
N GLN B 536 -63.71 15.32 35.37
CA GLN B 536 -64.24 16.58 35.88
C GLN B 536 -64.09 17.70 34.87
N HIS B 537 -62.90 17.83 34.28
CA HIS B 537 -62.63 18.88 33.31
C HIS B 537 -63.19 18.57 31.92
N PHE B 538 -63.92 17.45 31.78
CA PHE B 538 -64.46 17.11 30.47
C PHE B 538 -65.53 18.10 30.02
N ASN B 539 -66.34 18.59 30.95
CA ASN B 539 -67.38 19.56 30.58
C ASN B 539 -66.78 20.81 29.98
N GLY B 540 -65.65 21.28 30.53
CA GLY B 540 -64.98 22.43 29.95
C GLY B 540 -64.43 22.14 28.57
N LEU B 541 -63.93 20.93 28.36
CA LEU B 541 -63.44 20.55 27.04
C LEU B 541 -64.58 20.52 26.02
N LEU B 542 -65.74 20.02 26.42
CA LEU B 542 -66.89 19.98 25.52
C LEU B 542 -67.33 21.39 25.13
N GLU B 543 -67.31 22.32 26.09
CA GLU B 543 -67.69 23.70 25.79
C GLU B 543 -66.78 24.31 24.75
N ILE B 544 -65.48 23.99 24.80
CA ILE B 544 -64.57 24.46 23.77
C ILE B 544 -64.81 23.73 22.46
N ALA B 545 -65.21 22.45 22.53
CA ALA B 545 -65.44 21.67 21.31
C ALA B 545 -66.63 22.19 20.54
N ARG B 546 -67.67 22.63 21.25
CA ARG B 546 -68.85 23.21 20.60
C ARG B 546 -68.47 24.49 19.87
N SER B 547 -68.20 25.55 20.62
CA SER B 547 -67.82 26.83 20.05
C SER B 547 -66.36 26.83 19.62
N LEU B 548 -65.97 25.78 18.88
CA LEU B 548 -64.58 25.63 18.48
C LEU B 548 -64.21 26.60 17.36
N ASP B 549 -65.13 26.84 16.42
CA ASP B 549 -64.81 27.64 15.25
C ASP B 549 -64.54 29.10 15.58
N SER B 550 -65.00 29.59 16.74
CA SER B 550 -64.77 30.98 17.14
C SER B 550 -63.67 31.03 18.19
N PHE B 551 -62.44 30.74 17.74
CA PHE B 551 -61.30 30.73 18.64
C PHE B 551 -59.98 31.12 17.99
N LEU B 552 -59.96 31.50 16.71
CA LEU B 552 -58.72 31.88 16.02
C LEU B 552 -57.71 30.73 16.02
N LEU B 553 -58.23 29.51 15.90
CA LEU B 553 -57.39 28.31 15.90
C LEU B 553 -57.05 27.90 14.47
N SER B 554 -55.80 27.46 14.28
CA SER B 554 -55.41 26.86 13.02
C SER B 554 -56.15 25.55 12.82
N PRO B 555 -56.25 25.07 11.57
CA PRO B 555 -56.90 23.78 11.34
C PRO B 555 -56.29 22.65 12.15
N GLU B 556 -54.95 22.61 12.27
CA GLU B 556 -54.32 21.58 13.07
C GLU B 556 -54.65 21.72 14.55
N ALA B 557 -54.63 22.95 15.06
CA ALA B 557 -54.90 23.17 16.48
C ALA B 557 -56.34 22.79 16.84
N ALA B 558 -57.29 23.08 15.95
CA ALA B 558 -58.67 22.72 16.22
C ALA B 558 -58.86 21.21 16.19
N VAL B 559 -58.24 20.52 15.22
CA VAL B 559 -58.35 19.08 15.14
C VAL B 559 -57.67 18.43 16.34
N GLY B 560 -56.45 18.87 16.67
CA GLY B 560 -55.78 18.35 17.85
C GLY B 560 -56.55 18.60 19.13
N LEU B 561 -57.27 19.73 19.19
CA LEU B 561 -58.12 20.00 20.34
C LEU B 561 -59.30 19.03 20.39
N LEU B 562 -59.83 18.67 19.22
CA LEU B 562 -60.90 17.68 19.19
C LEU B 562 -60.38 16.29 19.53
N LYS B 563 -59.17 15.97 19.06
CA LYS B 563 -58.56 14.68 19.38
C LYS B 563 -58.43 14.50 20.90
N GLY B 564 -57.99 15.55 21.59
CA GLY B 564 -57.88 15.47 23.04
C GLY B 564 -59.23 15.26 23.71
N THR B 565 -60.26 15.94 23.22
CA THR B 565 -61.60 15.77 23.79
C THR B 565 -62.15 14.38 23.49
N ALA B 566 -61.81 13.80 22.32
CA ALA B 566 -62.27 12.46 22.01
C ALA B 566 -61.60 11.41 22.87
N LEU B 567 -60.33 11.63 23.26
CA LEU B 567 -59.63 10.65 24.07
C LEU B 567 -60.19 10.58 25.49
N VAL B 568 -60.45 11.74 26.10
CA VAL B 568 -61.00 11.75 27.45
C VAL B 568 -62.44 11.27 27.44
N LEU B 569 -63.14 11.43 26.32
CA LEU B 569 -64.53 10.99 26.24
C LEU B 569 -64.65 9.47 26.28
N ALA B 570 -63.70 8.77 25.65
CA ALA B 570 -63.78 7.32 25.53
C ALA B 570 -63.66 6.60 26.87
N ARG B 571 -63.10 7.25 27.89
CA ARG B 571 -62.99 6.65 29.22
C ARG B 571 -64.24 6.83 30.07
N LEU B 572 -65.20 7.64 29.63
CA LEU B 572 -66.41 7.90 30.39
C LEU B 572 -67.35 6.70 30.34
N PRO B 573 -68.36 6.67 31.20
CA PRO B 573 -69.36 5.59 31.13
C PRO B 573 -70.04 5.55 29.76
N LEU B 574 -70.54 4.37 29.42
CA LEU B 574 -71.07 4.14 28.08
C LEU B 574 -72.28 5.03 27.78
N ASP B 575 -73.04 5.41 28.80
CA ASP B 575 -74.20 6.28 28.58
C ASP B 575 -73.76 7.69 28.21
N LYS B 576 -72.83 8.25 28.97
CA LYS B 576 -72.39 9.63 28.73
C LYS B 576 -71.63 9.77 27.42
N ILE B 577 -71.06 8.68 26.90
CA ILE B 577 -70.28 8.77 25.66
C ILE B 577 -71.20 9.06 24.47
N THR B 578 -72.24 8.25 24.30
CA THR B 578 -73.15 8.45 23.17
C THR B 578 -73.97 9.73 23.33
N GLU B 579 -74.18 10.19 24.56
CA GLU B 579 -74.90 11.44 24.76
C GLU B 579 -74.08 12.63 24.30
N CYS B 580 -72.83 12.74 24.77
CA CYS B 580 -71.98 13.86 24.39
C CYS B 580 -71.49 13.77 22.96
N LEU B 581 -71.44 12.56 22.39
CA LEU B 581 -70.90 12.40 21.05
C LEU B 581 -71.82 13.02 20.00
N SER B 582 -73.14 12.85 20.16
CA SER B 582 -74.08 13.44 19.22
C SER B 582 -74.06 14.95 19.30
N GLU B 583 -73.80 15.52 20.49
CA GLU B 583 -73.67 16.97 20.61
C GLU B 583 -72.43 17.46 19.89
N LEU B 584 -71.28 16.82 20.14
CA LEU B 584 -70.02 17.25 19.53
C LEU B 584 -70.04 17.09 18.02
N CYS B 585 -70.78 16.10 17.50
CA CYS B 585 -70.85 15.91 16.06
C CYS B 585 -71.88 16.81 15.40
N SER B 586 -72.95 17.17 16.11
CA SER B 586 -74.01 17.96 15.50
C SER B 586 -73.50 19.34 15.09
N VAL B 587 -72.61 19.93 15.88
CA VAL B 587 -72.07 21.25 15.55
C VAL B 587 -71.27 21.20 14.26
N GLN B 588 -70.73 20.03 13.89
CA GLN B 588 -70.12 19.85 12.58
C GLN B 588 -71.13 19.43 11.52
N VAL B 589 -72.23 18.79 11.92
CA VAL B 589 -73.25 18.39 10.95
C VAL B 589 -74.06 19.60 10.51
N MET B 590 -74.47 20.44 11.45
CA MET B 590 -75.26 21.62 11.10
C MET B 590 -74.50 22.53 10.15
N ALA B 591 -73.19 22.71 10.38
CA ALA B 591 -72.40 23.53 9.49
C ALA B 591 -72.33 22.95 8.08
N LEU B 592 -72.33 21.61 7.97
CA LEU B 592 -72.32 20.99 6.65
C LEU B 592 -73.63 21.19 5.91
N LYS B 593 -74.75 21.24 6.63
CA LYS B 593 -76.03 21.53 5.99
C LYS B 593 -76.11 22.97 5.51
N LYS B 594 -75.46 23.90 6.22
CA LYS B 594 -75.46 25.30 5.80
C LYS B 594 -74.73 25.50 4.49
N LEU B 595 -73.65 24.74 4.27
CA LEU B 595 -72.86 24.89 3.05
C LEU B 595 -73.64 24.49 1.80
N LEU B 596 -74.75 23.78 1.95
CA LEU B 596 -75.60 23.39 0.83
C LEU B 596 -76.64 24.46 0.48
N SER B 597 -76.39 25.71 0.89
CA SER B 597 -77.32 26.81 0.63
C SER B 597 -76.56 28.14 0.58
N GLN B 598 -75.53 28.20 -0.25
CA GLN B 598 -74.72 29.41 -0.36
C GLN B 598 -74.95 30.11 -1.69
N SER B 605 -66.33 31.36 1.34
CA SER B 605 -66.76 30.35 0.38
C SER B 605 -67.17 29.06 1.10
N SER B 606 -67.89 28.19 0.39
CA SER B 606 -68.36 26.92 0.95
C SER B 606 -67.27 25.88 0.73
N ASP B 607 -66.51 25.59 1.78
CA ASP B 607 -65.47 24.57 1.75
C ASP B 607 -65.70 23.61 2.92
N PRO B 608 -66.29 22.45 2.67
CA PRO B 608 -66.60 21.52 3.77
C PRO B 608 -65.40 20.74 4.30
N THR B 609 -64.19 21.01 3.78
CA THR B 609 -63.02 20.24 4.19
C THR B 609 -62.81 20.32 5.70
N VAL B 610 -63.01 21.50 6.29
CA VAL B 610 -62.73 21.68 7.71
C VAL B 610 -63.64 20.80 8.56
N PHE B 611 -64.93 20.76 8.22
CA PHE B 611 -65.87 19.99 9.04
C PHE B 611 -65.81 18.50 8.76
N LEU B 612 -65.38 18.11 7.55
CA LEU B 612 -65.15 16.69 7.29
C LEU B 612 -63.96 16.18 8.09
N ASP B 613 -62.88 16.96 8.17
CA ASP B 613 -61.72 16.56 8.95
C ASP B 613 -62.02 16.58 10.45
N ARG B 614 -62.89 17.48 10.89
CA ARG B 614 -63.24 17.52 12.32
C ARG B 614 -64.08 16.33 12.72
N LEU B 615 -65.03 15.93 11.87
CA LEU B 615 -65.76 14.70 12.14
C LEU B 615 -64.86 13.49 12.08
N ALA B 616 -63.83 13.54 11.22
CA ALA B 616 -62.92 12.40 11.07
C ALA B 616 -62.16 12.13 12.36
N VAL B 617 -61.53 13.17 12.92
CA VAL B 617 -60.72 12.97 14.12
C VAL B 617 -61.57 12.57 15.31
N ILE B 618 -62.87 12.91 15.31
CA ILE B 618 -63.73 12.49 16.41
C ILE B 618 -63.96 10.99 16.36
N PHE B 619 -64.25 10.46 15.18
CA PHE B 619 -64.43 9.01 15.03
C PHE B 619 -63.12 8.27 15.20
N ARG B 620 -61.99 8.91 14.83
CA ARG B 620 -60.71 8.23 14.84
C ARG B 620 -60.25 7.91 16.26
N HIS B 621 -60.52 8.80 17.22
CA HIS B 621 -59.98 8.65 18.57
C HIS B 621 -61.08 8.43 19.62
N THR B 622 -62.26 8.01 19.20
CA THR B 622 -63.34 7.67 20.13
C THR B 622 -63.46 6.14 20.13
N ASN B 623 -62.60 5.50 20.92
CA ASN B 623 -62.52 4.03 20.99
C ASN B 623 -62.78 3.59 22.42
N PRO B 624 -64.05 3.47 22.81
CA PRO B 624 -64.37 3.04 24.17
C PRO B 624 -64.33 1.54 24.32
N ILE B 625 -64.19 1.10 25.57
CA ILE B 625 -64.15 -0.32 25.91
C ILE B 625 -65.60 -0.81 25.94
N VAL B 626 -66.03 -1.45 24.86
CA VAL B 626 -67.38 -2.00 24.75
C VAL B 626 -67.32 -3.49 25.07
N GLU B 627 -68.03 -3.89 26.13
CA GLU B 627 -68.01 -5.27 26.62
C GLU B 627 -69.44 -5.72 26.87
N ASN B 628 -69.57 -7.00 27.27
CA ASN B 628 -70.85 -7.60 27.67
C ASN B 628 -71.89 -7.59 26.56
N GLY B 629 -71.46 -7.38 25.32
CA GLY B 629 -72.40 -7.31 24.21
C GLY B 629 -73.24 -6.05 24.22
N GLN B 630 -72.65 -4.93 24.62
CA GLN B 630 -73.36 -3.67 24.64
C GLN B 630 -73.37 -3.02 23.26
N THR B 631 -74.27 -2.07 23.07
CA THR B 631 -74.33 -1.32 21.82
C THR B 631 -73.21 -0.29 21.78
N HIS B 632 -72.61 -0.14 20.61
CA HIS B 632 -71.49 0.79 20.48
C HIS B 632 -72.01 2.23 20.48
N PRO B 633 -71.43 3.12 21.29
CA PRO B 633 -71.97 4.49 21.37
C PRO B 633 -71.84 5.26 20.06
N CYS B 634 -70.88 4.91 19.22
CA CYS B 634 -70.67 5.63 17.97
C CYS B 634 -71.54 5.11 16.83
N GLN B 635 -72.09 3.89 16.96
CA GLN B 635 -72.92 3.34 15.89
C GLN B 635 -74.16 4.19 15.67
N LYS B 636 -74.81 4.63 16.75
CA LYS B 636 -75.99 5.48 16.62
C LYS B 636 -75.66 6.79 15.93
N VAL B 637 -74.47 7.34 16.22
CA VAL B 637 -74.08 8.62 15.64
C VAL B 637 -73.76 8.50 14.16
N ILE B 638 -73.31 7.32 13.72
CA ILE B 638 -72.94 7.14 12.32
C ILE B 638 -74.15 7.27 11.42
N GLN B 639 -75.30 6.74 11.84
CA GLN B 639 -76.51 6.85 11.02
C GLN B 639 -77.06 8.27 11.02
N GLU B 640 -76.88 9.02 12.11
CA GLU B 640 -77.28 10.42 12.10
C GLU B 640 -76.38 11.25 11.21
N ILE B 641 -75.10 10.90 11.14
CA ILE B 641 -74.13 11.65 10.35
C ILE B 641 -74.18 11.27 8.88
N TRP B 642 -74.66 10.07 8.55
CA TRP B 642 -74.58 9.56 7.19
C TRP B 642 -75.32 10.42 6.16
N PRO B 643 -76.59 10.83 6.38
CA PRO B 643 -77.30 11.53 5.29
C PRO B 643 -76.64 12.81 4.83
N VAL B 644 -76.16 13.63 5.76
CA VAL B 644 -75.50 14.88 5.36
C VAL B 644 -74.16 14.59 4.69
N LEU B 645 -73.48 13.52 5.10
CA LEU B 645 -72.23 13.14 4.45
C LEU B 645 -72.48 12.72 3.00
N SER B 646 -73.49 11.88 2.78
CA SER B 646 -73.81 11.45 1.43
C SER B 646 -74.25 12.64 0.57
N GLU B 647 -74.93 13.62 1.16
CA GLU B 647 -75.33 14.81 0.41
C GLU B 647 -74.11 15.67 0.08
N THR B 648 -73.18 15.82 1.02
CA THR B 648 -71.98 16.59 0.76
C THR B 648 -71.10 15.91 -0.28
N LEU B 649 -71.02 14.57 -0.24
CA LEU B 649 -70.17 13.85 -1.17
C LEU B 649 -70.70 13.94 -2.60
N ASN B 650 -72.03 13.91 -2.76
CA ASN B 650 -72.61 13.93 -4.09
C ASN B 650 -72.54 15.32 -4.73
N LYS B 651 -72.56 16.38 -3.93
CA LYS B 651 -72.46 17.73 -4.48
C LYS B 651 -71.05 17.99 -5.03
N HIS B 652 -70.03 17.77 -4.19
CA HIS B 652 -68.65 17.99 -4.59
C HIS B 652 -68.01 16.77 -5.23
N ARG B 653 -68.81 15.94 -5.91
CA ARG B 653 -68.30 14.69 -6.49
C ARG B 653 -67.23 14.93 -7.55
N ALA B 654 -67.12 16.15 -8.09
CA ALA B 654 -66.14 16.43 -9.12
C ALA B 654 -64.79 16.89 -8.56
N ASP B 655 -64.75 17.33 -7.31
CA ASP B 655 -63.51 17.83 -6.70
C ASP B 655 -62.80 16.67 -6.02
N ASN B 656 -61.63 16.29 -6.55
CA ASN B 656 -60.88 15.17 -5.99
C ASN B 656 -60.44 15.46 -4.56
N ARG B 657 -60.15 16.73 -4.23
CA ARG B 657 -59.70 17.06 -2.90
C ARG B 657 -60.81 16.88 -1.86
N ILE B 658 -62.01 17.34 -2.17
CA ILE B 658 -63.12 17.25 -1.21
C ILE B 658 -63.60 15.81 -1.10
N VAL B 659 -63.61 15.08 -2.22
CA VAL B 659 -63.98 13.66 -2.17
C VAL B 659 -62.95 12.89 -1.35
N GLU B 660 -61.68 13.27 -1.45
CA GLU B 660 -60.64 12.59 -0.67
C GLU B 660 -60.88 12.76 0.83
N ARG B 661 -61.26 13.97 1.26
CA ARG B 661 -61.54 14.20 2.67
C ARG B 661 -62.89 13.60 3.08
N CYS B 662 -63.80 13.43 2.13
CA CYS B 662 -65.07 12.77 2.43
C CYS B 662 -64.85 11.30 2.75
N CYS B 663 -64.13 10.60 1.88
CA CYS B 663 -63.84 9.19 2.12
C CYS B 663 -62.96 9.00 3.35
N ARG B 664 -62.09 9.97 3.64
CA ARG B 664 -61.27 9.89 4.85
C ARG B 664 -62.14 9.90 6.10
N CYS B 665 -63.19 10.73 6.11
CA CYS B 665 -64.12 10.72 7.24
C CYS B 665 -64.91 9.43 7.29
N LEU B 666 -65.35 8.93 6.13
CA LEU B 666 -66.05 7.66 6.09
C LEU B 666 -65.13 6.52 6.50
N ARG B 667 -63.84 6.63 6.21
CA ARG B 667 -62.87 5.61 6.62
C ARG B 667 -62.88 5.42 8.12
N PHE B 668 -62.63 6.50 8.87
CA PHE B 668 -62.56 6.39 10.32
C PHE B 668 -63.93 6.12 10.93
N ALA B 669 -65.01 6.45 10.23
CA ALA B 669 -66.34 6.10 10.72
C ALA B 669 -66.54 4.59 10.72
N VAL B 670 -66.14 3.92 9.64
CA VAL B 670 -66.27 2.47 9.57
C VAL B 670 -65.28 1.80 10.52
N ARG B 671 -64.04 2.31 10.56
CA ARG B 671 -63.03 1.74 11.46
C ARG B 671 -63.48 1.79 12.91
N CYS B 672 -64.10 2.90 13.31
CA CYS B 672 -64.48 3.09 14.70
C CYS B 672 -65.57 2.11 15.13
N VAL B 673 -66.57 1.89 14.27
CA VAL B 673 -67.69 1.04 14.65
C VAL B 673 -67.37 -0.43 14.39
N GLY B 674 -66.65 -0.73 13.32
CA GLY B 674 -66.32 -2.10 13.02
C GLY B 674 -67.43 -2.83 12.28
N LYS B 675 -67.73 -4.07 12.70
CA LYS B 675 -68.78 -4.85 12.07
C LYS B 675 -70.16 -4.23 12.28
N GLY B 676 -70.30 -3.34 13.26
CA GLY B 676 -71.52 -2.59 13.41
C GLY B 676 -71.73 -1.63 12.25
N SER B 677 -72.87 -0.94 12.28
CA SER B 677 -73.26 -0.01 11.22
C SER B 677 -73.31 -0.70 9.87
N ALA B 678 -73.75 -1.96 9.86
CA ALA B 678 -73.89 -2.71 8.61
C ALA B 678 -75.01 -2.19 7.73
N ALA B 679 -75.89 -1.33 8.26
CA ALA B 679 -76.95 -0.76 7.45
C ALA B 679 -76.40 0.13 6.34
N LEU B 680 -75.30 0.83 6.60
CA LEU B 680 -74.70 1.73 5.61
C LEU B 680 -74.01 1.00 4.47
N LEU B 681 -73.95 -0.34 4.49
CA LEU B 681 -73.26 -1.06 3.43
C LEU B 681 -73.88 -0.79 2.07
N GLN B 682 -75.19 -1.05 1.94
CA GLN B 682 -75.85 -0.89 0.64
C GLN B 682 -75.86 0.55 0.14
N PRO B 683 -76.24 1.56 0.92
CA PRO B 683 -76.27 2.93 0.36
C PRO B 683 -74.90 3.49 0.05
N LEU B 684 -73.87 3.14 0.84
CA LEU B 684 -72.54 3.67 0.57
C LEU B 684 -71.94 3.06 -0.68
N VAL B 685 -71.99 1.73 -0.80
CA VAL B 685 -71.43 1.05 -1.96
C VAL B 685 -72.12 1.51 -3.23
N THR B 686 -73.44 1.70 -3.17
CA THR B 686 -74.17 2.17 -4.34
C THR B 686 -73.69 3.55 -4.79
N GLN B 687 -73.52 4.46 -3.83
CA GLN B 687 -73.04 5.80 -4.17
C GLN B 687 -71.60 5.76 -4.65
N MET B 688 -70.77 4.88 -4.06
CA MET B 688 -69.38 4.76 -4.49
C MET B 688 -69.28 4.32 -5.95
N VAL B 689 -70.05 3.30 -6.32
CA VAL B 689 -70.00 2.79 -7.69
C VAL B 689 -70.52 3.84 -8.67
N ASN B 690 -71.57 4.57 -8.28
CA ASN B 690 -72.16 5.56 -9.18
C ASN B 690 -71.22 6.73 -9.41
N VAL B 691 -70.65 7.28 -8.32
CA VAL B 691 -69.76 8.43 -8.46
C VAL B 691 -68.48 8.04 -9.19
N TYR B 692 -67.98 6.83 -8.93
CA TYR B 692 -66.75 6.39 -9.58
C TYR B 692 -66.94 6.14 -11.07
N HIS B 693 -68.20 6.02 -11.53
CA HIS B 693 -68.44 5.78 -12.95
C HIS B 693 -68.13 7.01 -13.79
N VAL B 694 -68.34 8.21 -13.25
CA VAL B 694 -68.07 9.46 -13.96
C VAL B 694 -66.72 10.03 -13.58
N HIS B 695 -66.42 10.12 -12.28
CA HIS B 695 -65.15 10.64 -11.78
C HIS B 695 -64.39 9.48 -11.16
N GLN B 696 -63.25 9.11 -11.76
CA GLN B 696 -62.47 7.97 -11.30
C GLN B 696 -61.47 8.39 -10.23
N HIS B 697 -62.00 8.86 -9.11
CA HIS B 697 -61.18 9.16 -7.95
C HIS B 697 -60.71 7.85 -7.33
N SER B 698 -59.38 7.68 -7.22
CA SER B 698 -58.83 6.43 -6.74
C SER B 698 -59.16 6.17 -5.27
N CYS B 699 -59.56 7.20 -4.52
CA CYS B 699 -59.90 6.99 -3.11
C CYS B 699 -61.16 6.18 -2.93
N PHE B 700 -61.96 5.96 -3.98
CA PHE B 700 -63.07 5.03 -3.88
C PHE B 700 -62.57 3.59 -3.86
N LEU B 701 -61.50 3.30 -4.59
CA LEU B 701 -60.88 1.97 -4.52
C LEU B 701 -60.30 1.73 -3.12
N TYR B 702 -59.75 2.78 -2.50
CA TYR B 702 -59.22 2.65 -1.16
C TYR B 702 -60.34 2.50 -0.13
N LEU B 703 -61.40 3.31 -0.25
CA LEU B 703 -62.52 3.20 0.67
C LEU B 703 -63.16 1.81 0.59
N GLY B 704 -63.22 1.23 -0.62
CA GLY B 704 -63.70 -0.13 -0.75
C GLY B 704 -62.82 -1.13 -0.02
N SER B 705 -61.51 -0.88 0.01
CA SER B 705 -60.60 -1.78 0.72
C SER B 705 -60.89 -1.78 2.22
N ILE B 706 -61.29 -0.63 2.77
CA ILE B 706 -61.64 -0.57 4.19
C ILE B 706 -62.88 -1.44 4.45
N LEU B 707 -63.87 -1.35 3.56
CA LEU B 707 -65.06 -2.18 3.72
C LEU B 707 -64.73 -3.66 3.65
N VAL B 708 -63.88 -4.05 2.70
CA VAL B 708 -63.48 -5.45 2.59
C VAL B 708 -62.67 -5.87 3.81
N ASP B 709 -61.83 -4.96 4.32
CA ASP B 709 -61.03 -5.28 5.50
C ASP B 709 -61.90 -5.45 6.74
N GLU B 710 -63.05 -4.79 6.79
CA GLU B 710 -63.92 -4.81 7.96
C GLU B 710 -65.07 -5.81 7.86
N TYR B 711 -65.50 -6.17 6.66
CA TYR B 711 -66.64 -7.07 6.48
C TYR B 711 -66.29 -8.29 5.63
N GLY B 712 -65.03 -8.48 5.26
CA GLY B 712 -64.66 -9.55 4.36
C GLY B 712 -64.79 -10.94 4.93
N MET B 713 -64.77 -11.09 6.26
CA MET B 713 -64.82 -12.40 6.88
C MET B 713 -66.24 -12.89 7.16
N GLU B 714 -67.24 -12.02 7.04
CA GLU B 714 -68.63 -12.41 7.26
C GLU B 714 -69.24 -12.87 5.93
N GLU B 715 -69.73 -14.12 5.91
CA GLU B 715 -70.17 -14.72 4.66
C GLU B 715 -71.32 -13.95 4.02
N GLY B 716 -72.16 -13.29 4.83
CA GLY B 716 -73.28 -12.54 4.30
C GLY B 716 -72.90 -11.31 3.49
N CYS B 717 -71.64 -10.88 3.56
CA CYS B 717 -71.20 -9.69 2.84
C CYS B 717 -70.26 -10.00 1.69
N ARG B 718 -69.79 -11.24 1.55
CA ARG B 718 -68.78 -11.55 0.54
C ARG B 718 -69.33 -11.40 -0.88
N GLN B 719 -70.62 -11.65 -1.09
CA GLN B 719 -71.18 -11.51 -2.43
C GLN B 719 -71.35 -10.04 -2.80
N GLY B 720 -71.86 -9.24 -1.88
CA GLY B 720 -72.02 -7.81 -2.16
C GLY B 720 -70.69 -7.11 -2.37
N LEU B 721 -69.67 -7.50 -1.61
CA LEU B 721 -68.35 -6.90 -1.77
C LEU B 721 -67.73 -7.28 -3.10
N LEU B 722 -67.92 -8.54 -3.53
CA LEU B 722 -67.38 -8.95 -4.83
C LEU B 722 -68.05 -8.20 -5.97
N ASP B 723 -69.34 -7.91 -5.84
CA ASP B 723 -70.02 -7.12 -6.86
C ASP B 723 -69.46 -5.70 -6.90
N MET B 724 -69.08 -5.15 -5.75
CA MET B 724 -68.46 -3.83 -5.72
C MET B 724 -67.11 -3.85 -6.44
N LEU B 725 -66.33 -4.91 -6.24
CA LEU B 725 -65.05 -5.04 -6.93
C LEU B 725 -65.25 -5.11 -8.43
N GLN B 726 -66.16 -5.97 -8.89
CA GLN B 726 -66.45 -6.07 -10.31
C GLN B 726 -67.00 -4.75 -10.86
N ALA B 727 -67.70 -3.99 -10.04
CA ALA B 727 -68.24 -2.71 -10.49
C ALA B 727 -67.14 -1.67 -10.62
N LEU B 728 -66.27 -1.56 -9.61
CA LEU B 728 -65.22 -0.55 -9.62
C LEU B 728 -64.12 -0.87 -10.64
N CYS B 729 -63.99 -2.13 -11.05
CA CYS B 729 -62.94 -2.50 -11.98
C CYS B 729 -63.25 -2.10 -13.42
N ILE B 730 -64.51 -1.88 -13.76
CA ILE B 730 -64.89 -1.53 -15.13
C ILE B 730 -64.31 -0.15 -15.48
N PRO B 731 -64.54 0.90 -14.69
CA PRO B 731 -63.89 2.18 -15.01
C PRO B 731 -62.39 2.17 -14.72
N THR B 732 -61.94 1.32 -13.79
CA THR B 732 -60.52 1.28 -13.45
C THR B 732 -59.69 0.73 -14.61
N PHE B 733 -60.14 -0.37 -15.21
CA PHE B 733 -59.39 -0.96 -16.31
C PHE B 733 -59.38 -0.05 -17.53
N GLN B 734 -60.52 0.60 -17.82
CA GLN B 734 -60.57 1.55 -18.92
C GLN B 734 -59.60 2.71 -18.71
N LEU B 735 -59.38 3.08 -17.44
CA LEU B 735 -58.40 4.13 -17.16
C LEU B 735 -56.97 3.65 -17.39
N LEU B 736 -56.70 2.36 -17.16
CA LEU B 736 -55.37 1.81 -17.33
C LEU B 736 -55.09 1.36 -18.75
N GLU B 737 -56.12 1.02 -19.53
CA GLU B 737 -55.92 0.61 -20.91
C GLU B 737 -55.53 1.77 -21.81
N GLN B 738 -55.69 3.01 -21.36
CA GLN B 738 -55.25 4.16 -22.12
C GLN B 738 -53.75 4.11 -22.35
N GLN B 739 -53.29 4.82 -23.37
CA GLN B 739 -51.86 4.89 -23.66
C GLN B 739 -51.13 5.55 -22.50
N ASN B 740 -50.09 4.86 -22.00
CA ASN B 740 -49.38 5.28 -20.80
C ASN B 740 -50.34 5.40 -19.62
N GLY B 741 -51.30 4.47 -19.54
CA GLY B 741 -52.30 4.54 -18.49
C GLY B 741 -51.73 4.32 -17.10
N LEU B 742 -50.77 3.40 -16.99
CA LEU B 742 -50.15 3.14 -15.69
C LEU B 742 -49.37 4.36 -15.19
N GLN B 743 -48.59 4.98 -16.06
CA GLN B 743 -47.78 6.13 -15.64
C GLN B 743 -48.65 7.34 -15.36
N ASN B 744 -49.81 7.46 -16.01
CA ASN B 744 -50.67 8.62 -15.84
C ASN B 744 -51.61 8.50 -14.65
N HIS B 745 -51.88 7.28 -14.17
CA HIS B 745 -52.78 7.05 -13.05
C HIS B 745 -52.12 6.13 -12.03
N PRO B 746 -51.04 6.58 -11.39
CA PRO B 746 -50.40 5.73 -10.38
C PRO B 746 -51.20 5.60 -9.11
N ASP B 747 -51.98 6.63 -8.74
CA ASP B 747 -52.83 6.53 -7.56
C ASP B 747 -53.94 5.50 -7.76
N THR B 748 -54.42 5.34 -8.99
CA THR B 748 -55.39 4.28 -9.27
C THR B 748 -54.77 2.91 -9.11
N VAL B 749 -53.53 2.73 -9.60
CA VAL B 749 -52.84 1.45 -9.44
C VAL B 749 -52.59 1.17 -7.96
N ASP B 750 -52.21 2.19 -7.19
CA ASP B 750 -51.96 2.03 -5.76
C ASP B 750 -53.21 1.54 -5.05
N ASP B 751 -54.30 2.30 -5.14
CA ASP B 751 -55.51 1.99 -4.39
C ASP B 751 -56.22 0.75 -4.93
N LEU B 752 -56.03 0.41 -6.21
CA LEU B 752 -56.66 -0.78 -6.75
C LEU B 752 -56.13 -2.04 -6.07
N PHE B 753 -54.81 -2.15 -5.97
CA PHE B 753 -54.21 -3.34 -5.36
C PHE B 753 -54.19 -3.28 -3.85
N ARG B 754 -54.50 -2.13 -3.25
CA ARG B 754 -54.89 -2.13 -1.84
C ARG B 754 -56.21 -2.87 -1.66
N LEU B 755 -57.17 -2.61 -2.55
CA LEU B 755 -58.44 -3.33 -2.53
C LEU B 755 -58.24 -4.80 -2.83
N ALA B 756 -57.38 -5.12 -3.79
CA ALA B 756 -57.13 -6.52 -4.12
C ALA B 756 -56.37 -7.23 -3.01
N THR B 757 -55.48 -6.53 -2.32
CA THR B 757 -54.76 -7.14 -1.20
C THR B 757 -55.70 -7.46 -0.06
N ARG B 758 -56.54 -6.50 0.34
CA ARG B 758 -57.51 -6.75 1.39
C ARG B 758 -58.48 -7.86 1.03
N PHE B 759 -58.76 -8.03 -0.27
CA PHE B 759 -59.66 -9.10 -0.69
C PHE B 759 -58.98 -10.47 -0.57
N ILE B 760 -57.71 -10.56 -0.96
CA ILE B 760 -57.04 -11.86 -0.97
C ILE B 760 -56.71 -12.34 0.43
N GLN B 761 -56.76 -11.47 1.43
CA GLN B 761 -56.45 -11.86 2.80
C GLN B 761 -57.69 -11.97 3.69
N ARG B 762 -58.83 -11.43 3.27
CA ARG B 762 -60.07 -11.56 4.01
C ARG B 762 -60.99 -12.63 3.45
N SER B 763 -61.04 -12.79 2.12
CA SER B 763 -61.85 -13.81 1.48
C SER B 763 -61.18 -14.22 0.17
N PRO B 764 -60.12 -15.04 0.24
CA PRO B 764 -59.41 -15.40 -0.99
C PRO B 764 -60.22 -16.30 -1.91
N VAL B 765 -60.98 -17.26 -1.35
CA VAL B 765 -61.74 -18.19 -2.19
C VAL B 765 -62.78 -17.43 -3.01
N THR B 766 -63.36 -16.37 -2.44
CA THR B 766 -64.33 -15.57 -3.17
C THR B 766 -63.68 -14.90 -4.38
N LEU B 767 -62.45 -14.42 -4.22
CA LEU B 767 -61.77 -13.72 -5.30
C LEU B 767 -61.18 -14.67 -6.32
N LEU B 768 -60.51 -15.73 -5.86
CA LEU B 768 -59.84 -16.65 -6.77
C LEU B 768 -60.82 -17.39 -7.67
N ARG B 769 -62.06 -17.59 -7.21
CA ARG B 769 -63.08 -18.28 -7.99
C ARG B 769 -63.98 -17.33 -8.77
N SER B 770 -63.63 -16.04 -8.84
CA SER B 770 -64.40 -15.07 -9.59
C SER B 770 -63.79 -14.85 -10.97
N GLN B 771 -64.51 -14.09 -11.79
CA GLN B 771 -64.05 -13.76 -13.14
C GLN B 771 -63.21 -12.50 -13.20
N VAL B 772 -63.40 -11.57 -12.27
CA VAL B 772 -62.65 -10.32 -12.28
C VAL B 772 -61.22 -10.50 -11.78
N VAL B 773 -60.90 -11.67 -11.21
CA VAL B 773 -59.54 -11.91 -10.76
C VAL B 773 -58.57 -12.08 -11.92
N ILE B 774 -59.08 -12.44 -13.10
CA ILE B 774 -58.24 -12.66 -14.27
C ILE B 774 -57.66 -11.34 -14.76
N PRO B 775 -58.45 -10.28 -14.96
CA PRO B 775 -57.83 -9.00 -15.32
C PRO B 775 -56.95 -8.42 -14.23
N ILE B 776 -57.30 -8.64 -12.96
CA ILE B 776 -56.46 -8.15 -11.87
C ILE B 776 -55.08 -8.77 -11.93
N LEU B 777 -55.02 -10.08 -12.20
CA LEU B 777 -53.73 -10.77 -12.28
C LEU B 777 -52.89 -10.24 -13.44
N GLN B 778 -53.52 -9.97 -14.59
CA GLN B 778 -52.78 -9.46 -15.74
C GLN B 778 -52.30 -8.04 -15.48
N TRP B 779 -53.12 -7.22 -14.83
CA TRP B 779 -52.68 -5.86 -14.50
C TRP B 779 -51.64 -5.86 -13.39
N ALA B 780 -51.69 -6.84 -12.49
CA ALA B 780 -50.67 -6.94 -11.46
C ALA B 780 -49.30 -7.21 -12.07
N ILE B 781 -49.23 -8.12 -13.03
CA ILE B 781 -47.97 -8.42 -13.70
C ILE B 781 -47.52 -7.22 -14.54
N ALA B 782 -48.47 -6.51 -15.15
CA ALA B 782 -48.12 -5.36 -15.97
C ALA B 782 -47.72 -4.15 -15.12
N SER B 783 -48.24 -4.06 -13.89
CA SER B 783 -47.96 -2.93 -13.04
C SER B 783 -46.58 -2.99 -12.38
N THR B 784 -45.88 -4.13 -12.48
CA THR B 784 -44.56 -4.22 -11.87
C THR B 784 -43.54 -3.35 -12.58
N THR B 785 -43.83 -2.91 -13.81
CA THR B 785 -42.92 -2.04 -14.54
C THR B 785 -43.08 -0.57 -14.14
N LEU B 786 -44.08 -0.23 -13.34
CA LEU B 786 -44.38 1.15 -13.01
C LEU B 786 -43.40 1.66 -11.95
N ASP B 787 -42.68 2.74 -12.28
CA ASP B 787 -41.72 3.37 -11.38
C ASP B 787 -42.46 4.35 -10.50
N HIS B 788 -42.96 3.85 -9.37
CA HIS B 788 -43.72 4.68 -8.43
C HIS B 788 -43.66 4.01 -7.06
N ARG B 789 -43.25 4.77 -6.05
CA ARG B 789 -42.98 4.19 -4.74
C ARG B 789 -44.23 3.53 -4.15
N ASP B 790 -45.33 4.29 -4.07
CA ASP B 790 -46.53 3.76 -3.43
C ASP B 790 -47.22 2.73 -4.32
N ALA B 791 -47.23 2.96 -5.63
CA ALA B 791 -47.88 2.03 -6.54
C ALA B 791 -47.15 0.69 -6.58
N ASN B 792 -45.82 0.73 -6.68
CA ASN B 792 -45.06 -0.52 -6.74
C ASN B 792 -45.15 -1.28 -5.43
N CYS B 793 -45.13 -0.57 -4.30
CA CYS B 793 -45.26 -1.22 -3.00
C CYS B 793 -46.60 -1.93 -2.86
N SER B 794 -47.66 -1.33 -3.42
CA SER B 794 -48.99 -1.93 -3.31
C SER B 794 -49.11 -3.14 -4.22
N VAL B 795 -48.55 -3.08 -5.43
CA VAL B 795 -48.66 -4.19 -6.36
C VAL B 795 -47.88 -5.40 -5.84
N MET B 796 -46.65 -5.16 -5.36
CA MET B 796 -45.83 -6.26 -4.84
C MET B 796 -46.45 -6.86 -3.59
N ARG B 797 -47.11 -6.05 -2.77
CA ARG B 797 -47.80 -6.58 -1.59
C ARG B 797 -48.94 -7.49 -1.98
N PHE B 798 -49.65 -7.16 -3.06
CA PHE B 798 -50.72 -8.02 -3.54
C PHE B 798 -50.18 -9.34 -4.08
N LEU B 799 -49.15 -9.28 -4.93
CA LEU B 799 -48.55 -10.50 -5.45
C LEU B 799 -47.99 -11.36 -4.33
N ARG B 800 -47.40 -10.74 -3.31
CA ARG B 800 -46.82 -11.50 -2.21
C ARG B 800 -47.89 -12.24 -1.42
N ASP B 801 -48.97 -11.54 -1.07
CA ASP B 801 -50.03 -12.16 -0.27
C ASP B 801 -50.89 -13.11 -1.10
N LEU B 802 -50.99 -12.87 -2.41
CA LEU B 802 -51.71 -13.78 -3.28
C LEU B 802 -51.05 -15.15 -3.31
N ILE B 803 -49.74 -15.19 -3.49
CA ILE B 803 -49.04 -16.46 -3.53
C ILE B 803 -48.98 -17.10 -2.15
N HIS B 804 -48.90 -16.27 -1.10
CA HIS B 804 -48.89 -16.79 0.26
C HIS B 804 -50.18 -17.50 0.62
N THR B 805 -51.26 -17.26 -0.14
CA THR B 805 -52.54 -17.89 0.14
C THR B 805 -52.45 -19.41 0.04
N GLY B 806 -51.59 -19.93 -0.84
CA GLY B 806 -51.45 -21.36 -1.00
C GLY B 806 -50.53 -22.00 0.02
N VAL B 807 -50.23 -21.26 1.10
CA VAL B 807 -49.31 -21.73 2.13
C VAL B 807 -49.86 -21.36 3.50
N ALA B 808 -50.51 -20.21 3.60
CA ALA B 808 -50.92 -19.68 4.89
C ALA B 808 -52.05 -20.51 5.50
N ASN B 809 -51.98 -20.68 6.82
CA ASN B 809 -53.03 -21.33 7.61
C ASN B 809 -53.33 -22.74 7.10
N ASP B 810 -52.33 -23.60 7.18
CA ASP B 810 -52.50 -24.99 6.75
C ASP B 810 -53.46 -25.75 7.65
N HIS B 811 -53.75 -25.23 8.85
CA HIS B 811 -54.69 -25.86 9.76
C HIS B 811 -56.14 -25.64 9.36
N GLU B 812 -56.42 -24.62 8.54
CA GLU B 812 -57.79 -24.27 8.20
C GLU B 812 -58.44 -25.36 7.34
N GLU B 813 -59.78 -25.35 7.34
CA GLU B 813 -60.53 -26.37 6.61
C GLU B 813 -60.38 -26.20 5.10
N ASP B 814 -60.39 -24.96 4.61
CA ASP B 814 -60.32 -24.69 3.18
C ASP B 814 -58.89 -24.59 2.67
N PHE B 815 -57.94 -25.24 3.34
CA PHE B 815 -56.54 -25.17 2.91
C PHE B 815 -56.33 -25.90 1.59
N GLU B 816 -56.94 -27.08 1.45
CA GLU B 816 -56.77 -27.84 0.21
C GLU B 816 -57.36 -27.10 -0.99
N LEU B 817 -58.45 -26.37 -0.78
CA LEU B 817 -59.02 -25.59 -1.87
C LEU B 817 -58.13 -24.41 -2.24
N ARG B 818 -57.58 -23.73 -1.24
CA ARG B 818 -56.66 -22.62 -1.51
C ARG B 818 -55.39 -23.11 -2.18
N LYS B 819 -54.86 -24.25 -1.73
CA LYS B 819 -53.68 -24.83 -2.36
C LYS B 819 -53.97 -25.16 -3.82
N GLU B 820 -55.15 -25.72 -4.10
CA GLU B 820 -55.53 -26.03 -5.47
C GLU B 820 -55.73 -24.75 -6.29
N LEU B 821 -56.40 -23.76 -5.72
CA LEU B 821 -56.66 -22.52 -6.46
C LEU B 821 -55.38 -21.77 -6.75
N ILE B 822 -54.42 -21.80 -5.82
CA ILE B 822 -53.14 -21.12 -6.06
C ILE B 822 -52.30 -21.91 -7.03
N GLY B 823 -52.46 -23.24 -7.06
CA GLY B 823 -51.78 -24.04 -8.07
C GLY B 823 -52.21 -23.70 -9.47
N GLN B 824 -53.47 -23.28 -9.64
CA GLN B 824 -53.95 -22.83 -10.95
C GLN B 824 -53.23 -21.57 -11.39
N VAL B 825 -53.02 -20.63 -10.47
CA VAL B 825 -52.32 -19.40 -10.80
C VAL B 825 -50.84 -19.68 -11.11
N MET B 826 -50.26 -20.65 -10.40
CA MET B 826 -48.85 -20.97 -10.61
C MET B 826 -48.59 -21.54 -12.00
N ASN B 827 -49.52 -22.33 -12.51
CA ASN B 827 -49.30 -22.98 -13.81
C ASN B 827 -49.44 -21.97 -14.96
N GLN B 828 -50.43 -21.09 -14.89
CA GLN B 828 -50.69 -20.17 -15.99
C GLN B 828 -49.80 -18.94 -15.94
N LEU B 829 -49.42 -18.48 -14.75
CA LEU B 829 -48.70 -17.23 -14.60
C LEU B 829 -47.34 -17.37 -13.91
N GLY B 830 -46.96 -18.57 -13.49
CA GLY B 830 -45.72 -18.71 -12.75
C GLY B 830 -44.49 -18.31 -13.54
N GLN B 831 -44.38 -18.81 -14.78
CA GLN B 831 -43.23 -18.46 -15.60
C GLN B 831 -43.25 -17.00 -16.01
N GLN B 832 -44.44 -16.46 -16.31
CA GLN B 832 -44.53 -15.06 -16.72
C GLN B 832 -44.21 -14.11 -15.56
N LEU B 833 -44.59 -14.48 -14.34
CA LEU B 833 -44.34 -13.61 -13.20
C LEU B 833 -42.86 -13.54 -12.86
N VAL B 834 -42.17 -14.68 -12.85
CA VAL B 834 -40.75 -14.70 -12.54
C VAL B 834 -39.97 -13.94 -13.59
N SER B 835 -40.40 -14.01 -14.85
CA SER B 835 -39.70 -13.30 -15.91
C SER B 835 -39.95 -11.80 -15.83
N GLN B 836 -41.17 -11.40 -15.45
CA GLN B 836 -41.47 -9.97 -15.33
C GLN B 836 -40.80 -9.37 -14.11
N LEU B 837 -40.72 -10.14 -13.01
CA LEU B 837 -40.03 -9.64 -11.82
C LEU B 837 -38.53 -9.48 -12.09
N LEU B 838 -37.93 -10.43 -12.80
CA LEU B 838 -36.53 -10.31 -13.16
C LEU B 838 -36.30 -9.16 -14.13
N HIS B 839 -37.28 -8.90 -15.02
CA HIS B 839 -37.13 -7.84 -15.99
C HIS B 839 -37.17 -6.46 -15.34
N THR B 840 -38.12 -6.24 -14.42
CA THR B 840 -38.26 -4.92 -13.80
C THR B 840 -37.12 -4.63 -12.84
N CYS B 841 -36.52 -5.66 -12.23
CA CYS B 841 -35.42 -5.43 -11.31
C CYS B 841 -34.16 -4.98 -12.04
N CYS B 842 -33.97 -5.44 -13.28
CA CYS B 842 -32.73 -5.16 -14.00
C CYS B 842 -32.83 -3.96 -14.92
N PHE B 843 -34.02 -3.54 -15.31
CA PHE B 843 -34.15 -2.51 -16.34
C PHE B 843 -35.10 -1.37 -15.96
N CYS B 844 -36.13 -1.68 -15.18
CA CYS B 844 -37.23 -0.75 -14.97
C CYS B 844 -37.23 -0.06 -13.61
N LEU B 845 -36.86 -0.75 -12.53
CA LEU B 845 -37.12 -0.17 -11.23
C LEU B 845 -35.85 0.18 -10.49
N PRO B 846 -35.86 1.26 -9.72
CA PRO B 846 -34.71 1.58 -8.86
C PRO B 846 -34.57 0.56 -7.74
N PRO B 847 -33.44 0.56 -7.04
CA PRO B 847 -33.17 -0.53 -6.07
C PRO B 847 -34.12 -0.59 -4.88
N TYR B 848 -35.02 0.39 -4.70
CA TYR B 848 -35.88 0.36 -3.52
C TYR B 848 -36.92 -0.75 -3.57
N THR B 849 -37.15 -1.33 -4.75
CA THR B 849 -38.14 -2.38 -4.89
C THR B 849 -37.58 -3.78 -4.60
N LEU B 850 -36.26 -3.91 -4.46
CA LEU B 850 -35.65 -5.23 -4.31
C LEU B 850 -36.17 -5.99 -3.11
N PRO B 851 -36.32 -5.41 -1.90
CA PRO B 851 -36.90 -6.19 -0.80
C PRO B 851 -38.33 -6.63 -1.07
N ASP B 852 -39.12 -5.81 -1.77
CA ASP B 852 -40.50 -6.20 -2.07
C ASP B 852 -40.54 -7.33 -3.10
N VAL B 853 -39.73 -7.23 -4.14
CA VAL B 853 -39.68 -8.28 -5.16
C VAL B 853 -39.14 -9.58 -4.55
N ALA B 854 -38.13 -9.47 -3.67
CA ALA B 854 -37.57 -10.66 -3.04
C ALA B 854 -38.61 -11.41 -2.22
N GLU B 855 -39.52 -10.68 -1.57
CA GLU B 855 -40.57 -11.34 -0.80
C GLU B 855 -41.54 -12.09 -1.71
N VAL B 856 -41.79 -11.57 -2.92
CA VAL B 856 -42.66 -12.28 -3.86
C VAL B 856 -41.97 -13.53 -4.37
N LEU B 857 -40.70 -13.42 -4.75
CA LEU B 857 -39.95 -14.59 -5.18
C LEU B 857 -39.84 -15.63 -4.07
N TRP B 858 -39.75 -15.18 -2.82
CA TRP B 858 -39.67 -16.10 -1.69
C TRP B 858 -40.95 -16.91 -1.55
N GLU B 859 -42.10 -16.27 -1.78
CA GLU B 859 -43.37 -16.98 -1.66
C GLU B 859 -43.53 -18.04 -2.75
N ILE B 860 -43.02 -17.75 -3.96
CA ILE B 860 -43.12 -18.73 -5.04
C ILE B 860 -42.29 -19.97 -4.69
N MET B 861 -41.16 -19.79 -4.02
CA MET B 861 -40.36 -20.94 -3.59
C MET B 861 -41.05 -21.70 -2.47
N GLN B 862 -41.89 -21.05 -1.68
CA GLN B 862 -42.62 -21.75 -0.63
C GLN B 862 -43.69 -22.67 -1.22
N VAL B 863 -44.34 -22.24 -2.30
CA VAL B 863 -45.40 -23.03 -2.90
C VAL B 863 -44.83 -24.21 -3.68
N ASP B 864 -43.83 -23.95 -4.53
CA ASP B 864 -43.25 -25.00 -5.38
C ASP B 864 -41.81 -24.59 -5.70
N ARG B 865 -40.87 -25.09 -4.89
CA ARG B 865 -39.47 -24.69 -5.05
C ARG B 865 -38.83 -25.31 -6.29
N PRO B 866 -38.91 -26.63 -6.53
CA PRO B 866 -38.24 -27.18 -7.71
C PRO B 866 -38.76 -26.61 -9.02
N THR B 867 -40.05 -26.28 -9.10
CA THR B 867 -40.58 -25.64 -10.31
C THR B 867 -40.05 -24.22 -10.45
N PHE B 868 -39.78 -23.54 -9.33
CA PHE B 868 -39.23 -22.18 -9.41
C PHE B 868 -37.84 -22.18 -10.02
N CYS B 869 -37.03 -23.20 -9.71
CA CYS B 869 -35.70 -23.30 -10.31
C CYS B 869 -35.78 -23.36 -11.82
N ARG B 870 -36.81 -24.03 -12.36
CA ARG B 870 -36.99 -24.11 -13.80
C ARG B 870 -37.45 -22.77 -14.37
N TRP B 871 -38.39 -22.10 -13.69
CA TRP B 871 -38.85 -20.79 -14.14
C TRP B 871 -37.72 -19.77 -14.10
N LEU B 872 -36.89 -19.82 -13.06
CA LEU B 872 -35.80 -18.88 -12.93
C LEU B 872 -34.70 -19.17 -13.96
N GLU B 873 -34.40 -20.45 -14.18
CA GLU B 873 -33.41 -20.82 -15.18
C GLU B 873 -33.82 -20.33 -16.57
N ASN B 874 -35.11 -20.42 -16.89
CA ASN B 874 -35.59 -19.94 -18.19
C ASN B 874 -35.46 -18.42 -18.30
N SER B 875 -35.90 -17.70 -17.27
CA SER B 875 -35.85 -16.24 -17.32
C SER B 875 -34.43 -15.73 -17.42
N LEU B 876 -33.46 -16.41 -16.80
CA LEU B 876 -32.07 -15.99 -16.89
C LEU B 876 -31.52 -16.20 -18.29
N LYS B 877 -31.82 -17.34 -18.90
CA LYS B 877 -31.34 -17.61 -20.25
C LYS B 877 -31.91 -16.62 -21.26
N GLY B 878 -33.21 -16.31 -21.13
CA GLY B 878 -33.84 -15.38 -22.04
C GLY B 878 -33.81 -13.95 -21.53
N LEU B 879 -32.64 -13.49 -21.09
CA LEU B 879 -32.47 -12.15 -20.57
C LEU B 879 -31.43 -11.41 -21.40
N PRO B 880 -31.69 -10.16 -21.80
CA PRO B 880 -30.71 -9.41 -22.59
C PRO B 880 -29.40 -9.21 -21.87
N LYS B 881 -28.43 -10.10 -22.11
CA LYS B 881 -27.10 -10.02 -21.48
C LYS B 881 -26.23 -9.00 -22.23
N GLU B 882 -26.71 -7.76 -22.25
CA GLU B 882 -26.03 -6.67 -22.94
C GLU B 882 -26.44 -5.32 -22.37
N VAL B 888 -18.94 -7.58 -21.85
CA VAL B 888 -19.36 -8.62 -20.92
C VAL B 888 -20.24 -8.03 -19.82
N THR B 889 -21.54 -7.89 -20.11
CA THR B 889 -22.45 -7.30 -19.15
C THR B 889 -22.74 -8.26 -17.99
N VAL B 890 -23.10 -9.51 -18.31
CA VAL B 890 -23.36 -10.54 -17.31
C VAL B 890 -22.65 -11.82 -17.74
N THR B 891 -21.64 -12.23 -16.99
CA THR B 891 -20.90 -13.44 -17.30
C THR B 891 -21.70 -14.68 -16.91
N HIS B 892 -21.22 -15.83 -17.37
CA HIS B 892 -21.88 -17.10 -17.05
C HIS B 892 -21.77 -17.41 -15.57
N LYS B 893 -20.62 -17.11 -14.95
CA LYS B 893 -20.48 -17.36 -13.52
C LYS B 893 -21.41 -16.47 -12.70
N GLN B 894 -21.68 -15.25 -13.17
CA GLN B 894 -22.61 -14.38 -12.47
C GLN B 894 -24.05 -14.85 -12.63
N LEU B 895 -24.39 -15.36 -13.81
CA LEU B 895 -25.70 -15.99 -13.99
C LEU B 895 -25.83 -17.24 -13.13
N THR B 896 -24.78 -18.05 -13.09
CA THR B 896 -24.82 -19.29 -12.32
C THR B 896 -24.93 -19.01 -10.83
N ASP B 897 -24.09 -18.10 -10.32
CA ASP B 897 -24.09 -17.81 -8.88
C ASP B 897 -25.42 -17.20 -8.44
N PHE B 898 -26.02 -16.36 -9.29
CA PHE B 898 -27.30 -15.76 -8.92
C PHE B 898 -28.39 -16.81 -8.77
N HIS B 899 -28.48 -17.73 -9.74
CA HIS B 899 -29.46 -18.81 -9.64
C HIS B 899 -29.17 -19.69 -8.43
N LYS B 900 -27.90 -19.88 -8.08
CA LYS B 900 -27.56 -20.68 -6.92
C LYS B 900 -27.96 -19.98 -5.63
N GLN B 901 -27.68 -18.68 -5.53
CA GLN B 901 -27.97 -17.94 -4.30
C GLN B 901 -29.46 -17.84 -4.04
N VAL B 902 -30.26 -17.71 -5.09
CA VAL B 902 -31.70 -17.56 -4.92
C VAL B 902 -32.36 -18.90 -4.60
N THR B 903 -32.06 -19.93 -5.40
CA THR B 903 -32.75 -21.21 -5.26
C THR B 903 -32.31 -21.96 -4.01
N SER B 904 -31.07 -21.74 -3.55
CA SER B 904 -30.57 -22.38 -2.34
C SER B 904 -30.61 -21.45 -1.14
N ALA B 905 -31.59 -20.54 -1.09
CA ALA B 905 -31.70 -19.59 0.01
C ALA B 905 -32.58 -20.16 1.12
N GLU B 906 -32.13 -19.99 2.36
CA GLU B 906 -32.89 -20.45 3.52
C GLU B 906 -33.73 -19.35 4.15
N GLU B 907 -33.43 -18.09 3.88
CA GLU B 907 -34.22 -16.97 4.37
C GLU B 907 -34.54 -16.03 3.22
N CYS B 908 -35.59 -15.22 3.41
CA CYS B 908 -35.98 -14.26 2.38
C CYS B 908 -34.93 -13.18 2.19
N LYS B 909 -34.13 -12.89 3.23
CA LYS B 909 -33.08 -11.88 3.09
C LYS B 909 -32.03 -12.30 2.08
N GLN B 910 -31.77 -13.59 1.95
CA GLN B 910 -30.75 -14.06 1.01
C GLN B 910 -31.16 -13.79 -0.44
N VAL B 911 -32.45 -13.94 -0.74
CA VAL B 911 -32.94 -13.61 -2.08
C VAL B 911 -32.78 -12.12 -2.35
N CYS B 912 -32.99 -11.29 -1.33
CA CYS B 912 -32.83 -9.85 -1.50
C CYS B 912 -31.37 -9.49 -1.74
N TRP B 913 -30.45 -10.08 -1.00
CA TRP B 913 -29.03 -9.82 -1.22
C TRP B 913 -28.59 -10.29 -2.60
N ALA B 914 -29.09 -11.45 -3.04
CA ALA B 914 -28.77 -11.93 -4.38
C ALA B 914 -29.30 -10.99 -5.44
N LEU B 915 -30.46 -10.39 -5.21
CA LEU B 915 -31.00 -9.42 -6.16
C LEU B 915 -30.15 -8.17 -6.22
N ARG B 916 -29.63 -7.72 -5.08
CA ARG B 916 -28.80 -6.51 -5.07
C ARG B 916 -27.55 -6.70 -5.91
N ASP B 917 -26.85 -7.82 -5.72
CA ASP B 917 -25.62 -8.07 -6.47
C ASP B 917 -25.90 -8.22 -7.96
N PHE B 918 -26.96 -8.94 -8.32
CA PHE B 918 -27.25 -9.20 -9.73
C PHE B 918 -27.77 -7.94 -10.42
N THR B 919 -28.68 -7.21 -9.78
CA THR B 919 -29.19 -5.97 -10.34
C THR B 919 -28.08 -4.93 -10.48
N ARG B 920 -27.08 -4.99 -9.60
CA ARG B 920 -25.96 -4.05 -9.66
C ARG B 920 -25.23 -4.11 -11.00
N LEU B 921 -25.28 -5.27 -11.67
CA LEU B 921 -24.56 -5.45 -12.93
C LEU B 921 -25.11 -4.59 -14.06
N PHE B 922 -26.38 -4.19 -14.00
CA PHE B 922 -27.02 -3.45 -15.07
C PHE B 922 -27.06 -1.95 -14.83
N ARG B 923 -26.61 -1.48 -13.67
CA ARG B 923 -26.64 -0.05 -13.36
C ARG B 923 -25.23 0.52 -13.21
N TYR C 40 39.73 3.25 -6.63
CA TYR C 40 39.85 2.53 -7.89
C TYR C 40 41.07 3.00 -8.66
N TYR C 41 41.35 4.30 -8.60
CA TYR C 41 42.50 4.87 -9.28
C TYR C 41 43.81 4.64 -8.55
N ARG C 42 43.76 4.13 -7.32
CA ARG C 42 44.96 3.84 -6.54
C ARG C 42 45.43 2.42 -6.84
N GLU C 43 46.66 2.30 -7.34
CA GLU C 43 47.24 1.00 -7.67
C GLU C 43 48.58 0.85 -6.99
N ARG C 44 48.75 -0.25 -6.27
CA ARG C 44 50.02 -0.58 -5.61
C ARG C 44 50.61 -1.87 -6.17
N ARG C 46 52.17 -5.71 -5.75
CA ARG C 46 51.80 -6.85 -4.90
C ARG C 46 52.96 -7.28 -4.01
N GLU C 47 52.73 -8.33 -3.23
CA GLU C 47 53.75 -8.84 -2.32
C GLU C 47 54.85 -9.56 -3.09
N ARG C 48 55.91 -9.92 -2.38
CA ARG C 48 57.07 -10.57 -2.98
C ARG C 48 57.45 -11.83 -2.22
N TYR D 40 -51.02 16.24 -1.05
CA TYR D 40 -50.90 16.56 0.37
C TYR D 40 -52.18 16.19 1.12
N TYR D 41 -53.32 16.38 0.46
CA TYR D 41 -54.62 16.05 1.05
C TYR D 41 -54.93 14.56 1.01
N ARG D 42 -54.14 13.77 0.28
CA ARG D 42 -54.35 12.33 0.18
C ARG D 42 -53.61 11.63 1.32
N GLU D 43 -54.34 10.91 2.16
CA GLU D 43 -53.76 10.19 3.28
C GLU D 43 -54.19 8.73 3.24
N ARG D 44 -53.22 7.82 3.30
CA ARG D 44 -53.48 6.40 3.35
C ARG D 44 -52.97 5.79 4.65
N ARG D 46 -50.63 3.00 6.76
CA ARG D 46 -49.30 2.43 6.58
C ARG D 46 -49.33 0.91 6.44
N GLU D 47 -48.15 0.31 6.29
CA GLU D 47 -48.05 -1.13 6.14
C GLU D 47 -48.34 -1.83 7.46
N ARG D 48 -48.43 -3.16 7.39
CA ARG D 48 -48.74 -3.97 8.57
C ARG D 48 -47.76 -5.13 8.72
#